data_5V4M
#
_entry.id   5V4M
#
_cell.length_a   67.590
_cell.length_b   79.010
_cell.length_c   95.821
_cell.angle_alpha   87.64
_cell.angle_beta   73.29
_cell.angle_gamma   89.97
#
_symmetry.space_group_name_H-M   'P 1'
#
loop_
_entity.id
_entity.type
_entity.pdbx_description
1 polymer HLA-DRA1
2 polymer alpha3(135-145)-HLA-DRB1*15:01
3 branched alpha-L-fucopyranose-(1-3)-[alpha-L-fucopyranose-(1-6)]2-acetamido-2-deoxy-beta-D-glucopyranose
4 branched 2-acetamido-2-deoxy-beta-D-glucopyranose-(1-4)-2-acetamido-2-deoxy-beta-D-glucopyranose
5 non-polymer 2-acetamido-2-deoxy-beta-D-glucopyranose
6 water water
#
loop_
_entity_poly.entity_id
_entity_poly.type
_entity_poly.pdbx_seq_one_letter_code
_entity_poly.pdbx_strand_id
1 'polypeptide(L)'
;IKEEHVIIQAEFYLNPDQSGEFMFDFDGDEIFHVDMAKKETVWRLEEFGRFASFEAQGALANIAVDKANLEIMTKRSNYT
PITNVPPEVTVLTNSPVELREPNVLICFIDKFTPPVVNVTWLRNGKPVTTGVSETVFLPREDHLFRKFHYLPFLPSTEDV
YDCRVEHWGLDEPLLKHWEFDTSGDDDDK
;
D,A,G,J
2 'polypeptide(L)'
;GWISLWKGFSFGSGGSIEGRGGSGASGDTRPRFLWQPKRECHFFNGTERVRFLDRYFYNQEESVRFDSDVGEFRAVTELG
RPDAEYWNSQKDILEQARAAVDTYCRHNYGVVESFTVQRRVQPKVTVYPSKTQPLQHHNLLVCSVSGFYPGSIEVRWFLN
GQEEKAGMVSTGLIQNGDWTFQTLVMLETVPRSGEVYTCQVEHPSVTSPLTVEWRA
;
F,C,I,L
#
loop_
_chem_comp.id
_chem_comp.type
_chem_comp.name
_chem_comp.formula
FUC L-saccharide, alpha linking alpha-L-fucopyranose 'C6 H12 O5'
NAG D-saccharide, beta linking 2-acetamido-2-deoxy-beta-D-glucopyranose 'C8 H15 N O6'
#
# COMPACT_ATOMS: atom_id res chain seq x y z
N GLU A 4 -1.05 -8.43 8.85
CA GLU A 4 -1.97 -9.56 8.68
C GLU A 4 -1.31 -10.86 9.12
N HIS A 5 -1.82 -11.45 10.20
CA HIS A 5 -1.27 -12.68 10.76
C HIS A 5 -2.40 -13.54 11.31
N VAL A 6 -2.11 -14.83 11.41
CA VAL A 6 -3.07 -15.82 11.90
C VAL A 6 -2.36 -16.73 12.90
N ILE A 7 -2.96 -16.90 14.08
CA ILE A 7 -2.50 -17.85 15.08
C ILE A 7 -3.60 -18.89 15.27
N ILE A 8 -3.25 -20.16 15.18
CA ILE A 8 -4.22 -21.24 15.25
C ILE A 8 -3.81 -22.21 16.34
N GLN A 9 -4.72 -22.45 17.29
CA GLN A 9 -4.61 -23.57 18.20
C GLN A 9 -5.31 -24.76 17.56
N ALA A 10 -4.52 -25.75 17.14
CA ALA A 10 -5.05 -26.92 16.44
C ALA A 10 -4.86 -28.15 17.30
N GLU A 11 -5.96 -28.87 17.54
CA GLU A 11 -5.94 -30.10 18.32
C GLU A 11 -6.62 -31.19 17.52
N PHE A 12 -6.39 -32.43 17.92
CA PHE A 12 -7.22 -33.51 17.40
C PHE A 12 -7.22 -34.67 18.38
N TYR A 13 -8.27 -35.47 18.29
CA TYR A 13 -8.32 -36.77 18.95
C TYR A 13 -8.88 -37.77 17.95
N LEU A 14 -8.29 -38.96 17.91
CA LEU A 14 -8.63 -39.96 16.91
C LEU A 14 -8.95 -41.28 17.57
N ASN A 15 -10.13 -41.81 17.28
CA ASN A 15 -10.51 -43.16 17.68
C ASN A 15 -10.48 -44.09 16.47
N PRO A 16 -10.20 -45.39 16.69
CA PRO A 16 -9.95 -46.05 17.97
C PRO A 16 -8.49 -45.99 18.40
N ASP A 17 -7.66 -45.30 17.63
CA ASP A 17 -6.23 -45.22 17.93
C ASP A 17 -5.96 -44.59 19.29
N GLN A 18 -6.88 -43.77 19.80
CA GLN A 18 -6.67 -43.00 21.02
C GLN A 18 -5.44 -42.12 20.92
N SER A 19 -5.30 -41.46 19.78
CA SER A 19 -4.21 -40.51 19.53
C SER A 19 -4.75 -39.09 19.67
N GLY A 20 -3.98 -38.25 20.36
CA GLY A 20 -4.33 -36.85 20.49
C GLY A 20 -3.11 -35.96 20.41
N GLU A 21 -3.25 -34.80 19.80
CA GLU A 21 -2.16 -33.84 19.70
C GLU A 21 -2.71 -32.44 19.94
N PHE A 22 -1.79 -31.53 20.26
CA PHE A 22 -2.11 -30.15 20.61
C PHE A 22 -0.93 -29.29 20.19
N MET A 23 -1.20 -28.26 19.38
CA MET A 23 -0.13 -27.43 18.85
C MET A 23 -0.67 -26.05 18.55
N PHE A 24 0.24 -25.08 18.53
CA PHE A 24 -0.03 -23.72 18.09
C PHE A 24 0.67 -23.48 16.76
N ASP A 25 -0.02 -22.83 15.84
CA ASP A 25 0.49 -22.55 14.50
C ASP A 25 0.49 -21.05 14.28
N PHE A 26 1.62 -20.52 13.82
CA PHE A 26 1.74 -19.11 13.44
C PHE A 26 2.06 -19.04 11.95
N ASP A 27 1.11 -18.52 11.17
CA ASP A 27 1.29 -18.32 9.74
C ASP A 27 1.82 -19.59 9.05
N GLY A 28 1.34 -20.74 9.50
CA GLY A 28 1.71 -22.00 8.89
C GLY A 28 2.89 -22.71 9.53
N ASP A 29 3.62 -22.05 10.42
CA ASP A 29 4.72 -22.70 11.13
C ASP A 29 4.31 -23.01 12.57
N GLU A 30 4.92 -24.05 13.13
CA GLU A 30 4.57 -24.51 14.47
C GLU A 30 5.31 -23.70 15.51
N ILE A 31 4.58 -23.15 16.48
CA ILE A 31 5.22 -22.52 17.63
C ILE A 31 5.66 -23.58 18.62
N PHE A 32 4.74 -24.44 19.04
CA PHE A 32 5.04 -25.54 19.94
C PHE A 32 3.96 -26.59 19.79
N HIS A 33 4.23 -27.77 20.33
CA HIS A 33 3.23 -28.78 20.59
C HIS A 33 3.44 -29.31 22.00
N VAL A 34 2.52 -30.15 22.46
CA VAL A 34 2.61 -30.72 23.80
C VAL A 34 2.84 -32.22 23.66
N ASP A 35 3.97 -32.68 24.19
CA ASP A 35 4.26 -34.11 24.23
C ASP A 35 3.34 -34.76 25.25
N MET A 36 2.33 -35.49 24.75
CA MET A 36 1.32 -36.06 25.64
C MET A 36 1.93 -37.06 26.61
N ALA A 37 2.91 -37.85 26.15
CA ALA A 37 3.51 -38.88 27.00
C ALA A 37 4.31 -38.26 28.13
N LYS A 38 5.14 -37.28 27.80
CA LYS A 38 6.06 -36.64 28.73
C LYS A 38 5.48 -35.43 29.44
N LYS A 39 4.22 -35.07 29.18
CA LYS A 39 3.56 -33.96 29.87
C LYS A 39 4.33 -32.67 29.64
N GLU A 40 4.82 -32.48 28.42
CA GLU A 40 5.88 -31.52 28.18
C GLU A 40 5.57 -30.63 26.99
N THR A 41 5.83 -29.34 27.15
CA THR A 41 5.74 -28.39 26.04
C THR A 41 7.02 -28.49 25.22
N VAL A 42 6.89 -28.72 23.92
CA VAL A 42 8.03 -28.85 23.03
C VAL A 42 7.97 -27.70 22.03
N TRP A 43 8.92 -26.77 22.15
CA TRP A 43 8.98 -25.63 21.24
C TRP A 43 9.66 -26.03 19.94
N ARG A 44 9.14 -25.50 18.82
CA ARG A 44 9.66 -25.90 17.52
C ARG A 44 11.10 -25.43 17.33
N LEU A 45 11.40 -24.22 17.75
CA LEU A 45 12.77 -23.73 17.86
C LEU A 45 13.09 -23.53 19.34
N GLU A 46 14.24 -24.06 19.77
CA GLU A 46 14.61 -24.01 21.18
C GLU A 46 14.57 -22.58 21.73
N GLU A 47 14.93 -21.60 20.91
CA GLU A 47 14.95 -20.21 21.37
C GLU A 47 13.57 -19.74 21.82
N PHE A 48 12.50 -20.31 21.26
CA PHE A 48 11.15 -19.86 21.62
C PHE A 48 10.88 -19.99 23.11
N GLY A 49 11.35 -21.07 23.72
CA GLY A 49 11.13 -21.29 25.14
C GLY A 49 11.83 -20.31 26.06
N ARG A 50 12.74 -19.51 25.52
CA ARG A 50 13.40 -18.45 26.28
C ARG A 50 12.65 -17.14 26.22
N PHE A 51 11.54 -17.08 25.49
CA PHE A 51 10.72 -15.88 25.39
C PHE A 51 9.29 -16.09 25.84
N ALA A 52 8.84 -17.33 26.01
CA ALA A 52 7.46 -17.60 26.38
C ALA A 52 7.38 -18.94 27.10
N SER A 53 6.21 -19.19 27.69
CA SER A 53 5.95 -20.40 28.44
C SER A 53 4.53 -20.88 28.16
N PHE A 54 4.31 -22.16 28.37
CA PHE A 54 2.98 -22.75 28.24
C PHE A 54 2.85 -23.89 29.24
N GLU A 55 1.71 -23.93 29.93
CA GLU A 55 1.41 -25.01 30.87
C GLU A 55 0.86 -26.21 30.10
N ALA A 56 1.68 -27.25 29.97
CA ALA A 56 1.29 -28.41 29.19
C ALA A 56 0.10 -29.15 29.80
N GLN A 57 -0.13 -28.98 31.10
CA GLN A 57 -1.27 -29.61 31.75
C GLN A 57 -2.58 -29.17 31.11
N GLY A 58 -2.68 -27.89 30.74
CA GLY A 58 -3.89 -27.40 30.10
C GLY A 58 -4.17 -28.13 28.79
N ALA A 59 -3.12 -28.43 28.03
CA ALA A 59 -3.31 -29.18 26.79
C ALA A 59 -3.78 -30.61 27.07
N LEU A 60 -3.22 -31.23 28.11
CA LEU A 60 -3.69 -32.56 28.49
C LEU A 60 -5.17 -32.53 28.86
N ALA A 61 -5.62 -31.45 29.48
CA ALA A 61 -7.04 -31.34 29.83
C ALA A 61 -7.91 -31.13 28.59
N ASN A 62 -7.43 -30.34 27.62
CA ASN A 62 -8.18 -30.14 26.39
C ASN A 62 -8.35 -31.45 25.62
N ILE A 63 -7.31 -32.28 25.60
CA ILE A 63 -7.39 -33.56 24.90
C ILE A 63 -8.47 -34.45 25.51
N ALA A 64 -8.59 -34.42 26.85
CA ALA A 64 -9.64 -35.20 27.51
C ALA A 64 -11.03 -34.73 27.08
N VAL A 65 -11.23 -33.42 27.01
CA VAL A 65 -12.52 -32.89 26.53
C VAL A 65 -12.74 -33.26 25.08
N ASP A 66 -11.68 -33.20 24.26
CA ASP A 66 -11.79 -33.60 22.86
C ASP A 66 -12.24 -35.05 22.75
N LYS A 67 -11.71 -35.93 23.59
CA LYS A 67 -12.10 -37.34 23.57
C LYS A 67 -13.58 -37.49 23.90
N ALA A 68 -14.04 -36.80 24.94
CA ALA A 68 -15.45 -36.90 25.33
C ALA A 68 -16.36 -36.30 24.26
N ASN A 69 -15.92 -35.21 23.62
CA ASN A 69 -16.69 -34.64 22.52
C ASN A 69 -16.73 -35.59 21.33
N LEU A 70 -15.60 -36.23 21.01
CA LEU A 70 -15.57 -37.17 19.90
C LEU A 70 -16.57 -38.30 20.09
N GLU A 71 -16.61 -38.88 21.29
CA GLU A 71 -17.50 -40.02 21.52
C GLU A 71 -18.96 -39.62 21.44
N ILE A 72 -19.29 -38.41 21.90
CA ILE A 72 -20.65 -37.91 21.71
C ILE A 72 -20.99 -37.79 20.23
N MET A 73 -20.08 -37.18 19.46
CA MET A 73 -20.37 -36.93 18.05
C MET A 73 -20.29 -38.21 17.22
N THR A 74 -19.45 -39.16 17.60
CA THR A 74 -19.42 -40.45 16.91
C THR A 74 -20.78 -41.15 17.01
N LYS A 75 -21.34 -41.19 18.22
CA LYS A 75 -22.66 -41.77 18.42
C LYS A 75 -23.73 -41.01 17.65
N ARG A 76 -23.69 -39.67 17.72
CA ARG A 76 -24.70 -38.85 17.06
C ARG A 76 -24.69 -39.04 15.55
N SER A 77 -23.52 -39.29 14.96
CA SER A 77 -23.43 -39.54 13.52
C SER A 77 -23.77 -40.96 13.14
N ASN A 78 -24.22 -41.78 14.08
CA ASN A 78 -24.47 -43.22 13.86
C ASN A 78 -23.20 -43.90 13.37
N TYR A 79 -22.07 -43.53 13.99
CA TYR A 79 -20.76 -44.15 13.72
C TYR A 79 -20.38 -44.03 12.25
N THR A 80 -20.60 -42.86 11.67
CA THR A 80 -20.10 -42.57 10.34
C THR A 80 -18.58 -42.40 10.41
N PRO A 81 -17.81 -43.15 9.64
CA PRO A 81 -16.35 -43.06 9.74
C PRO A 81 -15.79 -42.01 8.79
N ILE A 82 -14.52 -41.68 9.00
CA ILE A 82 -13.85 -40.69 8.18
C ILE A 82 -13.42 -41.32 6.86
N THR A 83 -13.47 -40.52 5.79
CA THR A 83 -12.98 -40.95 4.49
C THR A 83 -11.48 -40.73 4.44
N ASN A 84 -10.73 -41.80 4.15
CA ASN A 84 -9.29 -41.67 3.98
C ASN A 84 -8.98 -40.76 2.81
N VAL A 85 -7.97 -39.90 2.98
CA VAL A 85 -7.46 -39.07 1.91
C VAL A 85 -5.95 -39.31 1.86
N PRO A 86 -5.42 -39.88 0.77
CA PRO A 86 -4.01 -40.27 0.78
C PRO A 86 -3.13 -39.05 0.65
N PRO A 87 -1.89 -39.11 1.15
CA PRO A 87 -1.00 -37.97 1.05
C PRO A 87 -0.39 -37.85 -0.34
N GLU A 88 0.09 -36.65 -0.64
CA GLU A 88 1.06 -36.45 -1.70
C GLU A 88 2.39 -36.08 -1.07
N VAL A 89 3.47 -36.63 -1.59
CA VAL A 89 4.76 -36.62 -0.93
C VAL A 89 5.78 -35.95 -1.84
N THR A 90 6.57 -35.05 -1.29
CA THR A 90 7.62 -34.36 -2.02
C THR A 90 8.91 -34.47 -1.22
N VAL A 91 10.00 -34.81 -1.89
CA VAL A 91 11.31 -34.85 -1.27
C VAL A 91 12.15 -33.74 -1.88
N LEU A 92 12.70 -32.88 -1.02
CA LEU A 92 13.53 -31.79 -1.48
C LEU A 92 14.66 -31.59 -0.48
N THR A 93 15.59 -30.71 -0.83
CA THR A 93 16.71 -30.41 0.03
C THR A 93 16.52 -29.05 0.68
N ASN A 94 17.23 -28.86 1.80
CA ASN A 94 17.16 -27.58 2.52
C ASN A 94 17.69 -26.43 1.68
N SER A 95 18.65 -26.70 0.81
CA SER A 95 19.32 -25.67 0.03
C SER A 95 19.90 -26.31 -1.22
N PRO A 96 20.42 -25.52 -2.16
CA PRO A 96 21.12 -26.11 -3.31
C PRO A 96 22.18 -27.09 -2.85
N VAL A 97 22.23 -28.24 -3.51
CA VAL A 97 23.05 -29.35 -3.06
C VAL A 97 24.44 -29.24 -3.66
N GLU A 98 25.46 -29.29 -2.81
CA GLU A 98 26.85 -29.32 -3.23
C GLU A 98 27.51 -30.56 -2.64
N LEU A 99 28.28 -31.27 -3.48
CA LEU A 99 28.88 -32.52 -3.06
C LEU A 99 29.78 -32.34 -1.85
N ARG A 100 29.68 -33.26 -0.90
CA ARG A 100 30.50 -33.29 0.31
C ARG A 100 30.30 -32.07 1.18
N GLU A 101 29.20 -31.34 0.98
CA GLU A 101 28.82 -30.21 1.82
C GLU A 101 27.51 -30.56 2.52
N PRO A 102 27.48 -30.58 3.85
CA PRO A 102 26.28 -31.08 4.56
C PRO A 102 25.01 -30.36 4.13
N ASN A 103 23.93 -31.13 4.01
CA ASN A 103 22.63 -30.64 3.61
C ASN A 103 21.58 -31.42 4.41
N VAL A 104 20.31 -31.19 4.10
CA VAL A 104 19.22 -31.85 4.81
C VAL A 104 18.16 -32.26 3.80
N LEU A 105 17.78 -33.53 3.82
CA LEU A 105 16.66 -34.01 3.01
C LEU A 105 15.35 -33.77 3.76
N ILE A 106 14.38 -33.17 3.07
CA ILE A 106 13.07 -32.92 3.64
C ILE A 106 12.06 -33.80 2.91
N CYS A 107 11.31 -34.59 3.67
CA CYS A 107 10.18 -35.33 3.15
C CYS A 107 8.91 -34.63 3.60
N PHE A 108 8.19 -34.04 2.66
CA PHE A 108 7.00 -33.25 2.96
C PHE A 108 5.78 -34.09 2.61
N ILE A 109 4.99 -34.43 3.62
CA ILE A 109 3.82 -35.28 3.48
C ILE A 109 2.60 -34.39 3.66
N ASP A 110 1.76 -34.32 2.63
CA ASP A 110 0.78 -33.24 2.53
C ASP A 110 -0.58 -33.76 2.09
N LYS A 111 -1.62 -33.07 2.56
CA LYS A 111 -3.01 -33.24 2.10
C LYS A 111 -3.55 -34.64 2.42
N PHE A 112 -3.49 -35.02 3.69
CA PHE A 112 -3.94 -36.35 4.08
C PHE A 112 -4.74 -36.30 5.39
N THR A 113 -5.56 -37.33 5.58
CA THR A 113 -6.31 -37.57 6.81
C THR A 113 -6.81 -39.01 6.74
N PRO A 114 -6.96 -39.70 7.90
CA PRO A 114 -6.68 -39.29 9.28
C PRO A 114 -5.19 -39.09 9.53
N PRO A 115 -4.82 -38.43 10.68
CA PRO A 115 -3.39 -38.16 10.95
C PRO A 115 -2.66 -39.38 11.50
N VAL A 116 -2.54 -40.42 10.66
CA VAL A 116 -1.77 -41.61 10.98
C VAL A 116 -0.95 -41.97 9.74
N VAL A 117 0.37 -42.04 9.89
CA VAL A 117 1.25 -42.29 8.77
C VAL A 117 2.49 -43.02 9.27
N ASN A 118 3.04 -43.88 8.41
CA ASN A 118 4.32 -44.52 8.65
C ASN A 118 5.32 -43.98 7.64
N VAL A 119 6.44 -43.45 8.14
CA VAL A 119 7.43 -42.79 7.29
C VAL A 119 8.79 -43.41 7.60
N THR A 120 9.50 -43.81 6.55
CA THR A 120 10.86 -44.33 6.69
C THR A 120 11.76 -43.70 5.64
N TRP A 121 12.93 -43.24 6.06
CA TRP A 121 13.97 -42.84 5.14
C TRP A 121 14.74 -44.08 4.69
N LEU A 122 15.05 -44.13 3.40
CA LEU A 122 15.85 -45.22 2.83
C LEU A 122 17.08 -44.63 2.15
N ARG A 123 18.25 -45.17 2.47
CA ARG A 123 19.47 -44.88 1.75
C ARG A 123 19.91 -46.13 1.03
N ASN A 124 19.94 -46.06 -0.31
CA ASN A 124 20.28 -47.22 -1.15
C ASN A 124 19.40 -48.42 -0.81
N GLY A 125 18.14 -48.15 -0.51
CA GLY A 125 17.19 -49.20 -0.19
C GLY A 125 17.16 -49.63 1.26
N LYS A 126 18.06 -49.09 2.11
CA LYS A 126 18.18 -49.51 3.49
C LYS A 126 17.61 -48.46 4.44
N PRO A 127 16.83 -48.87 5.44
CA PRO A 127 16.22 -47.89 6.35
C PRO A 127 17.28 -47.15 7.16
N VAL A 128 17.07 -45.84 7.31
CA VAL A 128 17.96 -44.97 8.06
C VAL A 128 17.20 -44.38 9.24
N THR A 129 17.83 -44.36 10.41
CA THR A 129 17.24 -43.73 11.59
C THR A 129 18.18 -42.78 12.32
N THR A 130 19.39 -42.57 11.82
CA THR A 130 20.39 -41.77 12.52
C THR A 130 20.23 -40.31 12.16
N GLY A 131 20.04 -39.46 13.17
CA GLY A 131 19.88 -38.04 12.98
C GLY A 131 18.56 -37.59 12.42
N VAL A 132 17.65 -38.52 12.10
CA VAL A 132 16.37 -38.15 11.51
C VAL A 132 15.51 -37.45 12.55
N SER A 133 14.62 -36.58 12.08
CA SER A 133 13.67 -35.92 12.96
C SER A 133 12.36 -35.74 12.19
N GLU A 134 11.33 -35.31 12.91
CA GLU A 134 10.01 -35.16 12.33
C GLU A 134 9.23 -34.11 13.11
N THR A 135 8.19 -33.59 12.46
CA THR A 135 7.23 -32.72 13.13
C THR A 135 5.98 -33.52 13.49
N VAL A 136 5.10 -32.89 14.27
CA VAL A 136 3.80 -33.47 14.56
C VAL A 136 2.90 -33.19 13.36
N PHE A 137 1.62 -33.56 13.48
CA PHE A 137 0.67 -33.38 12.39
C PHE A 137 0.20 -31.94 12.37
N LEU A 138 0.57 -31.21 11.31
CA LEU A 138 0.33 -29.78 11.18
C LEU A 138 -0.99 -29.53 10.45
N PRO A 139 -1.68 -28.44 10.76
CA PRO A 139 -2.99 -28.19 10.17
C PRO A 139 -2.89 -27.55 8.79
N ARG A 140 -3.98 -27.68 8.04
CA ARG A 140 -4.15 -27.04 6.75
C ARG A 140 -5.49 -26.31 6.74
N GLU A 141 -5.62 -25.36 5.81
CA GLU A 141 -6.86 -24.62 5.68
C GLU A 141 -8.02 -25.49 5.23
N ASP A 142 -7.74 -26.57 4.49
CA ASP A 142 -8.78 -27.51 4.10
C ASP A 142 -8.96 -28.64 5.12
N HIS A 143 -8.29 -28.53 6.27
CA HIS A 143 -8.47 -29.40 7.43
C HIS A 143 -7.91 -30.80 7.22
N LEU A 144 -7.15 -31.01 6.14
CA LEU A 144 -6.23 -32.13 6.04
C LEU A 144 -4.99 -31.81 6.87
N PHE A 145 -3.98 -32.66 6.81
CA PHE A 145 -2.79 -32.51 7.63
C PHE A 145 -1.53 -32.38 6.78
N ARG A 146 -0.51 -31.77 7.38
CA ARG A 146 0.85 -31.73 6.86
C ARG A 146 1.79 -32.40 7.85
N LYS A 147 2.93 -32.83 7.33
CA LYS A 147 3.99 -33.37 8.17
C LYS A 147 5.31 -33.26 7.45
N PHE A 148 6.37 -33.00 8.20
CA PHE A 148 7.73 -32.93 7.67
C PHE A 148 8.59 -33.99 8.34
N HIS A 149 9.40 -34.67 7.55
CA HIS A 149 10.46 -35.54 8.05
C HIS A 149 11.79 -35.07 7.48
N TYR A 150 12.84 -35.17 8.30
CA TYR A 150 14.14 -34.60 7.96
C TYR A 150 15.22 -35.67 8.09
N LEU A 151 16.20 -35.61 7.19
CA LEU A 151 17.34 -36.51 7.22
C LEU A 151 18.59 -35.73 6.82
N PRO A 152 19.44 -35.35 7.77
CA PRO A 152 20.72 -34.73 7.41
C PRO A 152 21.59 -35.72 6.66
N PHE A 153 22.23 -35.25 5.60
CA PHE A 153 23.02 -36.15 4.77
C PHE A 153 24.20 -35.41 4.15
N LEU A 154 25.21 -36.18 3.79
CA LEU A 154 26.36 -35.68 3.04
C LEU A 154 26.17 -36.04 1.58
N PRO A 155 25.94 -35.08 0.69
CA PRO A 155 25.62 -35.42 -0.69
C PRO A 155 26.80 -36.08 -1.40
N SER A 156 26.49 -37.09 -2.22
CA SER A 156 27.50 -37.80 -2.97
C SER A 156 26.83 -38.46 -4.16
N THR A 157 27.65 -38.84 -5.14
CA THR A 157 27.16 -39.56 -6.31
C THR A 157 26.83 -41.02 -6.01
N GLU A 158 27.26 -41.54 -4.86
CA GLU A 158 27.11 -42.95 -4.56
C GLU A 158 25.80 -43.30 -3.88
N ASP A 159 25.25 -42.38 -3.07
CA ASP A 159 24.06 -42.67 -2.28
C ASP A 159 22.80 -42.14 -2.99
N VAL A 160 21.76 -42.97 -3.02
CA VAL A 160 20.44 -42.55 -3.45
C VAL A 160 19.51 -42.69 -2.25
N TYR A 161 18.40 -41.94 -2.29
CA TYR A 161 17.52 -41.84 -1.14
C TYR A 161 16.06 -41.99 -1.55
N ASP A 162 15.26 -42.50 -0.63
CA ASP A 162 13.82 -42.56 -0.79
C ASP A 162 13.15 -42.25 0.54
N CYS A 163 12.03 -41.53 0.48
CA CYS A 163 11.12 -41.41 1.62
C CYS A 163 9.91 -42.28 1.34
N ARG A 164 9.73 -43.32 2.15
CA ARG A 164 8.65 -44.27 1.98
C ARG A 164 7.53 -43.93 2.96
N VAL A 165 6.33 -43.73 2.43
CA VAL A 165 5.19 -43.24 3.20
C VAL A 165 4.05 -44.25 3.07
N GLU A 166 3.53 -44.69 4.21
CA GLU A 166 2.39 -45.61 4.25
C GLU A 166 1.20 -44.91 4.89
N HIS A 167 0.03 -45.04 4.27
CA HIS A 167 -1.19 -44.42 4.73
C HIS A 167 -2.36 -45.28 4.30
N TRP A 168 -3.40 -45.31 5.14
CA TRP A 168 -4.53 -46.19 4.88
C TRP A 168 -5.27 -45.83 3.60
N GLY A 169 -5.17 -44.58 3.15
CA GLY A 169 -5.74 -44.20 1.88
C GLY A 169 -4.94 -44.56 0.66
N LEU A 170 -3.78 -45.19 0.84
CA LEU A 170 -2.91 -45.58 -0.27
C LEU A 170 -3.00 -47.07 -0.52
N ASP A 171 -2.95 -47.46 -1.80
CA ASP A 171 -2.97 -48.87 -2.17
C ASP A 171 -1.62 -49.53 -1.91
N GLU A 172 -0.54 -48.81 -2.19
CA GLU A 172 0.83 -49.28 -2.07
C GLU A 172 1.67 -48.23 -1.37
N PRO A 173 2.79 -48.64 -0.75
CA PRO A 173 3.69 -47.64 -0.16
C PRO A 173 4.13 -46.64 -1.21
N LEU A 174 4.10 -45.37 -0.83
CA LEU A 174 4.52 -44.30 -1.72
C LEU A 174 5.99 -44.04 -1.46
N LEU A 175 6.82 -44.19 -2.49
CA LEU A 175 8.24 -43.91 -2.41
C LEU A 175 8.57 -42.72 -3.30
N LYS A 176 9.20 -41.72 -2.73
CA LYS A 176 9.66 -40.54 -3.46
C LYS A 176 11.18 -40.52 -3.44
N HIS A 177 11.77 -40.46 -4.63
CA HIS A 177 13.19 -40.67 -4.81
C HIS A 177 13.95 -39.35 -4.72
N TRP A 178 15.22 -39.44 -4.30
CA TRP A 178 16.14 -38.33 -4.42
C TRP A 178 17.53 -38.85 -4.73
N GLU A 179 18.20 -38.18 -5.66
CA GLU A 179 19.60 -38.46 -5.97
C GLU A 179 20.23 -37.18 -6.52
N PHE A 180 21.54 -37.08 -6.34
CA PHE A 180 22.28 -35.96 -6.90
C PHE A 180 22.24 -36.00 -8.42
N ASP A 181 22.04 -34.83 -9.04
CA ASP A 181 22.05 -34.76 -10.50
C ASP A 181 23.18 -33.86 -10.98
N GLY B 1 6.10 -14.24 28.69
CA GLY B 1 4.70 -14.40 29.02
C GLY B 1 4.22 -15.84 28.88
N TRP B 2 3.02 -16.11 29.36
CA TRP B 2 2.43 -17.44 29.30
C TRP B 2 1.35 -17.47 28.21
N ILE B 3 1.55 -18.30 27.19
CA ILE B 3 0.50 -18.54 26.21
C ILE B 3 -0.66 -19.23 26.92
N SER B 4 -1.86 -18.70 26.73
CA SER B 4 -3.07 -19.30 27.28
C SER B 4 -3.80 -20.03 26.17
N LEU B 5 -4.23 -21.25 26.45
CA LEU B 5 -5.00 -22.02 25.48
C LEU B 5 -6.47 -21.62 25.55
N TRP B 6 -7.20 -21.96 24.49
CA TRP B 6 -8.65 -21.83 24.51
C TRP B 6 -9.25 -23.16 24.94
N LYS B 7 -9.96 -23.14 26.07
CA LYS B 7 -10.50 -24.38 26.62
C LYS B 7 -11.65 -24.89 25.77
N GLY B 8 -12.50 -24.00 25.29
CA GLY B 8 -13.66 -24.42 24.54
C GLY B 8 -14.76 -24.94 25.43
N PHE B 9 -15.72 -25.60 24.80
CA PHE B 9 -16.96 -25.99 25.46
C PHE B 9 -17.24 -27.45 25.17
N SER B 10 -18.18 -28.02 25.92
CA SER B 10 -18.51 -29.43 25.85
C SER B 10 -19.85 -29.62 25.15
N PHE B 11 -19.91 -30.66 24.33
CA PHE B 11 -21.12 -31.01 23.60
C PHE B 11 -22.10 -31.76 24.49
N ASP B 28 -4.96 -52.29 8.81
CA ASP B 28 -6.04 -51.96 9.73
C ASP B 28 -7.20 -51.29 8.98
N THR B 29 -8.30 -52.01 8.86
CA THR B 29 -9.47 -51.53 8.12
C THR B 29 -10.62 -51.08 9.01
N ARG B 30 -10.44 -51.09 10.34
CA ARG B 30 -11.58 -50.72 11.16
C ARG B 30 -11.78 -49.20 11.14
N PRO B 31 -13.03 -48.74 11.30
CA PRO B 31 -13.32 -47.32 11.05
C PRO B 31 -12.59 -46.39 12.00
N ARG B 32 -12.29 -45.20 11.51
CA ARG B 32 -11.69 -44.14 12.30
C ARG B 32 -12.67 -42.98 12.48
N PHE B 33 -12.59 -42.33 13.64
CA PHE B 33 -13.42 -41.18 13.96
C PHE B 33 -12.52 -40.08 14.50
N LEU B 34 -12.60 -38.90 13.90
CA LEU B 34 -11.62 -37.84 14.12
C LEU B 34 -12.31 -36.56 14.56
N TRP B 35 -11.77 -35.93 15.60
CA TRP B 35 -12.31 -34.71 16.18
C TRP B 35 -11.22 -33.64 16.10
N GLN B 36 -11.54 -32.51 15.47
CA GLN B 36 -10.55 -31.46 15.16
C GLN B 36 -11.04 -30.09 15.61
N PRO B 37 -10.76 -29.69 16.86
CA PRO B 37 -10.98 -28.29 17.23
C PRO B 37 -9.93 -27.39 16.59
N LYS B 38 -10.37 -26.25 16.08
CA LYS B 38 -9.47 -25.22 15.57
C LYS B 38 -9.88 -23.88 16.16
N ARG B 39 -8.95 -23.25 16.86
CA ARG B 39 -9.15 -21.92 17.44
C ARG B 39 -8.26 -20.95 16.68
N GLU B 40 -8.88 -20.07 15.91
CA GLU B 40 -8.16 -19.16 15.03
C GLU B 40 -8.26 -17.73 15.52
N CYS B 41 -7.13 -17.03 15.50
CA CYS B 41 -7.06 -15.60 15.77
C CYS B 41 -6.48 -14.91 14.55
N HIS B 42 -7.28 -14.06 13.92
CA HIS B 42 -6.88 -13.34 12.72
C HIS B 42 -6.59 -11.89 13.09
N PHE B 43 -5.37 -11.44 12.82
CA PHE B 43 -4.92 -10.11 13.18
C PHE B 43 -4.72 -9.26 11.93
N PHE B 44 -5.25 -8.04 11.94
CA PHE B 44 -5.07 -7.08 10.87
C PHE B 44 -4.53 -5.80 11.49
N ASN B 45 -3.38 -5.34 10.98
CA ASN B 45 -2.70 -4.15 11.50
C ASN B 45 -2.37 -4.34 12.99
N GLY B 46 -1.58 -5.38 13.26
CA GLY B 46 -1.32 -5.75 14.65
C GLY B 46 -2.59 -6.23 15.31
N THR B 47 -2.84 -5.76 16.54
CA THR B 47 -4.06 -6.08 17.26
C THR B 47 -5.11 -5.00 17.13
N GLU B 48 -5.01 -4.15 16.10
CA GLU B 48 -6.06 -3.15 15.86
C GLU B 48 -7.38 -3.85 15.57
N ARG B 49 -7.42 -4.66 14.53
CA ARG B 49 -8.59 -5.47 14.20
C ARG B 49 -8.23 -6.94 14.40
N VAL B 50 -8.99 -7.63 15.25
CA VAL B 50 -8.75 -9.02 15.58
C VAL B 50 -10.05 -9.81 15.37
N ARG B 51 -9.94 -11.01 14.81
CA ARG B 51 -11.08 -11.89 14.58
C ARG B 51 -10.79 -13.26 15.17
N PHE B 52 -11.72 -13.76 15.98
CA PHE B 52 -11.60 -15.05 16.66
C PHE B 52 -12.63 -16.02 16.12
N LEU B 53 -12.21 -17.25 15.87
CA LEU B 53 -13.12 -18.32 15.43
C LEU B 53 -12.87 -19.57 16.27
N ASP B 54 -13.94 -20.14 16.79
CA ASP B 54 -13.90 -21.41 17.52
C ASP B 54 -14.61 -22.45 16.66
N ARG B 55 -13.85 -23.34 16.04
CA ARG B 55 -14.36 -24.25 15.03
C ARG B 55 -14.18 -25.70 15.46
N TYR B 56 -15.22 -26.50 15.27
CA TYR B 56 -15.22 -27.90 15.68
C TYR B 56 -15.47 -28.78 14.45
N PHE B 57 -14.52 -29.67 14.16
CA PHE B 57 -14.56 -30.51 12.98
C PHE B 57 -14.67 -31.98 13.38
N TYR B 58 -15.65 -32.67 12.82
CA TYR B 58 -15.81 -34.12 12.97
C TYR B 58 -15.60 -34.76 11.61
N ASN B 59 -14.60 -35.65 11.53
CA ASN B 59 -14.24 -36.33 10.29
C ASN B 59 -14.10 -35.34 9.13
N GLN B 60 -13.34 -34.27 9.39
CA GLN B 60 -12.98 -33.23 8.42
C GLN B 60 -14.14 -32.30 8.09
N GLU B 61 -15.30 -32.46 8.72
CA GLU B 61 -16.50 -31.69 8.39
C GLU B 61 -16.81 -30.76 9.55
N GLU B 62 -16.84 -29.45 9.27
CA GLU B 62 -17.16 -28.48 10.30
C GLU B 62 -18.61 -28.68 10.73
N SER B 63 -18.82 -28.76 12.04
CA SER B 63 -20.15 -28.96 12.60
C SER B 63 -20.73 -27.69 13.23
N VAL B 64 -19.94 -27.00 14.05
CA VAL B 64 -20.39 -25.79 14.73
C VAL B 64 -19.22 -24.81 14.78
N ARG B 65 -19.55 -23.52 14.72
CA ARG B 65 -18.54 -22.47 14.64
C ARG B 65 -19.01 -21.28 15.46
N PHE B 66 -18.09 -20.68 16.21
CA PHE B 66 -18.27 -19.33 16.74
C PHE B 66 -17.37 -18.39 15.95
N ASP B 67 -17.97 -17.35 15.38
CA ASP B 67 -17.26 -16.33 14.62
C ASP B 67 -17.46 -15.02 15.35
N SER B 68 -16.35 -14.39 15.78
CA SER B 68 -16.46 -13.16 16.55
C SER B 68 -17.08 -12.03 15.74
N ASP B 69 -16.99 -12.09 14.42
CA ASP B 69 -17.65 -11.09 13.58
C ASP B 69 -19.16 -11.30 13.51
N VAL B 70 -19.65 -12.47 13.89
CA VAL B 70 -21.08 -12.75 13.95
C VAL B 70 -21.63 -12.53 15.35
N GLY B 71 -20.91 -12.97 16.37
CA GLY B 71 -21.31 -12.73 17.74
C GLY B 71 -22.08 -13.85 18.40
N GLU B 72 -22.38 -14.93 17.67
CA GLU B 72 -23.07 -16.07 18.24
C GLU B 72 -22.63 -17.33 17.50
N PHE B 73 -22.93 -18.47 18.11
CA PHE B 73 -22.59 -19.75 17.49
C PHE B 73 -23.51 -20.04 16.32
N ARG B 74 -22.99 -20.77 15.34
CA ARG B 74 -23.74 -21.16 14.17
C ARG B 74 -23.39 -22.59 13.80
N ALA B 75 -24.42 -23.39 13.50
CA ALA B 75 -24.20 -24.74 12.99
C ALA B 75 -23.81 -24.67 11.52
N VAL B 76 -22.71 -25.33 11.17
CA VAL B 76 -22.32 -25.43 9.77
C VAL B 76 -23.00 -26.60 9.09
N THR B 77 -23.18 -27.70 9.82
CA THR B 77 -23.97 -28.84 9.36
C THR B 77 -25.01 -29.16 10.42
N GLU B 78 -25.93 -30.07 10.07
CA GLU B 78 -26.97 -30.46 11.01
C GLU B 78 -26.40 -31.12 12.25
N LEU B 79 -25.23 -31.74 12.12
CA LEU B 79 -24.63 -32.47 13.23
C LEU B 79 -24.32 -31.55 14.40
N GLY B 80 -24.05 -30.27 14.13
CA GLY B 80 -23.76 -29.27 15.15
C GLY B 80 -24.94 -28.46 15.61
N ARG B 81 -26.12 -28.69 15.05
CA ARG B 81 -27.29 -27.85 15.36
C ARG B 81 -27.67 -27.86 16.83
N PRO B 82 -27.72 -29.00 17.54
CA PRO B 82 -28.10 -28.94 18.96
C PRO B 82 -27.19 -28.04 19.79
N ASP B 83 -25.88 -28.13 19.58
CA ASP B 83 -24.93 -27.42 20.43
C ASP B 83 -24.88 -25.93 20.13
N ALA B 84 -25.07 -25.54 18.87
CA ALA B 84 -25.17 -24.11 18.56
C ALA B 84 -26.34 -23.47 19.28
N GLU B 85 -27.50 -24.14 19.27
CA GLU B 85 -28.67 -23.59 19.95
C GLU B 85 -28.46 -23.53 21.46
N TYR B 86 -27.95 -24.61 22.05
CA TYR B 86 -27.76 -24.63 23.50
C TYR B 86 -26.73 -23.58 23.93
N TRP B 87 -25.60 -23.51 23.23
CA TRP B 87 -24.57 -22.55 23.60
C TRP B 87 -25.07 -21.11 23.44
N ASN B 88 -25.89 -20.86 22.41
CA ASN B 88 -26.44 -19.52 22.21
C ASN B 88 -27.42 -19.13 23.32
N SER B 89 -28.03 -20.10 23.99
CA SER B 89 -28.96 -19.79 25.07
C SER B 89 -28.25 -19.51 26.39
N GLN B 90 -26.97 -19.85 26.52
CA GLN B 90 -26.23 -19.71 27.76
C GLN B 90 -25.53 -18.36 27.76
N LYS B 91 -25.99 -17.46 28.65
CA LYS B 91 -25.37 -16.14 28.77
C LYS B 91 -23.88 -16.23 29.06
N ASP B 92 -23.49 -17.13 29.97
CA ASP B 92 -22.10 -17.20 30.40
C ASP B 92 -21.20 -17.78 29.33
N ILE B 93 -21.62 -18.85 28.66
CA ILE B 93 -20.83 -19.43 27.58
C ILE B 93 -20.68 -18.43 26.45
N LEU B 94 -21.77 -17.74 26.10
CA LEU B 94 -21.74 -16.80 24.99
C LEU B 94 -20.82 -15.62 25.28
N GLU B 95 -20.83 -15.11 26.50
CA GLU B 95 -19.98 -13.96 26.82
C GLU B 95 -18.52 -14.35 26.95
N GLN B 96 -18.24 -15.61 27.29
CA GLN B 96 -16.86 -16.10 27.24
C GLN B 96 -16.32 -16.04 25.81
N ALA B 97 -17.12 -16.52 24.85
CA ALA B 97 -16.70 -16.53 23.45
C ALA B 97 -16.51 -15.11 22.92
N ARG B 98 -17.46 -14.21 23.22
CA ARG B 98 -17.37 -12.85 22.72
C ARG B 98 -16.19 -12.09 23.32
N ALA B 99 -15.68 -12.53 24.46
CA ALA B 99 -14.50 -11.92 25.07
C ALA B 99 -13.18 -12.51 24.57
N ALA B 100 -13.24 -13.61 23.81
CA ALA B 100 -12.02 -14.33 23.42
C ALA B 100 -11.05 -13.45 22.63
N VAL B 101 -11.57 -12.50 21.84
CA VAL B 101 -10.68 -11.62 21.07
C VAL B 101 -9.72 -10.89 22.00
N ASP B 102 -10.12 -10.68 23.26
CA ASP B 102 -9.29 -10.00 24.24
C ASP B 102 -8.58 -10.98 25.18
N THR B 103 -9.33 -11.86 25.84
CA THR B 103 -8.72 -12.77 26.82
C THR B 103 -7.79 -13.79 26.17
N TYR B 104 -7.93 -14.05 24.87
CA TYR B 104 -7.19 -15.11 24.20
C TYR B 104 -6.32 -14.60 23.06
N CYS B 105 -6.92 -14.00 22.03
CA CYS B 105 -6.17 -13.60 20.85
C CYS B 105 -5.15 -12.51 21.19
N ARG B 106 -5.63 -11.38 21.72
CA ARG B 106 -4.73 -10.26 21.98
C ARG B 106 -3.70 -10.61 23.05
N HIS B 107 -4.07 -11.44 24.02
CA HIS B 107 -3.10 -11.90 25.01
C HIS B 107 -1.96 -12.67 24.33
N ASN B 108 -2.31 -13.74 23.61
CA ASN B 108 -1.29 -14.56 22.98
C ASN B 108 -0.47 -13.76 21.97
N TYR B 109 -1.07 -12.77 21.32
CA TYR B 109 -0.34 -11.93 20.39
C TYR B 109 0.81 -11.22 21.09
N GLY B 110 0.53 -10.63 22.25
CA GLY B 110 1.59 -9.93 22.98
C GLY B 110 2.67 -10.86 23.48
N VAL B 111 2.32 -12.11 23.76
CA VAL B 111 3.30 -13.06 24.27
C VAL B 111 4.29 -13.47 23.19
N VAL B 112 3.80 -13.78 21.99
CA VAL B 112 4.63 -14.38 20.95
C VAL B 112 5.12 -13.37 19.91
N GLU B 113 4.67 -12.12 19.99
CA GLU B 113 4.91 -11.17 18.90
C GLU B 113 6.39 -10.98 18.62
N SER B 114 7.24 -11.00 19.65
CA SER B 114 8.63 -10.62 19.45
C SER B 114 9.40 -11.61 18.59
N PHE B 115 9.03 -12.90 18.64
CA PHE B 115 9.75 -13.92 17.89
C PHE B 115 8.92 -14.51 16.75
N THR B 116 7.78 -13.92 16.43
CA THR B 116 6.94 -14.40 15.33
C THR B 116 6.66 -13.27 14.34
N VAL B 117 5.89 -12.26 14.73
CA VAL B 117 5.60 -11.13 13.85
C VAL B 117 6.90 -10.40 13.48
N GLN B 118 7.84 -10.33 14.42
CA GLN B 118 9.06 -9.56 14.21
C GLN B 118 10.22 -10.40 13.70
N ARG B 119 10.05 -11.71 13.56
CA ARG B 119 11.13 -12.56 13.09
C ARG B 119 11.50 -12.22 11.66
N ARG B 120 12.81 -12.07 11.42
CA ARG B 120 13.34 -11.74 10.10
C ARG B 120 14.62 -12.53 9.90
N VAL B 121 14.66 -13.36 8.86
CA VAL B 121 15.86 -14.13 8.51
C VAL B 121 16.18 -13.85 7.05
N GLN B 122 17.44 -13.48 6.78
CA GLN B 122 17.85 -12.99 5.48
CA GLN B 122 17.85 -12.99 5.48
C GLN B 122 17.99 -14.15 4.48
N PRO B 123 17.60 -13.95 3.22
CA PRO B 123 17.74 -15.01 2.23
C PRO B 123 19.18 -15.18 1.78
N LYS B 124 19.53 -16.42 1.44
CA LYS B 124 20.74 -16.70 0.68
C LYS B 124 20.36 -16.82 -0.79
N VAL B 125 20.98 -15.99 -1.63
CA VAL B 125 20.66 -15.91 -3.05
C VAL B 125 21.87 -16.41 -3.85
N THR B 126 21.64 -17.40 -4.70
CA THR B 126 22.67 -17.88 -5.61
C THR B 126 22.06 -18.10 -6.99
N VAL B 127 22.91 -18.00 -8.01
CA VAL B 127 22.51 -18.16 -9.40
C VAL B 127 23.38 -19.24 -10.01
N TYR B 128 22.77 -20.14 -10.78
CA TYR B 128 23.55 -21.18 -11.45
C TYR B 128 22.81 -21.65 -12.69
N PRO B 129 23.53 -22.01 -13.75
CA PRO B 129 22.86 -22.54 -14.93
C PRO B 129 22.39 -23.97 -14.72
N SER B 130 21.40 -24.36 -15.50
CA SER B 130 20.84 -25.70 -15.42
C SER B 130 20.30 -26.09 -16.79
N LYS B 131 19.58 -27.21 -16.85
CA LYS B 131 19.03 -27.72 -18.09
C LYS B 131 17.64 -28.28 -17.87
N THR B 132 16.74 -28.02 -18.82
CA THR B 132 15.38 -28.57 -18.74
C THR B 132 15.40 -30.08 -18.88
N GLN B 133 16.24 -30.60 -19.78
CA GLN B 133 16.36 -32.02 -20.02
C GLN B 133 17.80 -32.30 -20.43
N PRO B 134 18.18 -33.59 -20.57
CA PRO B 134 19.51 -33.88 -21.13
C PRO B 134 19.77 -33.19 -22.45
N LEU B 135 20.39 -32.01 -22.38
CA LEU B 135 20.75 -31.21 -23.54
C LEU B 135 22.26 -30.95 -23.50
N GLN B 136 22.76 -30.28 -24.53
CA GLN B 136 24.19 -30.05 -24.61
C GLN B 136 24.62 -28.73 -23.97
N HIS B 137 23.85 -27.67 -24.17
CA HIS B 137 24.16 -26.36 -23.62
CA HIS B 137 24.16 -26.36 -23.62
C HIS B 137 23.06 -25.94 -22.66
N HIS B 138 23.46 -25.36 -21.52
CA HIS B 138 22.52 -24.94 -20.49
C HIS B 138 21.45 -24.03 -21.09
N ASN B 139 20.19 -24.32 -20.77
CA ASN B 139 19.06 -23.52 -21.23
C ASN B 139 18.22 -22.97 -20.09
N LEU B 140 18.77 -22.94 -18.87
CA LEU B 140 18.08 -22.38 -17.71
C LEU B 140 19.08 -21.65 -16.82
N LEU B 141 18.70 -20.44 -16.38
CA LEU B 141 19.36 -19.78 -15.27
C LEU B 141 18.44 -19.88 -14.05
N VAL B 142 18.95 -20.43 -12.97
CA VAL B 142 18.20 -20.67 -11.75
C VAL B 142 18.62 -19.65 -10.71
N CYS B 143 17.66 -18.90 -10.18
CA CYS B 143 17.89 -18.05 -9.03
C CYS B 143 17.37 -18.77 -7.80
N SER B 144 18.28 -19.27 -6.96
CA SER B 144 17.92 -19.99 -5.75
C SER B 144 17.91 -19.04 -4.57
N VAL B 145 16.76 -18.93 -3.91
CA VAL B 145 16.58 -18.09 -2.73
C VAL B 145 16.12 -19.00 -1.60
N SER B 146 16.93 -19.12 -0.55
CA SER B 146 16.64 -20.10 0.49
C SER B 146 16.92 -19.53 1.87
N GLY B 147 16.26 -20.14 2.86
CA GLY B 147 16.52 -19.87 4.26
C GLY B 147 15.90 -18.63 4.84
N PHE B 148 14.92 -18.03 4.17
CA PHE B 148 14.42 -16.71 4.57
C PHE B 148 13.14 -16.81 5.40
N TYR B 149 12.89 -15.75 6.15
CA TYR B 149 11.63 -15.57 6.87
C TYR B 149 11.36 -14.08 7.05
N PRO B 150 10.10 -13.65 6.85
CA PRO B 150 8.94 -14.47 6.49
C PRO B 150 8.84 -14.80 5.01
N GLY B 151 7.71 -15.39 4.61
CA GLY B 151 7.58 -15.93 3.26
C GLY B 151 7.36 -14.90 2.17
N SER B 152 6.96 -13.68 2.53
CA SER B 152 6.79 -12.63 1.55
C SER B 152 8.11 -12.34 0.86
N ILE B 153 8.14 -12.50 -0.46
CA ILE B 153 9.37 -12.30 -1.22
C ILE B 153 8.99 -12.01 -2.66
N GLU B 154 9.86 -11.27 -3.35
CA GLU B 154 9.73 -11.00 -4.77
C GLU B 154 11.07 -11.29 -5.43
N VAL B 155 11.05 -12.08 -6.50
CA VAL B 155 12.24 -12.48 -7.22
C VAL B 155 12.04 -12.10 -8.67
N ARG B 156 12.96 -11.29 -9.21
CA ARG B 156 12.84 -10.77 -10.56
C ARG B 156 14.12 -11.03 -11.33
N TRP B 157 13.98 -11.35 -12.61
CA TRP B 157 15.11 -11.54 -13.50
C TRP B 157 15.30 -10.32 -14.37
N PHE B 158 16.54 -9.92 -14.57
CA PHE B 158 16.89 -8.79 -15.42
C PHE B 158 17.95 -9.24 -16.41
N LEU B 159 17.85 -8.73 -17.63
CA LEU B 159 18.89 -8.93 -18.65
C LEU B 159 19.33 -7.53 -19.10
N ASN B 160 20.48 -7.09 -18.57
CA ASN B 160 21.07 -5.80 -18.90
C ASN B 160 20.07 -4.66 -18.71
N GLY B 161 19.59 -4.53 -17.47
CA GLY B 161 18.66 -3.49 -17.11
C GLY B 161 17.24 -3.66 -17.59
N GLN B 162 16.95 -4.65 -18.43
CA GLN B 162 15.58 -4.90 -18.86
C GLN B 162 15.05 -6.11 -18.09
N GLU B 163 13.92 -5.92 -17.44
CA GLU B 163 13.32 -6.99 -16.66
C GLU B 163 12.79 -8.06 -17.60
N GLU B 164 13.28 -9.28 -17.44
CA GLU B 164 12.76 -10.40 -18.21
C GLU B 164 11.49 -10.87 -17.53
N LYS B 165 10.36 -10.74 -18.21
CA LYS B 165 9.08 -11.12 -17.65
C LYS B 165 8.50 -12.37 -18.29
N ALA B 166 8.99 -12.74 -19.47
CA ALA B 166 8.56 -13.93 -20.18
C ALA B 166 9.55 -15.07 -19.98
N GLY B 167 9.06 -16.30 -20.13
CA GLY B 167 9.91 -17.47 -20.05
C GLY B 167 10.46 -17.75 -18.67
N MET B 168 9.61 -17.67 -17.64
CA MET B 168 10.03 -17.91 -16.27
C MET B 168 9.11 -18.94 -15.63
N VAL B 169 9.71 -19.87 -14.89
CA VAL B 169 9.00 -20.84 -14.09
C VAL B 169 9.51 -20.72 -12.66
N SER B 170 8.60 -20.81 -11.70
CA SER B 170 8.94 -20.74 -10.29
C SER B 170 8.38 -21.94 -9.55
N THR B 171 9.13 -22.42 -8.57
CA THR B 171 8.62 -23.45 -7.67
C THR B 171 7.51 -22.90 -6.78
N GLY B 172 7.37 -21.58 -6.69
CA GLY B 172 6.52 -20.97 -5.69
C GLY B 172 7.17 -21.03 -4.32
N LEU B 173 6.45 -20.48 -3.35
CA LEU B 173 6.95 -20.43 -1.98
C LEU B 173 6.93 -21.83 -1.37
N ILE B 174 8.10 -22.32 -0.98
CA ILE B 174 8.23 -23.64 -0.37
C ILE B 174 8.48 -23.44 1.12
N GLN B 175 7.59 -23.99 1.94
CA GLN B 175 7.70 -23.90 3.39
C GLN B 175 8.48 -25.11 3.90
N ASN B 176 9.62 -24.86 4.54
CA ASN B 176 10.49 -25.94 4.97
C ASN B 176 10.05 -26.57 6.28
N GLY B 177 9.05 -25.99 6.96
CA GLY B 177 8.57 -26.52 8.22
C GLY B 177 9.41 -26.18 9.43
N ASP B 178 10.49 -25.42 9.27
CA ASP B 178 11.38 -25.08 10.36
C ASP B 178 11.53 -23.56 10.50
N TRP B 179 10.48 -22.82 10.16
CA TRP B 179 10.47 -21.36 10.18
C TRP B 179 11.45 -20.77 9.17
N THR B 180 11.70 -21.48 8.07
CA THR B 180 12.42 -20.92 6.92
C THR B 180 11.65 -21.27 5.65
N PHE B 181 11.86 -20.45 4.62
CA PHE B 181 11.28 -20.68 3.31
C PHE B 181 12.36 -20.83 2.26
N GLN B 182 11.92 -21.20 1.07
CA GLN B 182 12.79 -21.47 -0.07
C GLN B 182 12.00 -21.25 -1.34
N THR B 183 12.68 -20.81 -2.39
CA THR B 183 12.04 -20.67 -3.69
C THR B 183 13.10 -20.70 -4.78
N LEU B 184 12.72 -21.25 -5.94
CA LEU B 184 13.57 -21.26 -7.12
C LEU B 184 12.80 -20.64 -8.27
N VAL B 185 13.45 -19.75 -9.00
CA VAL B 185 12.87 -19.08 -10.16
C VAL B 185 13.78 -19.34 -11.34
N MET B 186 13.28 -20.08 -12.33
CA MET B 186 14.06 -20.46 -13.49
C MET B 186 13.77 -19.52 -14.64
N LEU B 187 14.83 -19.01 -15.27
CA LEU B 187 14.71 -18.21 -16.49
C LEU B 187 15.11 -19.08 -17.67
N GLU B 188 14.20 -19.22 -18.64
CA GLU B 188 14.44 -20.03 -19.82
C GLU B 188 15.28 -19.22 -20.80
N THR B 189 16.57 -19.57 -20.94
CA THR B 189 17.46 -18.83 -21.80
C THR B 189 18.71 -19.66 -22.07
N VAL B 190 19.18 -19.61 -23.31
CA VAL B 190 20.51 -20.09 -23.67
C VAL B 190 21.44 -18.89 -23.64
N PRO B 191 22.26 -18.74 -22.61
CA PRO B 191 23.03 -17.49 -22.46
C PRO B 191 23.99 -17.27 -23.63
N ARG B 192 24.08 -16.01 -24.06
CA ARG B 192 25.01 -15.58 -25.09
C ARG B 192 26.10 -14.72 -24.46
N SER B 193 27.33 -14.91 -24.95
CA SER B 193 28.47 -14.19 -24.39
C SER B 193 28.24 -12.69 -24.45
N GLY B 194 28.66 -11.99 -23.39
CA GLY B 194 28.42 -10.58 -23.26
C GLY B 194 27.11 -10.21 -22.59
N GLU B 195 26.25 -11.18 -22.32
CA GLU B 195 25.00 -10.92 -21.62
C GLU B 195 25.21 -11.01 -20.12
N VAL B 196 24.71 -10.02 -19.39
CA VAL B 196 24.77 -9.99 -17.93
C VAL B 196 23.36 -10.13 -17.39
N TYR B 197 23.13 -11.21 -16.65
CA TYR B 197 21.83 -11.48 -16.04
C TYR B 197 21.87 -11.08 -14.57
N THR B 198 20.78 -10.49 -14.08
CA THR B 198 20.67 -10.11 -12.69
C THR B 198 19.41 -10.72 -12.09
N CYS B 199 19.57 -11.42 -10.98
CA CYS B 199 18.44 -11.83 -10.16
C CYS B 199 18.27 -10.82 -9.02
N GLN B 200 17.07 -10.26 -8.89
CA GLN B 200 16.78 -9.27 -7.88
C GLN B 200 15.80 -9.86 -6.87
N VAL B 201 16.10 -9.71 -5.59
CA VAL B 201 15.29 -10.26 -4.51
C VAL B 201 14.91 -9.12 -3.57
N GLU B 202 13.61 -9.00 -3.30
CA GLU B 202 13.10 -8.06 -2.31
C GLU B 202 12.47 -8.84 -1.16
N HIS B 203 12.92 -8.54 0.07
CA HIS B 203 12.52 -9.28 1.25
C HIS B 203 12.60 -8.34 2.45
N PRO B 204 11.63 -8.41 3.38
CA PRO B 204 11.61 -7.45 4.50
C PRO B 204 12.82 -7.54 5.43
N SER B 205 13.65 -8.58 5.32
CA SER B 205 14.85 -8.66 6.16
C SER B 205 15.96 -7.74 5.69
N VAL B 206 15.85 -7.19 4.49
CA VAL B 206 16.84 -6.26 3.94
C VAL B 206 16.13 -4.97 3.54
N THR B 207 16.81 -3.85 3.71
CA THR B 207 16.20 -2.56 3.45
C THR B 207 16.15 -2.26 1.95
N SER B 208 17.20 -2.62 1.22
CA SER B 208 17.28 -2.46 -0.22
C SER B 208 17.08 -3.78 -0.92
N PRO B 209 16.83 -3.77 -2.23
CA PRO B 209 16.77 -5.04 -2.97
C PRO B 209 18.13 -5.73 -2.99
N LEU B 210 18.08 -7.06 -3.01
CA LEU B 210 19.27 -7.87 -3.22
C LEU B 210 19.42 -8.19 -4.70
N THR B 211 20.65 -8.06 -5.21
CA THR B 211 20.95 -8.38 -6.59
C THR B 211 22.13 -9.33 -6.64
N VAL B 212 22.07 -10.31 -7.55
CA VAL B 212 23.16 -11.24 -7.80
C VAL B 212 23.33 -11.36 -9.31
N GLU B 213 24.52 -11.04 -9.80
CA GLU B 213 24.79 -11.07 -11.23
C GLU B 213 25.45 -12.38 -11.64
N TRP B 214 25.20 -12.77 -12.89
CA TRP B 214 25.78 -13.96 -13.50
C TRP B 214 26.13 -13.62 -14.94
N ARG B 215 27.33 -14.00 -15.38
CA ARG B 215 27.77 -13.73 -16.75
C ARG B 215 28.13 -15.03 -17.44
N ALA B 216 27.83 -15.10 -18.73
CA ALA B 216 28.13 -16.29 -19.53
C ALA B 216 29.63 -16.46 -19.75
N GLU C 4 -7.84 -4.68 -4.49
CA GLU C 4 -8.07 -6.13 -4.45
C GLU C 4 -9.38 -6.50 -5.15
N HIS C 5 -9.27 -7.15 -6.30
CA HIS C 5 -10.44 -7.55 -7.06
C HIS C 5 -10.15 -8.85 -7.81
N VAL C 6 -11.22 -9.58 -8.12
CA VAL C 6 -11.14 -10.85 -8.83
C VAL C 6 -12.23 -10.88 -9.89
N ILE C 7 -11.84 -11.21 -11.13
CA ILE C 7 -12.78 -11.41 -12.22
C ILE C 7 -12.67 -12.88 -12.64
N ILE C 8 -13.80 -13.56 -12.72
CA ILE C 8 -13.82 -14.99 -13.00
C ILE C 8 -14.72 -15.26 -14.19
N GLN C 9 -14.17 -15.91 -15.22
CA GLN C 9 -14.95 -16.50 -16.29
C GLN C 9 -15.28 -17.93 -15.88
N ALA C 10 -16.56 -18.17 -15.57
CA ALA C 10 -17.01 -19.47 -15.10
C ALA C 10 -17.94 -20.09 -16.12
N GLU C 11 -17.61 -21.30 -16.55
CA GLU C 11 -18.41 -22.04 -17.52
C GLU C 11 -18.68 -23.42 -16.94
N PHE C 12 -19.68 -24.11 -17.50
CA PHE C 12 -19.82 -25.52 -17.22
C PHE C 12 -20.58 -26.17 -18.36
N TYR C 13 -20.38 -27.48 -18.49
CA TYR C 13 -21.20 -28.32 -19.35
C TYR C 13 -21.54 -29.58 -18.56
N LEU C 14 -22.78 -30.02 -18.68
CA LEU C 14 -23.30 -31.12 -17.88
C LEU C 14 -23.88 -32.18 -18.79
N ASN C 15 -23.38 -33.41 -18.68
CA ASN C 15 -23.96 -34.56 -19.35
C ASN C 15 -24.70 -35.43 -18.33
N PRO C 16 -25.74 -36.16 -18.76
CA PRO C 16 -26.26 -36.25 -20.14
C PRO C 16 -27.27 -35.15 -20.46
N ASP C 17 -27.49 -34.24 -19.51
CA ASP C 17 -28.48 -33.17 -19.70
C ASP C 17 -28.16 -32.29 -20.90
N GLN C 18 -26.89 -32.22 -21.30
CA GLN C 18 -26.44 -31.31 -22.35
C GLN C 18 -26.77 -29.87 -21.98
N SER C 19 -26.51 -29.51 -20.72
CA SER C 19 -26.69 -28.16 -20.22
C SER C 19 -25.33 -27.47 -20.14
N GLY C 20 -25.26 -26.24 -20.63
CA GLY C 20 -24.07 -25.44 -20.53
C GLY C 20 -24.37 -23.98 -20.24
N GLU C 21 -23.53 -23.33 -19.45
CA GLU C 21 -23.69 -21.91 -19.15
C GLU C 21 -22.33 -21.23 -19.20
N PHE C 22 -22.36 -19.91 -19.33
CA PHE C 22 -21.17 -19.10 -19.50
C PHE C 22 -21.43 -17.75 -18.89
N MET C 23 -20.58 -17.31 -17.96
CA MET C 23 -20.81 -16.05 -17.27
C MET C 23 -19.49 -15.48 -16.77
N PHE C 24 -19.49 -14.16 -16.57
CA PHE C 24 -18.39 -13.45 -15.94
C PHE C 24 -18.83 -12.99 -14.55
N ASP C 25 -17.93 -13.14 -13.58
CA ASP C 25 -18.19 -12.81 -12.18
C ASP C 25 -17.17 -11.78 -11.71
N PHE C 26 -17.64 -10.70 -11.10
CA PHE C 26 -16.77 -9.69 -10.51
C PHE C 26 -17.04 -9.66 -9.00
N ASP C 27 -16.05 -10.07 -8.21
CA ASP C 27 -16.12 -10.04 -6.75
C ASP C 27 -17.41 -10.68 -6.23
N GLY C 28 -17.84 -11.76 -6.89
CA GLY C 28 -19.01 -12.49 -6.46
C GLY C 28 -20.32 -12.09 -7.12
N ASP C 29 -20.36 -10.98 -7.84
CA ASP C 29 -21.55 -10.58 -8.58
C ASP C 29 -21.35 -10.85 -10.07
N GLU C 30 -22.46 -11.08 -10.76
CA GLU C 30 -22.45 -11.43 -12.17
C GLU C 30 -22.38 -10.18 -13.03
N ILE C 31 -21.42 -10.14 -13.95
CA ILE C 31 -21.40 -9.07 -14.95
C ILE C 31 -22.38 -9.35 -16.05
N PHE C 32 -22.29 -10.54 -16.66
CA PHE C 32 -23.21 -10.97 -17.69
C PHE C 32 -23.18 -12.49 -17.75
N HIS C 33 -24.16 -13.05 -18.45
CA HIS C 33 -24.12 -14.43 -18.91
C HIS C 33 -24.53 -14.45 -20.37
N VAL C 34 -24.40 -15.60 -21.00
CA VAL C 34 -24.76 -15.77 -22.40
C VAL C 34 -25.97 -16.69 -22.49
N ASP C 35 -27.07 -16.17 -23.02
CA ASP C 35 -28.25 -16.98 -23.27
C ASP C 35 -27.95 -17.94 -24.41
N MET C 36 -27.76 -19.22 -24.09
CA MET C 36 -27.36 -20.20 -25.10
C MET C 36 -28.44 -20.35 -26.17
N ALA C 37 -29.72 -20.31 -25.77
CA ALA C 37 -30.80 -20.49 -26.73
C ALA C 37 -30.88 -19.31 -27.69
N LYS C 38 -30.92 -18.07 -27.17
CA LYS C 38 -31.03 -16.93 -28.08
C LYS C 38 -29.69 -16.40 -28.54
N LYS C 39 -28.60 -17.00 -28.05
CA LYS C 39 -27.25 -16.69 -28.50
C LYS C 39 -26.89 -15.23 -28.29
N GLU C 40 -27.27 -14.70 -27.13
CA GLU C 40 -27.30 -13.28 -26.81
C GLU C 40 -26.68 -13.02 -25.45
N THR C 41 -25.94 -11.92 -25.34
CA THR C 41 -25.36 -11.50 -24.07
C THR C 41 -26.42 -10.84 -23.19
N VAL C 42 -26.54 -11.32 -21.97
CA VAL C 42 -27.51 -10.80 -21.01
C VAL C 42 -26.73 -10.16 -19.87
N TRP C 43 -26.79 -8.84 -19.78
CA TRP C 43 -26.09 -8.12 -18.72
C TRP C 43 -26.91 -8.16 -17.44
N ARG C 44 -26.22 -8.34 -16.30
CA ARG C 44 -26.92 -8.48 -15.04
C ARG C 44 -27.67 -7.20 -14.68
N LEU C 45 -27.05 -6.06 -14.91
CA LEU C 45 -27.72 -4.76 -14.87
C LEU C 45 -27.73 -4.21 -16.29
N GLU C 46 -28.90 -3.77 -16.74
CA GLU C 46 -29.05 -3.30 -18.12
C GLU C 46 -28.04 -2.20 -18.45
N GLU C 47 -27.69 -1.38 -17.46
CA GLU C 47 -26.75 -0.29 -17.68
C GLU C 47 -25.37 -0.78 -18.13
N PHE C 48 -25.00 -2.01 -17.75
CA PHE C 48 -23.68 -2.52 -18.12
C PHE C 48 -23.50 -2.54 -19.63
N GLY C 49 -24.55 -2.89 -20.37
CA GLY C 49 -24.48 -2.97 -21.82
C GLY C 49 -24.27 -1.64 -22.51
N ARG C 50 -24.38 -0.54 -21.79
CA ARG C 50 -24.06 0.77 -22.33
C ARG C 50 -22.60 1.17 -22.12
N PHE C 51 -21.82 0.33 -21.43
CA PHE C 51 -20.41 0.61 -21.19
C PHE C 51 -19.48 -0.46 -21.74
N ALA C 52 -19.99 -1.62 -22.13
CA ALA C 52 -19.14 -2.69 -22.63
C ALA C 52 -19.97 -3.58 -23.55
N SER C 53 -19.26 -4.47 -24.25
CA SER C 53 -19.89 -5.38 -25.20
C SER C 53 -19.22 -6.73 -25.09
N PHE C 54 -19.95 -7.77 -25.50
CA PHE C 54 -19.40 -9.11 -25.56
C PHE C 54 -20.06 -9.82 -26.73
N GLU C 55 -19.25 -10.48 -27.56
CA GLU C 55 -19.75 -11.23 -28.69
C GLU C 55 -20.11 -12.64 -28.21
N ALA C 56 -21.42 -12.93 -28.17
CA ALA C 56 -21.92 -14.17 -27.56
C ALA C 56 -21.54 -15.44 -28.33
N GLN C 57 -21.25 -15.36 -29.64
CA GLN C 57 -20.88 -16.55 -30.38
C GLN C 57 -19.63 -17.21 -29.79
N GLY C 58 -18.68 -16.41 -29.32
CA GLY C 58 -17.48 -16.98 -28.71
C GLY C 58 -17.79 -17.87 -27.52
N ALA C 59 -18.79 -17.49 -26.73
CA ALA C 59 -19.19 -18.33 -25.60
C ALA C 59 -19.78 -19.66 -26.09
N LEU C 60 -20.57 -19.62 -27.16
CA LEU C 60 -21.08 -20.86 -27.73
C LEU C 60 -19.95 -21.77 -28.19
N ALA C 61 -18.86 -21.19 -28.70
CA ALA C 61 -17.73 -21.99 -29.11
C ALA C 61 -17.03 -22.59 -27.90
N ASN C 62 -16.92 -21.83 -26.80
CA ASN C 62 -16.32 -22.36 -25.59
C ASN C 62 -17.12 -23.53 -25.04
N ILE C 63 -18.46 -23.43 -25.10
CA ILE C 63 -19.31 -24.53 -24.62
C ILE C 63 -19.08 -25.78 -25.46
N ALA C 64 -18.88 -25.61 -26.77
CA ALA C 64 -18.62 -26.76 -27.63
C ALA C 64 -17.34 -27.47 -27.21
N VAL C 65 -16.27 -26.72 -26.93
CA VAL C 65 -15.04 -27.33 -26.45
C VAL C 65 -15.25 -27.96 -25.08
N ASP C 66 -16.02 -27.28 -24.21
CA ASP C 66 -16.31 -27.85 -22.89
C ASP C 66 -16.97 -29.21 -23.02
N LYS C 67 -17.91 -29.36 -23.95
CA LYS C 67 -18.57 -30.64 -24.16
C LYS C 67 -17.58 -31.71 -24.59
N ALA C 68 -16.72 -31.38 -25.56
CA ALA C 68 -15.73 -32.36 -26.03
C ALA C 68 -14.72 -32.69 -24.95
N ASN C 69 -14.32 -31.70 -24.15
CA ASN C 69 -13.41 -31.98 -23.03
C ASN C 69 -14.11 -32.84 -21.97
N LEU C 70 -15.38 -32.56 -21.69
CA LEU C 70 -16.11 -33.38 -20.71
C LEU C 70 -16.12 -34.85 -21.12
N GLU C 71 -16.40 -35.13 -22.39
CA GLU C 71 -16.51 -36.51 -22.85
C GLU C 71 -15.16 -37.21 -22.79
N ILE C 72 -14.07 -36.49 -23.09
CA ILE C 72 -12.73 -37.06 -22.93
C ILE C 72 -12.47 -37.41 -21.47
N MET C 73 -12.75 -36.47 -20.56
CA MET C 73 -12.45 -36.69 -19.15
C MET C 73 -13.38 -37.70 -18.51
N THR C 74 -14.63 -37.78 -18.99
CA THR C 74 -15.54 -38.81 -18.49
C THR C 74 -14.98 -40.20 -18.75
N LYS C 75 -14.52 -40.45 -19.98
CA LYS C 75 -13.91 -41.74 -20.30
C LYS C 75 -12.62 -41.97 -19.53
N ARG C 76 -11.77 -40.94 -19.44
CA ARG C 76 -10.49 -41.11 -18.75
C ARG C 76 -10.69 -41.43 -17.27
N SER C 77 -11.75 -40.91 -16.66
CA SER C 77 -12.07 -41.20 -15.27
C SER C 77 -12.77 -42.54 -15.09
N ASN C 78 -12.89 -43.33 -16.16
CA ASN C 78 -13.64 -44.59 -16.15
C ASN C 78 -15.11 -44.35 -15.82
N TYR C 79 -15.67 -43.27 -16.39
CA TYR C 79 -17.09 -42.95 -16.25
C TYR C 79 -17.50 -42.82 -14.78
N THR C 80 -16.64 -42.19 -13.99
CA THR C 80 -16.99 -41.87 -12.61
C THR C 80 -17.97 -40.70 -12.57
N PRO C 81 -19.13 -40.85 -11.94
CA PRO C 81 -20.12 -39.78 -11.92
C PRO C 81 -19.91 -38.82 -10.76
N ILE C 82 -20.61 -37.69 -10.82
CA ILE C 82 -20.49 -36.66 -9.81
C ILE C 82 -21.30 -37.05 -8.58
N THR C 83 -20.80 -36.70 -7.40
CA THR C 83 -21.54 -36.89 -6.16
C THR C 83 -22.47 -35.71 -5.96
N ASN C 84 -23.77 -35.98 -5.84
CA ASN C 84 -24.74 -34.92 -5.58
C ASN C 84 -24.45 -34.27 -4.24
N VAL C 85 -24.58 -32.94 -4.19
CA VAL C 85 -24.47 -32.18 -2.96
C VAL C 85 -25.72 -31.32 -2.83
N PRO C 86 -26.56 -31.54 -1.83
CA PRO C 86 -27.85 -30.84 -1.77
C PRO C 86 -27.66 -29.39 -1.33
N PRO C 87 -28.55 -28.50 -1.75
CA PRO C 87 -28.41 -27.09 -1.39
C PRO C 87 -28.89 -26.81 0.03
N GLU C 88 -28.44 -25.69 0.56
CA GLU C 88 -29.07 -25.05 1.70
C GLU C 88 -29.77 -23.80 1.21
N VAL C 89 -30.97 -23.55 1.71
CA VAL C 89 -31.88 -22.56 1.15
C VAL C 89 -32.23 -21.55 2.24
N THR C 90 -32.16 -20.27 1.88
CA THR C 90 -32.50 -19.18 2.78
C THR C 90 -33.45 -18.24 2.06
N VAL C 91 -34.52 -17.83 2.75
CA VAL C 91 -35.45 -16.83 2.23
C VAL C 91 -35.30 -15.57 3.05
N LEU C 92 -35.08 -14.45 2.37
CA LEU C 92 -34.93 -13.16 3.02
C LEU C 92 -35.58 -12.09 2.15
N THR C 93 -35.66 -10.88 2.68
CA THR C 93 -36.23 -9.76 1.95
C THR C 93 -35.12 -8.84 1.47
N ASN C 94 -35.45 -8.07 0.42
CA ASN C 94 -34.51 -7.10 -0.13
C ASN C 94 -34.18 -6.00 0.87
N SER C 95 -35.11 -5.67 1.76
CA SER C 95 -34.96 -4.56 2.68
C SER C 95 -35.85 -4.81 3.89
N PRO C 96 -35.71 -4.03 4.95
CA PRO C 96 -36.65 -4.13 6.07
C PRO C 96 -38.10 -4.02 5.58
N VAL C 97 -38.94 -4.90 6.08
CA VAL C 97 -40.29 -5.06 5.56
C VAL C 97 -41.23 -4.10 6.28
N GLU C 98 -41.96 -3.30 5.50
CA GLU C 98 -43.00 -2.41 6.01
C GLU C 98 -44.30 -2.78 5.31
N LEU C 99 -45.38 -2.87 6.08
CA LEU C 99 -46.67 -3.29 5.52
C LEU C 99 -47.11 -2.35 4.40
N ARG C 100 -47.64 -2.94 3.33
CA ARG C 100 -48.17 -2.23 2.18
C ARG C 100 -47.12 -1.42 1.43
N GLU C 101 -45.83 -1.62 1.74
CA GLU C 101 -44.73 -0.99 1.03
C GLU C 101 -43.99 -2.03 0.21
N PRO C 102 -43.92 -1.88 -1.11
CA PRO C 102 -43.39 -2.96 -1.96
C PRO C 102 -41.99 -3.40 -1.54
N ASN C 103 -41.76 -4.71 -1.61
CA ASN C 103 -40.49 -5.31 -1.25
C ASN C 103 -40.25 -6.48 -2.22
N VAL C 104 -39.19 -7.24 -1.98
CA VAL C 104 -38.83 -8.37 -2.83
C VAL C 104 -38.39 -9.53 -1.94
N LEU C 105 -38.99 -10.69 -2.17
CA LEU C 105 -38.55 -11.92 -1.51
C LEU C 105 -37.39 -12.51 -2.30
N ILE C 106 -36.30 -12.84 -1.61
CA ILE C 106 -35.14 -13.46 -2.21
C ILE C 106 -35.05 -14.89 -1.69
N CYS C 107 -34.98 -15.84 -2.61
CA CYS C 107 -34.71 -17.23 -2.27
C CYS C 107 -33.26 -17.52 -2.69
N PHE C 108 -32.40 -17.73 -1.70
CA PHE C 108 -30.98 -17.94 -1.93
C PHE C 108 -30.68 -19.43 -1.83
N ILE C 109 -30.26 -20.02 -2.95
CA ILE C 109 -29.98 -21.45 -3.04
C ILE C 109 -28.48 -21.61 -3.14
N ASP C 110 -27.88 -22.31 -2.18
CA ASP C 110 -26.45 -22.21 -1.96
C ASP C 110 -25.83 -23.57 -1.71
N LYS C 111 -24.57 -23.72 -2.15
CA LYS C 111 -23.70 -24.86 -1.82
C LYS C 111 -24.24 -26.18 -2.36
N PHE C 112 -24.47 -26.23 -3.67
CA PHE C 112 -25.01 -27.43 -4.29
C PHE C 112 -24.31 -27.73 -5.60
N THR C 113 -24.40 -29.00 -5.99
CA THR C 113 -23.96 -29.49 -7.31
C THR C 113 -24.61 -30.87 -7.51
N PRO C 114 -24.90 -31.24 -8.76
CA PRO C 114 -24.76 -30.54 -10.05
C PRO C 114 -25.69 -29.34 -10.17
N PRO C 115 -25.43 -28.43 -11.22
CA PRO C 115 -26.26 -27.21 -11.38
C PRO C 115 -27.58 -27.49 -12.09
N VAL C 116 -28.44 -28.27 -11.42
CA VAL C 116 -29.81 -28.50 -11.87
C VAL C 116 -30.71 -28.42 -10.65
N VAL C 117 -31.71 -27.54 -10.69
CA VAL C 117 -32.57 -27.31 -9.55
C VAL C 117 -33.95 -26.90 -10.06
N ASN C 118 -34.98 -27.27 -9.30
CA ASN C 118 -36.34 -26.82 -9.53
C ASN C 118 -36.76 -25.91 -8.39
N VAL C 119 -37.19 -24.70 -8.74
CA VAL C 119 -37.56 -23.69 -7.75
C VAL C 119 -38.94 -23.14 -8.11
N THR C 120 -39.85 -23.13 -7.13
CA THR C 120 -41.16 -22.54 -7.30
C THR C 120 -41.49 -21.71 -6.05
N TRP C 121 -41.99 -20.50 -6.28
CA TRP C 121 -42.54 -19.68 -5.21
C TRP C 121 -43.96 -20.08 -4.89
N LEU C 122 -44.30 -20.08 -3.61
CA LEU C 122 -45.65 -20.35 -3.14
C LEU C 122 -46.14 -19.19 -2.30
N ARG C 123 -47.35 -18.70 -2.62
CA ARG C 123 -48.07 -17.77 -1.78
C ARG C 123 -49.31 -18.46 -1.26
N ASN C 124 -49.39 -18.62 0.07
CA ASN C 124 -50.51 -19.31 0.70
C ASN C 124 -50.74 -20.69 0.09
N GLY C 125 -49.64 -21.37 -0.24
CA GLY C 125 -49.69 -22.71 -0.78
C GLY C 125 -49.86 -22.79 -2.29
N LYS C 126 -50.08 -21.67 -2.98
CA LYS C 126 -50.31 -21.68 -4.41
C LYS C 126 -49.09 -21.15 -5.16
N PRO C 127 -48.69 -21.80 -6.25
CA PRO C 127 -47.49 -21.36 -6.98
C PRO C 127 -47.68 -19.96 -7.57
N VAL C 128 -46.62 -19.16 -7.47
CA VAL C 128 -46.62 -17.79 -7.99
C VAL C 128 -45.61 -17.71 -9.12
N THR C 129 -45.99 -17.06 -10.21
CA THR C 129 -45.11 -16.85 -11.35
C THR C 129 -45.07 -15.40 -11.81
N THR C 130 -45.78 -14.50 -11.15
CA THR C 130 -45.92 -13.12 -11.60
C THR C 130 -44.76 -12.30 -11.08
N GLY C 131 -44.02 -11.67 -12.00
CA GLY C 131 -42.89 -10.84 -11.62
C GLY C 131 -41.67 -11.58 -11.16
N VAL C 132 -41.70 -12.91 -11.09
CA VAL C 132 -40.57 -13.66 -10.57
C VAL C 132 -39.40 -13.59 -11.55
N SER C 133 -38.19 -13.65 -11.02
CA SER C 133 -36.99 -13.67 -11.82
C SER C 133 -35.96 -14.53 -11.12
N GLU C 134 -34.85 -14.80 -11.81
CA GLU C 134 -33.82 -15.67 -11.27
C GLU C 134 -32.49 -15.33 -11.90
N THR C 135 -31.42 -15.76 -11.25
CA THR C 135 -30.08 -15.69 -11.82
C THR C 135 -29.72 -17.05 -12.41
N VAL C 136 -28.60 -17.07 -13.14
CA VAL C 136 -28.05 -18.34 -13.63
C VAL C 136 -27.29 -18.98 -12.49
N PHE C 137 -26.63 -20.10 -12.76
CA PHE C 137 -25.88 -20.81 -11.72
C PHE C 137 -24.54 -20.11 -11.54
N LEU C 138 -24.35 -19.48 -10.35
CA LEU C 138 -23.22 -18.63 -10.00
C LEU C 138 -22.12 -19.45 -9.32
N PRO C 139 -20.86 -19.07 -9.50
CA PRO C 139 -19.76 -19.87 -8.97
C PRO C 139 -19.49 -19.59 -7.49
N ARG C 140 -18.83 -20.56 -6.87
CA ARG C 140 -18.34 -20.46 -5.49
C ARG C 140 -16.88 -20.87 -5.45
N GLU C 141 -16.18 -20.40 -4.40
CA GLU C 141 -14.77 -20.73 -4.24
C GLU C 141 -14.55 -22.22 -3.99
N ASP C 142 -15.54 -22.93 -3.45
CA ASP C 142 -15.44 -24.37 -3.29
C ASP C 142 -16.03 -25.13 -4.47
N HIS C 143 -16.39 -24.42 -5.54
CA HIS C 143 -16.80 -24.96 -6.84
C HIS C 143 -18.17 -25.60 -6.80
N LEU C 144 -18.91 -25.42 -5.71
CA LEU C 144 -20.35 -25.63 -5.71
C LEU C 144 -21.01 -24.42 -6.36
N PHE C 145 -22.34 -24.36 -6.35
CA PHE C 145 -23.06 -23.31 -7.05
C PHE C 145 -23.93 -22.49 -6.11
N ARG C 146 -24.23 -21.27 -6.56
CA ARG C 146 -25.22 -20.39 -5.96
C ARG C 146 -26.30 -20.08 -6.99
N LYS C 147 -27.47 -19.68 -6.50
CA LYS C 147 -28.54 -19.21 -7.36
C LYS C 147 -29.48 -18.36 -6.54
N PHE C 148 -30.02 -17.32 -7.16
CA PHE C 148 -30.99 -16.43 -6.54
C PHE C 148 -32.29 -16.48 -7.33
N HIS C 149 -33.41 -16.53 -6.62
CA HIS C 149 -34.73 -16.35 -7.20
C HIS C 149 -35.41 -15.19 -6.49
N TYR C 150 -36.19 -14.41 -7.24
CA TYR C 150 -36.76 -13.17 -6.73
C TYR C 150 -38.27 -13.17 -6.94
N LEU C 151 -38.98 -12.63 -5.97
CA LEU C 151 -40.45 -12.48 -6.06
C LEU C 151 -40.83 -11.15 -5.44
N PRO C 152 -41.13 -10.14 -6.27
CA PRO C 152 -41.66 -8.88 -5.74
C PRO C 152 -43.02 -9.12 -5.09
N PHE C 153 -43.23 -8.51 -3.93
CA PHE C 153 -44.47 -8.76 -3.21
C PHE C 153 -44.86 -7.53 -2.39
N LEU C 154 -46.15 -7.46 -2.07
CA LEU C 154 -46.68 -6.44 -1.19
C LEU C 154 -46.86 -7.04 0.20
N PRO C 155 -46.09 -6.62 1.20
CA PRO C 155 -46.15 -7.27 2.50
C PRO C 155 -47.48 -7.07 3.21
N SER C 156 -47.94 -8.11 3.88
CA SER C 156 -49.16 -8.06 4.66
C SER C 156 -49.14 -9.18 5.69
N THR C 157 -49.96 -9.05 6.72
CA THR C 157 -50.07 -10.08 7.74
C THR C 157 -50.84 -11.30 7.26
N GLU C 158 -51.52 -11.21 6.12
CA GLU C 158 -52.41 -12.26 5.65
C GLU C 158 -51.69 -13.31 4.80
N ASP C 159 -50.64 -12.93 4.09
CA ASP C 159 -49.96 -13.82 3.16
C ASP C 159 -48.76 -14.49 3.81
N VAL C 160 -48.63 -15.80 3.58
CA VAL C 160 -47.42 -16.53 3.94
C VAL C 160 -46.78 -17.01 2.64
N TYR C 161 -45.48 -17.27 2.71
CA TYR C 161 -44.71 -17.59 1.51
C TYR C 161 -43.79 -18.79 1.77
N ASP C 162 -43.50 -19.52 0.69
CA ASP C 162 -42.52 -20.60 0.72
C ASP C 162 -41.73 -20.59 -0.58
N CYS C 163 -40.44 -20.89 -0.48
CA CYS C 163 -39.61 -21.21 -1.63
C CYS C 163 -39.39 -22.71 -1.65
N ARG C 164 -39.91 -23.39 -2.66
CA ARG C 164 -39.80 -24.84 -2.76
C ARG C 164 -38.67 -25.18 -3.72
N VAL C 165 -37.72 -25.98 -3.24
CA VAL C 165 -36.48 -26.27 -3.95
C VAL C 165 -36.35 -27.78 -4.12
N GLU C 166 -36.15 -28.22 -5.35
CA GLU C 166 -35.96 -29.64 -5.67
C GLU C 166 -34.55 -29.84 -6.19
N HIS C 167 -33.86 -30.86 -5.67
CA HIS C 167 -32.50 -31.16 -6.09
C HIS C 167 -32.25 -32.64 -5.88
N TRP C 168 -31.43 -33.23 -6.77
CA TRP C 168 -31.21 -34.67 -6.74
C TRP C 168 -30.51 -35.12 -5.47
N GLY C 169 -29.74 -34.25 -4.83
CA GLY C 169 -29.14 -34.61 -3.56
C GLY C 169 -30.07 -34.56 -2.38
N LEU C 170 -31.32 -34.18 -2.61
CA LEU C 170 -32.33 -34.07 -1.57
C LEU C 170 -33.29 -35.26 -1.66
N ASP C 171 -33.74 -35.74 -0.50
CA ASP C 171 -34.70 -36.84 -0.51
C ASP C 171 -36.09 -36.33 -0.88
N GLU C 172 -36.49 -35.18 -0.37
CA GLU C 172 -37.78 -34.59 -0.64
C GLU C 172 -37.59 -33.09 -0.87
N PRO C 173 -38.54 -32.44 -1.53
CA PRO C 173 -38.43 -30.98 -1.76
C PRO C 173 -38.20 -30.20 -0.47
N LEU C 174 -37.28 -29.24 -0.55
CA LEU C 174 -36.96 -28.36 0.55
C LEU C 174 -37.84 -27.12 0.47
N LEU C 175 -38.60 -26.85 1.52
CA LEU C 175 -39.44 -25.67 1.61
C LEU C 175 -38.91 -24.75 2.71
N LYS C 176 -38.69 -23.49 2.36
CA LYS C 176 -38.25 -22.48 3.32
C LYS C 176 -39.34 -21.43 3.43
N HIS C 177 -39.80 -21.20 4.65
CA HIS C 177 -40.98 -20.39 4.91
C HIS C 177 -40.60 -18.93 5.13
N TRP C 178 -41.51 -18.04 4.78
CA TRP C 178 -41.40 -16.64 5.16
C TRP C 178 -42.79 -16.08 5.43
N GLU C 179 -42.90 -15.29 6.49
CA GLU C 179 -44.13 -14.56 6.77
C GLU C 179 -43.77 -13.31 7.57
N PHE C 180 -44.64 -12.30 7.46
CA PHE C 180 -44.45 -11.09 8.25
C PHE C 180 -44.58 -11.42 9.74
N ASP C 181 -43.71 -10.83 10.53
CA ASP C 181 -43.74 -11.03 11.98
C ASP C 181 -44.01 -9.73 12.74
N GLY D 1 -15.84 -0.87 -24.59
CA GLY D 1 -14.89 -1.90 -24.99
C GLY D 1 -15.52 -3.27 -25.13
N TRP D 2 -14.77 -4.21 -25.70
CA TRP D 2 -15.23 -5.58 -25.90
C TRP D 2 -14.54 -6.50 -24.92
N ILE D 3 -15.33 -7.14 -24.05
CA ILE D 3 -14.81 -8.22 -23.22
C ILE D 3 -14.38 -9.38 -24.09
N SER D 4 -13.16 -9.84 -23.89
CA SER D 4 -12.63 -10.99 -24.59
C SER D 4 -12.65 -12.20 -23.67
N LEU D 5 -13.12 -13.32 -24.18
CA LEU D 5 -13.15 -14.55 -23.42
C LEU D 5 -11.80 -15.23 -23.46
N TRP D 6 -11.57 -16.13 -22.51
CA TRP D 6 -10.40 -17.01 -22.57
C TRP D 6 -10.83 -18.32 -23.22
N LYS D 7 -10.22 -18.64 -24.36
CA LYS D 7 -10.63 -19.82 -25.10
C LYS D 7 -10.22 -21.10 -24.38
N GLY D 8 -9.04 -21.11 -23.78
CA GLY D 8 -8.55 -22.33 -23.17
C GLY D 8 -8.02 -23.29 -24.21
N PHE D 9 -7.81 -24.52 -23.78
CA PHE D 9 -7.13 -25.51 -24.60
C PHE D 9 -7.93 -26.81 -24.60
N SER D 10 -7.56 -27.70 -25.51
CA SER D 10 -8.28 -28.95 -25.72
C SER D 10 -7.49 -30.11 -25.14
N PHE D 11 -8.21 -31.03 -24.50
CA PHE D 11 -7.62 -32.21 -23.89
C PHE D 11 -7.37 -33.30 -24.92
N ASP D 28 -34.63 -38.26 -11.68
CA ASP D 28 -33.63 -38.72 -12.62
C ASP D 28 -32.42 -39.27 -11.88
N THR D 29 -32.22 -40.58 -11.95
CA THR D 29 -31.16 -41.25 -11.22
C THR D 29 -29.96 -41.63 -12.08
N ARG D 30 -29.97 -41.29 -13.36
CA ARG D 30 -28.85 -41.68 -14.20
C ARG D 30 -27.65 -40.76 -13.92
N PRO D 31 -26.43 -41.27 -14.09
CA PRO D 31 -25.25 -40.53 -13.63
C PRO D 31 -25.06 -39.21 -14.36
N ARG D 32 -24.50 -38.24 -13.65
CA ARG D 32 -24.16 -36.95 -14.21
C ARG D 32 -22.64 -36.77 -14.23
N PHE D 33 -22.17 -36.06 -15.25
CA PHE D 33 -20.75 -35.76 -15.42
C PHE D 33 -20.63 -34.27 -15.70
N LEU D 34 -19.80 -33.59 -14.91
CA LEU D 34 -19.77 -32.13 -14.88
C LEU D 34 -18.37 -31.63 -15.16
N TRP D 35 -18.28 -30.63 -16.04
CA TRP D 35 -17.02 -30.02 -16.47
C TRP D 35 -17.11 -28.54 -16.15
N GLN D 36 -16.14 -28.04 -15.37
CA GLN D 36 -16.18 -26.67 -14.85
C GLN D 36 -14.88 -25.94 -15.12
N PRO D 37 -14.77 -25.27 -16.27
CA PRO D 37 -13.64 -24.36 -16.45
C PRO D 37 -13.82 -23.09 -15.62
N LYS D 38 -12.73 -22.65 -15.00
CA LYS D 38 -12.70 -21.38 -14.29
C LYS D 38 -11.45 -20.62 -14.69
N ARG D 39 -11.62 -19.42 -15.24
CA ARG D 39 -10.53 -18.52 -15.59
C ARG D 39 -10.57 -17.34 -14.64
N GLU D 40 -9.58 -17.25 -13.77
CA GLU D 40 -9.56 -16.23 -12.73
C GLU D 40 -8.48 -15.21 -13.01
N CYS D 41 -8.84 -13.94 -12.83
CA CYS D 41 -7.88 -12.84 -12.89
C CYS D 41 -7.90 -12.13 -11.55
N HIS D 42 -6.77 -12.16 -10.84
CA HIS D 42 -6.64 -11.56 -9.53
C HIS D 42 -5.84 -10.28 -9.67
N PHE D 43 -6.44 -9.16 -9.27
CA PHE D 43 -5.83 -7.84 -9.43
C PHE D 43 -5.44 -7.29 -8.05
N PHE D 44 -4.21 -6.82 -7.95
CA PHE D 44 -3.69 -6.18 -6.74
C PHE D 44 -3.13 -4.82 -7.12
N ASN D 45 -3.61 -3.77 -6.45
CA ASN D 45 -3.20 -2.40 -6.75
C ASN D 45 -3.53 -2.04 -8.20
N GLY D 46 -4.81 -2.12 -8.53
CA GLY D 46 -5.22 -1.94 -9.91
C GLY D 46 -4.67 -3.08 -10.75
N THR D 47 -4.11 -2.74 -11.91
CA THR D 47 -3.49 -3.73 -12.78
C THR D 47 -1.97 -3.77 -12.61
N GLU D 48 -1.44 -3.25 -11.50
CA GLU D 48 -0.01 -3.33 -11.25
C GLU D 48 0.44 -4.77 -11.12
N ARG D 49 -0.13 -5.49 -10.16
CA ARG D 49 0.14 -6.91 -9.96
C ARG D 49 -1.10 -7.69 -10.34
N VAL D 50 -0.96 -8.60 -11.31
CA VAL D 50 -2.06 -9.40 -11.82
C VAL D 50 -1.65 -10.87 -11.79
N ARG D 51 -2.59 -11.73 -11.39
CA ARG D 51 -2.36 -13.17 -11.36
C ARG D 51 -3.47 -13.85 -12.14
N PHE D 52 -3.09 -14.72 -13.07
CA PHE D 52 -4.03 -15.44 -13.92
C PHE D 52 -4.02 -16.93 -13.60
N LEU D 53 -5.21 -17.52 -13.54
CA LEU D 53 -5.35 -18.96 -13.36
C LEU D 53 -6.34 -19.52 -14.36
N ASP D 54 -5.94 -20.59 -15.04
CA ASP D 54 -6.82 -21.34 -15.93
C ASP D 54 -7.02 -22.71 -15.28
N ARG D 55 -8.22 -22.92 -14.74
CA ARG D 55 -8.49 -24.06 -13.87
C ARG D 55 -9.57 -24.95 -14.50
N TYR D 56 -9.34 -26.26 -14.48
CA TYR D 56 -10.24 -27.23 -15.07
C TYR D 56 -10.72 -28.20 -13.99
N PHE D 57 -12.03 -28.25 -13.80
CA PHE D 57 -12.64 -29.07 -12.76
C PHE D 57 -13.52 -30.14 -13.40
N TYR D 58 -13.29 -31.40 -13.02
CA TYR D 58 -14.13 -32.51 -13.42
C TYR D 58 -14.83 -33.05 -12.17
N ASN D 59 -16.17 -33.03 -12.19
CA ASN D 59 -16.98 -33.46 -11.06
C ASN D 59 -16.51 -32.80 -9.76
N GLN D 60 -16.35 -31.48 -9.81
CA GLN D 60 -16.01 -30.60 -8.69
C GLN D 60 -14.56 -30.75 -8.24
N GLU D 61 -13.76 -31.57 -8.91
CA GLU D 61 -12.38 -31.84 -8.49
C GLU D 61 -11.42 -31.26 -9.51
N GLU D 62 -10.53 -30.38 -9.07
CA GLU D 62 -9.58 -29.76 -9.97
C GLU D 62 -8.63 -30.81 -10.54
N SER D 63 -8.47 -30.81 -11.85
CA SER D 63 -7.61 -31.77 -12.54
C SER D 63 -6.29 -31.16 -13.01
N VAL D 64 -6.35 -30.00 -13.68
CA VAL D 64 -5.17 -29.35 -14.21
C VAL D 64 -5.33 -27.84 -14.05
N ARG D 65 -4.21 -27.16 -13.82
CA ARG D 65 -4.22 -25.73 -13.55
C ARG D 65 -3.00 -25.09 -14.17
N PHE D 66 -3.21 -23.91 -14.77
CA PHE D 66 -2.12 -23.00 -15.09
C PHE D 66 -2.18 -21.83 -14.13
N ASP D 67 -1.08 -21.59 -13.41
CA ASP D 67 -0.97 -20.49 -12.47
C ASP D 67 0.12 -19.56 -12.99
N SER D 68 -0.23 -18.31 -13.27
CA SER D 68 0.74 -17.37 -13.83
C SER D 68 1.90 -17.11 -12.88
N ASP D 69 1.69 -17.28 -11.57
CA ASP D 69 2.79 -17.14 -10.63
C ASP D 69 3.74 -18.33 -10.67
N VAL D 70 3.32 -19.46 -11.25
CA VAL D 70 4.18 -20.61 -11.43
C VAL D 70 4.82 -20.62 -12.81
N GLY D 71 4.05 -20.28 -13.85
CA GLY D 71 4.58 -20.17 -15.18
C GLY D 71 4.44 -21.40 -16.05
N GLU D 72 3.88 -22.48 -15.51
CA GLU D 72 3.66 -23.68 -16.30
C GLU D 72 2.44 -24.41 -15.75
N PHE D 73 1.92 -25.33 -16.55
CA PHE D 73 0.76 -26.11 -16.13
C PHE D 73 1.16 -27.12 -15.06
N ARG D 74 0.22 -27.42 -14.18
CA ARG D 74 0.44 -28.39 -13.10
C ARG D 74 -0.82 -29.24 -12.96
N ALA D 75 -0.62 -30.55 -12.85
CA ALA D 75 -1.73 -31.45 -12.54
C ALA D 75 -2.05 -31.39 -11.05
N VAL D 76 -3.31 -31.14 -10.73
CA VAL D 76 -3.74 -31.17 -9.33
C VAL D 76 -4.08 -32.58 -8.89
N THR D 77 -4.68 -33.37 -9.79
CA THR D 77 -4.94 -34.78 -9.58
C THR D 77 -4.36 -35.56 -10.75
N GLU D 78 -4.40 -36.89 -10.63
CA GLU D 78 -3.86 -37.74 -11.70
C GLU D 78 -4.63 -37.56 -13.00
N LEU D 79 -5.90 -37.18 -12.92
CA LEU D 79 -6.73 -37.04 -14.11
C LEU D 79 -6.17 -36.00 -15.07
N GLY D 80 -5.51 -34.98 -14.56
CA GLY D 80 -4.92 -33.92 -15.37
C GLY D 80 -3.48 -34.12 -15.74
N ARG D 81 -2.84 -35.19 -15.28
CA ARG D 81 -1.41 -35.38 -15.52
C ARG D 81 -1.05 -35.45 -17.00
N PRO D 82 -1.77 -36.18 -17.86
CA PRO D 82 -1.39 -36.18 -19.28
C PRO D 82 -1.39 -34.79 -19.92
N ASP D 83 -2.41 -33.98 -19.63
CA ASP D 83 -2.56 -32.69 -20.30
C ASP D 83 -1.58 -31.66 -19.77
N ALA D 84 -1.24 -31.71 -18.48
CA ALA D 84 -0.22 -30.81 -17.95
C ALA D 84 1.12 -31.05 -18.63
N GLU D 85 1.49 -32.31 -18.81
CA GLU D 85 2.78 -32.64 -19.45
C GLU D 85 2.79 -32.19 -20.90
N TYR D 86 1.75 -32.52 -21.66
CA TYR D 86 1.72 -32.16 -23.08
C TYR D 86 1.71 -30.65 -23.27
N TRP D 87 0.88 -29.94 -22.50
CA TRP D 87 0.80 -28.49 -22.66
C TRP D 87 2.12 -27.83 -22.30
N ASN D 88 2.83 -28.35 -21.29
CA ASN D 88 4.12 -27.80 -20.93
C ASN D 88 5.18 -28.05 -22.00
N SER D 89 4.99 -29.07 -22.86
CA SER D 89 5.95 -29.30 -23.93
C SER D 89 5.70 -28.41 -25.15
N GLN D 90 4.53 -27.78 -25.22
CA GLN D 90 4.16 -26.98 -26.38
C GLN D 90 4.54 -25.52 -26.13
N LYS D 91 5.51 -25.03 -26.91
CA LYS D 91 5.99 -23.67 -26.76
C LYS D 91 4.88 -22.66 -26.98
N ASP D 92 4.01 -22.93 -27.95
CA ASP D 92 3.03 -21.94 -28.37
C ASP D 92 1.87 -21.87 -27.37
N ILE D 93 1.40 -23.02 -26.91
CA ILE D 93 0.34 -23.04 -25.90
C ILE D 93 0.84 -22.42 -24.60
N LEU D 94 2.07 -22.74 -24.21
CA LEU D 94 2.61 -22.22 -22.95
C LEU D 94 2.74 -20.71 -22.98
N GLU D 95 3.20 -20.16 -24.12
CA GLU D 95 3.35 -18.71 -24.21
C GLU D 95 2.01 -18.00 -24.35
N GLN D 96 0.98 -18.68 -24.86
CA GLN D 96 -0.37 -18.12 -24.82
C GLN D 96 -0.82 -17.92 -23.39
N ALA D 97 -0.64 -18.95 -22.54
CA ALA D 97 -1.05 -18.85 -21.14
C ALA D 97 -0.27 -17.78 -20.40
N ARG D 98 1.05 -17.73 -20.60
CA ARG D 98 1.88 -16.75 -19.91
C ARG D 98 1.56 -15.32 -20.33
N ALA D 99 0.94 -15.14 -21.51
CA ALA D 99 0.52 -13.82 -21.95
C ALA D 99 -0.87 -13.43 -21.46
N ALA D 100 -1.61 -14.37 -20.86
CA ALA D 100 -2.99 -14.11 -20.47
C ALA D 100 -3.12 -12.93 -19.52
N VAL D 101 -2.11 -12.72 -18.67
CA VAL D 101 -2.14 -11.59 -17.75
C VAL D 101 -2.28 -10.28 -18.51
N ASP D 102 -1.82 -10.26 -19.76
CA ASP D 102 -1.91 -9.08 -20.63
C ASP D 102 -3.06 -9.18 -21.63
N THR D 103 -3.10 -10.25 -22.43
CA THR D 103 -4.13 -10.36 -23.46
C THR D 103 -5.54 -10.53 -22.89
N TYR D 104 -5.67 -10.98 -21.64
CA TYR D 104 -6.97 -11.34 -21.08
C TYR D 104 -7.30 -10.52 -19.83
N CYS D 105 -6.52 -10.66 -18.76
CA CYS D 105 -6.86 -10.03 -17.49
C CYS D 105 -6.82 -8.50 -17.58
N ARG D 106 -5.66 -7.94 -17.93
CA ARG D 106 -5.53 -6.48 -17.93
C ARG D 106 -6.43 -5.83 -18.97
N HIS D 107 -6.67 -6.50 -20.10
CA HIS D 107 -7.62 -5.98 -21.08
C HIS D 107 -9.02 -5.87 -20.47
N ASN D 108 -9.55 -6.99 -19.97
CA ASN D 108 -10.90 -7.00 -19.43
C ASN D 108 -11.04 -6.04 -18.26
N TYR D 109 -9.97 -5.83 -17.49
CA TYR D 109 -10.04 -4.89 -16.38
C TYR D 109 -10.36 -3.49 -16.90
N GLY D 110 -9.67 -3.07 -17.97
CA GLY D 110 -9.91 -1.74 -18.52
C GLY D 110 -11.30 -1.58 -19.10
N VAL D 111 -11.89 -2.68 -19.60
CA VAL D 111 -13.23 -2.60 -20.19
C VAL D 111 -14.29 -2.38 -19.11
N VAL D 112 -14.21 -3.13 -18.01
CA VAL D 112 -15.28 -3.13 -17.01
C VAL D 112 -14.99 -2.26 -15.80
N GLU D 113 -13.78 -1.67 -15.71
CA GLU D 113 -13.39 -0.98 -14.48
C GLU D 113 -14.34 0.15 -14.11
N SER D 114 -14.89 0.85 -15.10
CA SER D 114 -15.65 2.06 -14.81
C SER D 114 -16.96 1.77 -14.08
N PHE D 115 -17.59 0.61 -14.33
CA PHE D 115 -18.86 0.29 -13.70
C PHE D 115 -18.77 -0.87 -12.72
N THR D 116 -17.56 -1.33 -12.39
CA THR D 116 -17.37 -2.40 -11.42
C THR D 116 -16.46 -1.95 -10.29
N VAL D 117 -15.17 -1.75 -10.56
CA VAL D 117 -14.24 -1.27 -9.53
C VAL D 117 -14.68 0.08 -8.97
N GLN D 118 -15.27 0.93 -9.81
CA GLN D 118 -15.63 2.28 -9.41
C GLN D 118 -17.06 2.39 -8.91
N ARG D 119 -17.85 1.32 -8.96
CA ARG D 119 -19.24 1.38 -8.53
C ARG D 119 -19.33 1.62 -7.03
N ARG D 120 -20.11 2.64 -6.65
CA ARG D 120 -20.30 3.01 -5.24
CA ARG D 120 -20.31 2.98 -5.25
C ARG D 120 -21.76 3.36 -5.03
N VAL D 121 -22.45 2.58 -4.20
CA VAL D 121 -23.86 2.83 -3.87
C VAL D 121 -23.98 2.95 -2.36
N GLN D 122 -24.49 4.10 -1.90
CA GLN D 122 -24.52 4.37 -0.47
C GLN D 122 -25.53 3.46 0.23
N PRO D 123 -25.22 2.98 1.42
CA PRO D 123 -26.20 2.22 2.20
C PRO D 123 -27.37 3.07 2.64
N LYS D 124 -28.54 2.44 2.76
CA LYS D 124 -29.66 3.00 3.49
C LYS D 124 -29.60 2.47 4.92
N VAL D 125 -29.50 3.38 5.89
CA VAL D 125 -29.33 3.01 7.30
C VAL D 125 -30.57 3.44 8.07
N THR D 126 -31.19 2.48 8.76
CA THR D 126 -32.30 2.75 9.67
C THR D 126 -32.09 1.95 10.95
N VAL D 127 -32.68 2.44 12.03
CA VAL D 127 -32.58 1.82 13.34
C VAL D 127 -34.00 1.56 13.84
N TYR D 128 -34.23 0.38 14.39
CA TYR D 128 -35.55 0.06 14.93
C TYR D 128 -35.42 -0.97 16.03
N PRO D 129 -36.28 -0.91 17.05
CA PRO D 129 -36.24 -1.90 18.12
C PRO D 129 -36.82 -3.23 17.66
N SER D 130 -36.43 -4.30 18.35
CA SER D 130 -36.90 -5.64 18.05
C SER D 130 -36.86 -6.46 19.33
N LYS D 131 -37.06 -7.77 19.19
CA LYS D 131 -37.10 -8.69 20.33
C LYS D 131 -36.43 -10.00 19.97
N THR D 132 -35.66 -10.54 20.91
CA THR D 132 -35.02 -11.84 20.70
C THR D 132 -36.07 -12.95 20.62
N GLN D 133 -37.10 -12.87 21.44
CA GLN D 133 -38.19 -13.84 21.45
C GLN D 133 -39.45 -13.10 21.85
N PRO D 134 -40.62 -13.76 21.77
CA PRO D 134 -41.83 -13.14 22.32
C PRO D 134 -41.64 -12.71 23.76
N LEU D 135 -41.31 -11.45 23.96
CA LEU D 135 -41.09 -10.83 25.26
C LEU D 135 -42.02 -9.65 25.43
N GLN D 136 -41.95 -9.02 26.59
CA GLN D 136 -42.79 -7.86 26.87
C GLN D 136 -42.17 -6.59 26.30
N HIS D 137 -40.95 -6.26 26.74
CA HIS D 137 -40.28 -5.03 26.31
CA HIS D 137 -40.28 -5.03 26.32
C HIS D 137 -39.14 -5.36 25.35
N HIS D 138 -39.00 -4.52 24.33
CA HIS D 138 -37.96 -4.69 23.33
C HIS D 138 -36.58 -4.81 23.96
N ASN D 139 -35.82 -5.82 23.53
CA ASN D 139 -34.47 -6.05 24.04
C ASN D 139 -33.42 -6.05 22.93
N LEU D 140 -33.75 -5.49 21.77
CA LEU D 140 -32.80 -5.37 20.67
C LEU D 140 -32.97 -4.05 19.97
N LEU D 141 -31.86 -3.39 19.68
CA LEU D 141 -31.81 -2.30 18.72
C LEU D 141 -31.14 -2.82 17.45
N VAL D 142 -31.84 -2.71 16.33
CA VAL D 142 -31.37 -3.24 15.06
C VAL D 142 -30.90 -2.07 14.20
N CYS D 143 -29.65 -2.12 13.76
CA CYS D 143 -29.15 -1.20 12.75
C CYS D 143 -29.20 -1.92 11.41
N SER D 144 -30.13 -1.51 10.55
CA SER D 144 -30.30 -2.12 9.24
C SER D 144 -29.52 -1.30 8.22
N VAL D 145 -28.60 -1.97 7.53
CA VAL D 145 -27.77 -1.36 6.50
C VAL D 145 -28.01 -2.14 5.23
N SER D 146 -28.62 -1.51 4.22
CA SER D 146 -29.03 -2.26 3.04
C SER D 146 -28.81 -1.45 1.77
N GLY D 147 -28.70 -2.18 0.66
CA GLY D 147 -28.62 -1.59 -0.65
C GLY D 147 -27.28 -1.05 -1.07
N PHE D 148 -26.20 -1.43 -0.38
CA PHE D 148 -24.90 -0.81 -0.62
C PHE D 148 -24.02 -1.65 -1.54
N TYR D 149 -23.06 -0.96 -2.15
CA TYR D 149 -21.99 -1.58 -2.93
C TYR D 149 -20.80 -0.62 -2.88
N PRO D 150 -19.59 -1.16 -2.67
CA PRO D 150 -19.24 -2.58 -2.52
C PRO D 150 -19.49 -3.14 -1.13
N GLY D 151 -19.01 -4.38 -0.91
CA GLY D 151 -19.33 -5.09 0.32
C GLY D 151 -18.53 -4.65 1.53
N SER D 152 -17.41 -3.95 1.33
CA SER D 152 -16.63 -3.44 2.44
C SER D 152 -17.47 -2.47 3.27
N ILE D 153 -17.66 -2.79 4.55
CA ILE D 153 -18.47 -1.96 5.43
C ILE D 153 -18.09 -2.24 6.86
N GLU D 154 -18.24 -1.23 7.71
CA GLU D 154 -18.07 -1.37 9.16
C GLU D 154 -19.23 -0.68 9.85
N VAL D 155 -19.85 -1.38 10.79
CA VAL D 155 -21.03 -0.90 11.50
C VAL D 155 -20.70 -0.93 12.99
N ARG D 156 -20.85 0.21 13.66
CA ARG D 156 -20.53 0.34 15.07
C ARG D 156 -21.70 0.92 15.84
N TRP D 157 -21.89 0.44 17.06
CA TRP D 157 -22.92 0.95 17.96
C TRP D 157 -22.29 1.84 19.02
N PHE D 158 -22.99 2.93 19.34
CA PHE D 158 -22.55 3.86 20.38
C PHE D 158 -23.70 4.13 21.34
N LEU D 159 -23.37 4.23 22.63
CA LEU D 159 -24.31 4.65 23.66
C LEU D 159 -23.72 5.87 24.36
N ASN D 160 -24.28 7.05 24.07
CA ASN D 160 -23.82 8.32 24.62
C ASN D 160 -22.32 8.52 24.33
N GLY D 161 -21.99 8.48 23.04
CA GLY D 161 -20.64 8.71 22.58
C GLY D 161 -19.65 7.63 22.88
N GLN D 162 -20.03 6.61 23.66
CA GLN D 162 -19.13 5.53 24.04
C GLN D 162 -19.45 4.31 23.19
N GLU D 163 -18.41 3.74 22.56
CA GLU D 163 -18.62 2.61 21.66
C GLU D 163 -19.05 1.37 22.43
N GLU D 164 -20.23 0.86 22.11
CA GLU D 164 -20.72 -0.39 22.70
C GLU D 164 -20.15 -1.56 21.92
N LYS D 165 -19.32 -2.38 22.59
CA LYS D 165 -18.68 -3.53 21.99
C LYS D 165 -19.27 -4.85 22.45
N ALA D 166 -20.01 -4.87 23.55
CA ALA D 166 -20.61 -6.08 24.08
C ALA D 166 -22.06 -6.19 23.65
N GLY D 167 -22.56 -7.42 23.60
CA GLY D 167 -23.95 -7.68 23.30
C GLY D 167 -24.36 -7.35 21.88
N MET D 168 -23.58 -7.79 20.89
CA MET D 168 -23.87 -7.53 19.50
C MET D 168 -23.85 -8.83 18.69
N VAL D 169 -24.87 -8.98 17.83
CA VAL D 169 -24.93 -10.06 16.87
C VAL D 169 -25.13 -9.45 15.50
N SER D 170 -24.45 -10.00 14.49
CA SER D 170 -24.54 -9.51 13.13
C SER D 170 -24.92 -10.64 12.19
N THR D 171 -25.73 -10.32 11.19
CA THR D 171 -26.01 -11.26 10.10
C THR D 171 -24.78 -11.52 9.24
N GLY D 172 -23.77 -10.66 9.32
CA GLY D 172 -22.69 -10.69 8.37
C GLY D 172 -23.11 -10.09 7.04
N LEU D 173 -22.18 -10.08 6.10
CA LEU D 173 -22.44 -9.50 4.79
C LEU D 173 -23.36 -10.43 4.00
N ILE D 174 -24.52 -9.93 3.61
CA ILE D 174 -25.49 -10.70 2.83
C ILE D 174 -25.46 -10.17 1.40
N GLN D 175 -25.18 -11.07 0.45
CA GLN D 175 -25.11 -10.71 -0.96
C GLN D 175 -26.48 -10.94 -1.59
N ASN D 176 -27.08 -9.87 -2.12
CA ASN D 176 -28.41 -9.95 -2.70
C ASN D 176 -28.43 -10.48 -4.14
N GLY D 177 -27.26 -10.64 -4.76
CA GLY D 177 -27.20 -11.15 -6.12
C GLY D 177 -27.50 -10.16 -7.21
N ASP D 178 -27.79 -8.89 -6.87
CA ASP D 178 -28.14 -7.87 -7.83
C ASP D 178 -27.21 -6.67 -7.71
N TRP D 179 -25.96 -6.93 -7.32
CA TRP D 179 -24.93 -5.91 -7.09
C TRP D 179 -25.30 -4.99 -5.92
N THR D 180 -26.01 -5.50 -4.92
CA THR D 180 -26.18 -4.81 -3.65
C THR D 180 -25.95 -5.79 -2.51
N PHE D 181 -25.57 -5.24 -1.36
CA PHE D 181 -25.40 -5.99 -0.14
C PHE D 181 -26.33 -5.45 0.94
N GLN D 182 -26.44 -6.19 2.04
CA GLN D 182 -27.25 -5.79 3.18
C GLN D 182 -26.68 -6.46 4.41
N THR D 183 -26.85 -5.81 5.55
CA THR D 183 -26.42 -6.40 6.82
C THR D 183 -27.24 -5.81 7.96
N LEU D 184 -27.44 -6.61 8.99
CA LEU D 184 -28.13 -6.19 10.20
C LEU D 184 -27.20 -6.42 11.38
N VAL D 185 -27.08 -5.41 12.23
CA VAL D 185 -26.26 -5.49 13.43
C VAL D 185 -27.17 -5.20 14.61
N MET D 186 -27.42 -6.20 15.44
CA MET D 186 -28.35 -6.09 16.55
C MET D 186 -27.57 -5.80 17.83
N LEU D 187 -28.04 -4.81 18.60
CA LEU D 187 -27.49 -4.50 19.90
C LEU D 187 -28.42 -5.06 20.97
N GLU D 188 -27.88 -5.91 21.84
CA GLU D 188 -28.67 -6.51 22.92
C GLU D 188 -28.75 -5.49 24.06
N THR D 189 -29.92 -4.88 24.23
CA THR D 189 -30.11 -3.87 25.24
C THR D 189 -31.60 -3.63 25.46
N VAL D 190 -31.99 -3.45 26.72
CA VAL D 190 -33.32 -2.96 27.04
C VAL D 190 -33.19 -1.45 27.19
N PRO D 191 -33.59 -0.66 26.20
CA PRO D 191 -33.30 0.77 26.22
C PRO D 191 -33.95 1.47 27.40
N ARG D 192 -33.20 2.40 28.00
CA ARG D 192 -33.68 3.20 29.11
C ARG D 192 -33.92 4.62 28.62
N SER D 193 -35.02 5.23 29.05
CA SER D 193 -35.36 6.57 28.58
C SER D 193 -34.24 7.55 28.93
N GLY D 194 -33.98 8.47 28.00
CA GLY D 194 -32.87 9.40 28.12
C GLY D 194 -31.57 8.91 27.54
N GLU D 195 -31.51 7.66 27.08
CA GLU D 195 -30.32 7.12 26.42
C GLU D 195 -30.37 7.42 24.94
N VAL D 196 -29.25 7.86 24.40
CA VAL D 196 -29.12 8.15 22.98
C VAL D 196 -28.20 7.11 22.36
N TYR D 197 -28.75 6.30 21.45
CA TYR D 197 -27.99 5.30 20.73
C TYR D 197 -27.66 5.81 19.34
N THR D 198 -26.44 5.54 18.89
CA THR D 198 -26.00 5.94 17.56
C THR D 198 -25.45 4.72 16.83
N CYS D 199 -25.97 4.47 15.64
CA CYS D 199 -25.37 3.51 14.72
C CYS D 199 -24.49 4.26 13.73
N GLN D 200 -23.23 3.84 13.64
CA GLN D 200 -22.26 4.48 12.76
C GLN D 200 -21.88 3.50 11.66
N VAL D 201 -21.91 3.97 10.40
CA VAL D 201 -21.59 3.16 9.25
C VAL D 201 -20.49 3.84 8.46
N GLU D 202 -19.42 3.11 8.18
CA GLU D 202 -18.37 3.57 7.29
C GLU D 202 -18.38 2.69 6.04
N HIS D 203 -18.40 3.34 4.88
CA HIS D 203 -18.55 2.66 3.61
C HIS D 203 -17.83 3.50 2.58
N PRO D 204 -17.13 2.89 1.62
CA PRO D 204 -16.33 3.68 0.66
C PRO D 204 -17.16 4.63 -0.19
N SER D 205 -18.48 4.51 -0.18
CA SER D 205 -19.34 5.43 -0.91
C SER D 205 -19.47 6.79 -0.22
N VAL D 206 -19.05 6.91 1.04
CA VAL D 206 -19.11 8.15 1.78
C VAL D 206 -17.73 8.49 2.32
N THR D 207 -17.40 9.78 2.34
CA THR D 207 -16.10 10.23 2.81
C THR D 207 -16.07 10.29 4.34
N SER D 208 -17.15 10.73 4.96
CA SER D 208 -17.30 10.76 6.40
C SER D 208 -18.22 9.62 6.85
N PRO D 209 -18.20 9.26 8.13
CA PRO D 209 -19.12 8.23 8.62
C PRO D 209 -20.59 8.68 8.56
N LEU D 210 -21.46 7.71 8.32
CA LEU D 210 -22.90 7.91 8.42
C LEU D 210 -23.36 7.57 9.84
N THR D 211 -24.22 8.42 10.40
CA THR D 211 -24.73 8.21 11.74
C THR D 211 -26.24 8.29 11.74
N VAL D 212 -26.88 7.40 12.51
CA VAL D 212 -28.33 7.41 12.71
C VAL D 212 -28.59 7.22 14.19
N GLU D 213 -29.27 8.19 14.80
CA GLU D 213 -29.52 8.17 16.24
C GLU D 213 -30.90 7.59 16.52
N TRP D 214 -31.04 6.99 17.71
CA TRP D 214 -32.32 6.44 18.15
C TRP D 214 -32.49 6.73 19.63
N ARG D 215 -33.67 7.22 20.01
CA ARG D 215 -34.00 7.53 21.39
C ARG D 215 -35.29 6.83 21.78
N ALA D 216 -35.35 6.41 23.04
CA ALA D 216 -36.52 5.70 23.56
C ALA D 216 -37.73 6.62 23.69
N GLU E 4 27.41 -4.31 18.78
CA GLU E 4 28.05 -3.11 19.33
C GLU E 4 27.59 -1.86 18.59
N HIS E 5 26.90 -0.97 19.32
CA HIS E 5 26.35 0.24 18.73
C HIS E 5 26.46 1.38 19.74
N VAL E 6 26.45 2.60 19.21
CA VAL E 6 26.58 3.81 20.02
C VAL E 6 25.53 4.82 19.55
N ILE E 7 24.76 5.34 20.50
CA ILE E 7 23.82 6.43 20.24
C ILE E 7 24.26 7.63 21.07
N ILE E 8 24.38 8.78 20.40
CA ILE E 8 24.89 9.98 21.05
C ILE E 8 23.90 11.13 20.86
N GLN E 9 23.45 11.72 21.96
CA GLN E 9 22.75 12.99 21.93
C GLN E 9 23.80 14.10 22.04
N ALA E 10 24.01 14.82 20.93
CA ALA E 10 25.03 15.85 20.87
C ALA E 10 24.36 17.21 20.71
N GLU E 11 24.69 18.13 21.62
CA GLU E 11 24.16 19.49 21.59
C GLU E 11 25.33 20.46 21.66
N PHE E 12 25.06 21.71 21.31
CA PHE E 12 26.03 22.76 21.61
C PHE E 12 25.30 24.10 21.68
N TYR E 13 25.94 25.03 22.38
CA TYR E 13 25.56 26.44 22.35
C TYR E 13 26.84 27.25 22.25
N LEU E 14 26.82 28.28 21.42
CA LEU E 14 28.01 29.06 21.10
C LEU E 14 27.73 30.54 21.33
N ASN E 15 28.54 31.17 22.16
CA ASN E 15 28.52 32.62 22.34
C ASN E 15 29.72 33.25 21.67
N PRO E 16 29.61 34.51 21.22
CA PRO E 16 28.43 35.39 21.32
C PRO E 16 27.44 35.20 20.19
N ASP E 17 27.70 34.23 19.31
CA ASP E 17 26.82 34.00 18.16
C ASP E 17 25.41 33.63 18.58
N GLN E 18 25.24 33.08 19.79
CA GLN E 18 23.93 32.60 20.25
C GLN E 18 23.39 31.52 19.31
N SER E 19 24.26 30.60 18.90
CA SER E 19 23.89 29.48 18.05
C SER E 19 23.81 28.21 18.88
N GLY E 20 22.74 27.45 18.68
CA GLY E 20 22.58 26.17 19.36
C GLY E 20 21.96 25.15 18.42
N GLU E 21 22.39 23.90 18.58
CA GLU E 21 21.86 22.79 17.80
C GLU E 21 21.67 21.59 18.72
N PHE E 22 20.86 20.64 18.22
CA PHE E 22 20.48 19.46 18.99
C PHE E 22 20.23 18.33 18.01
N MET E 23 20.91 17.19 18.19
CA MET E 23 20.77 16.10 17.24
C MET E 23 21.08 14.77 17.92
N PHE E 24 20.55 13.70 17.33
CA PHE E 24 20.86 12.32 17.72
C PHE E 24 21.71 11.67 16.64
N ASP E 25 22.73 10.94 17.08
CA ASP E 25 23.69 10.28 16.20
C ASP E 25 23.68 8.78 16.48
N PHE E 26 23.54 7.97 15.43
CA PHE E 26 23.64 6.51 15.54
C PHE E 26 24.83 6.04 14.71
N ASP E 27 25.85 5.52 15.40
CA ASP E 27 27.04 4.95 14.76
C ASP E 27 27.63 5.92 13.72
N GLY E 28 27.62 7.21 14.03
CA GLY E 28 28.19 8.21 13.16
C GLY E 28 27.24 8.86 12.18
N ASP E 29 26.03 8.33 12.01
CA ASP E 29 25.04 8.94 11.15
C ASP E 29 23.97 9.64 11.98
N GLU E 30 23.37 10.68 11.40
CA GLU E 30 22.39 11.48 12.11
C GLU E 30 21.02 10.82 12.01
N ILE E 31 20.37 10.65 13.16
CA ILE E 31 18.97 10.21 13.17
C ILE E 31 18.04 11.38 12.90
N PHE E 32 18.18 12.44 13.68
CA PHE E 32 17.41 13.66 13.49
C PHE E 32 18.15 14.81 14.13
N HIS E 33 17.72 16.02 13.80
CA HIS E 33 18.07 17.23 14.54
C HIS E 33 16.81 18.04 14.77
N VAL E 34 16.92 19.07 15.59
CA VAL E 34 15.78 19.94 15.91
C VAL E 34 16.04 21.31 15.33
N ASP E 35 15.15 21.74 14.43
CA ASP E 35 15.18 23.08 13.86
C ASP E 35 14.76 24.07 14.94
N MET E 36 15.73 24.82 15.47
CA MET E 36 15.45 25.74 16.57
C MET E 36 14.46 26.83 16.16
N ALA E 37 14.57 27.32 14.92
CA ALA E 37 13.70 28.41 14.47
C ALA E 37 12.27 27.94 14.35
N LYS E 38 12.05 26.80 13.70
CA LYS E 38 10.74 26.27 13.45
C LYS E 38 10.24 25.33 14.55
N LYS E 39 11.03 25.09 15.60
CA LYS E 39 10.56 24.29 16.75
C LYS E 39 10.16 22.89 16.28
N GLU E 40 10.95 22.33 15.36
CA GLU E 40 10.51 21.20 14.57
C GLU E 40 11.59 20.11 14.53
N THR E 41 11.14 18.86 14.64
CA THR E 41 12.02 17.70 14.48
C THR E 41 12.23 17.42 13.00
N VAL E 42 13.50 17.36 12.57
CA VAL E 42 13.86 17.10 11.18
C VAL E 42 14.58 15.76 11.13
N TRP E 43 13.94 14.75 10.54
CA TRP E 43 14.56 13.43 10.42
C TRP E 43 15.51 13.39 9.24
N ARG E 44 16.65 12.71 9.42
CA ARG E 44 17.68 12.69 8.38
C ARG E 44 17.15 11.99 7.13
N LEU E 45 16.46 10.88 7.31
CA LEU E 45 15.70 10.24 6.24
C LEU E 45 14.22 10.37 6.57
N GLU E 46 13.43 10.81 5.59
CA GLU E 46 12.01 11.05 5.81
C GLU E 46 11.32 9.83 6.40
N GLU E 47 11.75 8.64 6.00
CA GLU E 47 11.14 7.40 6.48
C GLU E 47 11.27 7.24 7.99
N PHE E 48 12.30 7.83 8.60
CA PHE E 48 12.48 7.67 10.04
C PHE E 48 11.26 8.19 10.82
N GLY E 49 10.66 9.28 10.35
CA GLY E 49 9.51 9.85 11.02
C GLY E 49 8.27 8.99 10.98
N ARG E 50 8.27 7.92 10.19
CA ARG E 50 7.16 6.97 10.17
C ARG E 50 7.34 5.85 11.18
N PHE E 51 8.45 5.82 11.92
CA PHE E 51 8.70 4.80 12.92
C PHE E 51 8.93 5.35 14.32
N ALA E 52 9.17 6.65 14.47
CA ALA E 52 9.44 7.21 15.78
C ALA E 52 9.06 8.69 15.78
N SER E 53 9.04 9.27 16.97
CA SER E 53 8.66 10.66 17.16
C SER E 53 9.56 11.29 18.21
N PHE E 54 9.67 12.62 18.16
CA PHE E 54 10.39 13.37 19.18
C PHE E 54 9.75 14.73 19.35
N GLU E 55 9.54 15.13 20.60
CA GLU E 55 9.01 16.46 20.91
C GLU E 55 10.14 17.47 20.88
N ALA E 56 10.14 18.32 19.85
CA ALA E 56 11.21 19.29 19.67
C ALA E 56 11.23 20.33 20.79
N GLN E 57 10.10 20.51 21.48
CA GLN E 57 10.05 21.44 22.60
C GLN E 57 11.10 21.08 23.65
N GLY E 58 11.30 19.78 23.89
CA GLY E 58 12.31 19.37 24.85
C GLY E 58 13.71 19.81 24.46
N ALA E 59 14.01 19.78 23.16
CA ALA E 59 15.33 20.21 22.70
C ALA E 59 15.54 21.71 22.92
N LEU E 60 14.52 22.53 22.69
CA LEU E 60 14.63 23.95 22.99
C LEU E 60 14.89 24.18 24.47
N ALA E 61 14.34 23.35 25.34
CA ALA E 61 14.58 23.50 26.77
C ALA E 61 16.03 23.16 27.12
N ASN E 62 16.59 22.11 26.50
CA ASN E 62 17.98 21.77 26.75
C ASN E 62 18.92 22.86 26.29
N ILE E 63 18.65 23.48 25.14
CA ILE E 63 19.50 24.55 24.64
C ILE E 63 19.49 25.73 25.61
N ALA E 64 18.33 25.99 26.23
CA ALA E 64 18.26 27.05 27.24
C ALA E 64 19.15 26.74 28.43
N VAL E 65 19.13 25.49 28.91
CA VAL E 65 20.02 25.09 29.99
C VAL E 65 21.47 25.15 29.53
N ASP E 66 21.75 24.73 28.29
CA ASP E 66 23.10 24.83 27.75
C ASP E 66 23.60 26.26 27.78
N LYS E 67 22.75 27.22 27.41
CA LYS E 67 23.15 28.63 27.42
C LYS E 67 23.50 29.07 28.83
N ALA E 68 22.65 28.73 29.81
CA ALA E 68 22.91 29.14 31.19
C ALA E 68 24.17 28.47 31.74
N ASN E 69 24.40 27.22 31.37
CA ASN E 69 25.64 26.55 31.79
C ASN E 69 26.85 27.19 31.10
N LEU E 70 26.73 27.53 29.81
CA LEU E 70 27.84 28.16 29.11
C LEU E 70 28.25 29.46 29.79
N GLU E 71 27.28 30.30 30.15
CA GLU E 71 27.63 31.58 30.75
C GLU E 71 28.28 31.40 32.12
N ILE E 72 27.85 30.39 32.88
CA ILE E 72 28.52 30.07 34.14
C ILE E 72 29.96 29.68 33.90
N MET E 73 30.21 28.77 32.95
CA MET E 73 31.54 28.24 32.73
C MET E 73 32.46 29.26 32.07
N THR E 74 31.92 30.14 31.23
CA THR E 74 32.73 31.20 30.65
C THR E 74 33.32 32.09 31.73
N LYS E 75 32.50 32.50 32.70
CA LYS E 75 32.98 33.30 33.81
C LYS E 75 33.99 32.52 34.65
N ARG E 76 33.69 31.25 34.94
CA ARG E 76 34.60 30.45 35.77
C ARG E 76 35.95 30.26 35.10
N SER E 77 35.98 30.20 33.77
CA SER E 77 37.23 30.09 33.05
C SER E 77 37.93 31.43 32.88
N ASN E 78 37.40 32.50 33.48
CA ASN E 78 37.94 33.85 33.30
C ASN E 78 37.94 34.23 31.82
N TYR E 79 36.86 33.88 31.12
CA TYR E 79 36.65 34.22 29.72
C TYR E 79 37.78 33.70 28.84
N THR E 80 38.20 32.47 29.08
CA THR E 80 39.14 31.82 28.19
C THR E 80 38.40 31.42 26.92
N PRO E 81 38.85 31.85 25.75
CA PRO E 81 38.12 31.56 24.52
C PRO E 81 38.57 30.24 23.89
N ILE E 82 37.79 29.80 22.90
CA ILE E 82 38.08 28.56 22.20
C ILE E 82 39.16 28.81 21.17
N THR E 83 40.06 27.83 21.01
CA THR E 83 41.07 27.89 19.97
C THR E 83 40.48 27.40 18.65
N ASN E 84 40.54 28.22 17.61
CA ASN E 84 40.04 27.80 16.31
C ASN E 84 40.86 26.63 15.78
N VAL E 85 40.16 25.66 15.19
CA VAL E 85 40.80 24.55 14.51
C VAL E 85 40.22 24.50 13.10
N PRO E 86 41.03 24.74 12.07
CA PRO E 86 40.49 24.88 10.72
C PRO E 86 40.09 23.54 10.15
N PRO E 87 39.12 23.51 9.24
CA PRO E 87 38.67 22.25 8.67
C PRO E 87 39.62 21.75 7.58
N GLU E 88 39.52 20.45 7.32
CA GLU E 88 40.01 19.86 6.09
C GLU E 88 38.81 19.48 5.24
N VAL E 89 38.90 19.72 3.94
CA VAL E 89 37.75 19.68 3.05
C VAL E 89 38.04 18.65 1.96
N THR E 90 37.07 17.78 1.70
CA THR E 90 37.18 16.78 0.66
C THR E 90 35.94 16.87 -0.21
N VAL E 91 36.14 16.84 -1.52
CA VAL E 91 35.04 16.81 -2.49
C VAL E 91 35.07 15.47 -3.20
N LEU E 92 33.94 14.76 -3.18
CA LEU E 92 33.80 13.48 -3.84
C LEU E 92 32.39 13.37 -4.40
N THR E 93 32.16 12.32 -5.17
CA THR E 93 30.86 12.06 -5.76
C THR E 93 30.15 10.93 -5.03
N ASN E 94 28.82 10.91 -5.18
CA ASN E 94 28.02 9.86 -4.57
C ASN E 94 28.35 8.48 -5.12
N SER E 95 28.76 8.39 -6.38
CA SER E 95 28.97 7.11 -7.04
C SER E 95 29.94 7.34 -8.19
N PRO E 96 30.44 6.27 -8.81
CA PRO E 96 31.28 6.42 -10.01
C PRO E 96 30.59 7.31 -11.04
N VAL E 97 31.36 8.22 -11.60
CA VAL E 97 30.82 9.29 -12.44
C VAL E 97 30.72 8.82 -13.88
N GLU E 98 29.53 8.95 -14.45
CA GLU E 98 29.30 8.68 -15.87
C GLU E 98 28.74 9.95 -16.50
N LEU E 99 29.24 10.30 -17.68
CA LEU E 99 28.82 11.53 -18.34
C LEU E 99 27.32 11.51 -18.60
N ARG E 100 26.68 12.66 -18.36
CA ARG E 100 25.27 12.88 -18.59
C ARG E 100 24.36 11.99 -17.73
N GLU E 101 24.93 11.30 -16.73
CA GLU E 101 24.17 10.44 -15.84
C GLU E 101 24.15 11.06 -14.46
N PRO E 102 22.96 11.35 -13.90
CA PRO E 102 22.89 12.16 -12.68
C PRO E 102 23.73 11.59 -11.54
N ASN E 103 24.39 12.49 -10.81
CA ASN E 103 25.22 12.13 -9.67
C ASN E 103 25.06 13.23 -8.62
N VAL E 104 25.84 13.16 -7.55
CA VAL E 104 25.78 14.15 -6.48
C VAL E 104 27.20 14.46 -6.03
N LEU E 105 27.55 15.75 -6.00
CA LEU E 105 28.81 16.17 -5.41
C LEU E 105 28.64 16.30 -3.91
N ILE E 106 29.56 15.71 -3.16
CA ILE E 106 29.58 15.80 -1.70
C ILE E 106 30.79 16.64 -1.30
N CYS E 107 30.55 17.68 -0.51
CA CYS E 107 31.61 18.45 0.11
C CYS E 107 31.65 18.08 1.58
N PHE E 108 32.72 17.41 1.99
CA PHE E 108 32.87 16.91 3.35
C PHE E 108 33.80 17.84 4.11
N ILE E 109 33.28 18.51 5.12
CA ILE E 109 34.01 19.49 5.92
C ILE E 109 34.25 18.87 7.28
N ASP E 110 35.51 18.70 7.66
CA ASP E 110 35.86 17.79 8.74
C ASP E 110 36.92 18.39 9.65
N LYS E 111 36.83 18.01 10.94
CA LYS E 111 37.87 18.29 11.94
C LYS E 111 38.02 19.79 12.21
N PHE E 112 36.92 20.44 12.56
CA PHE E 112 36.95 21.88 12.80
C PHE E 112 36.14 22.24 14.03
N THR E 113 36.47 23.40 14.60
CA THR E 113 35.73 24.03 15.68
C THR E 113 36.22 25.48 15.76
N PRO E 114 35.35 26.41 16.17
CA PRO E 114 33.93 26.30 16.53
C PRO E 114 33.04 25.95 15.34
N PRO E 115 31.75 25.54 15.62
CA PRO E 115 30.85 25.13 14.52
C PRO E 115 30.21 26.33 13.81
N VAL E 116 31.05 27.10 13.11
CA VAL E 116 30.60 28.19 12.24
C VAL E 116 31.41 28.11 10.96
N VAL E 117 30.74 28.01 9.82
CA VAL E 117 31.41 27.84 8.55
C VAL E 117 30.56 28.48 7.45
N ASN E 118 31.23 29.01 6.44
CA ASN E 118 30.58 29.50 5.22
C ASN E 118 30.97 28.58 4.08
N VAL E 119 29.98 28.01 3.41
CA VAL E 119 30.19 27.03 2.36
C VAL E 119 29.42 27.49 1.13
N THR E 120 30.09 27.54 -0.01
CA THR E 120 29.46 27.90 -1.27
C THR E 120 29.91 26.93 -2.35
N TRP E 121 28.96 26.43 -3.13
CA TRP E 121 29.29 25.66 -4.32
C TRP E 121 29.56 26.62 -5.47
N LEU E 122 30.58 26.30 -6.27
CA LEU E 122 30.92 27.07 -7.45
C LEU E 122 30.89 26.16 -8.66
N ARG E 123 30.17 26.58 -9.70
CA ARG E 123 30.22 25.92 -11.00
C ARG E 123 30.90 26.90 -11.95
N ASN E 124 32.07 26.51 -12.45
CA ASN E 124 32.86 27.37 -13.34
C ASN E 124 33.10 28.74 -12.70
N GLY E 125 33.31 28.76 -11.39
CA GLY E 125 33.60 29.97 -10.66
C GLY E 125 32.39 30.76 -10.18
N LYS E 126 31.17 30.34 -10.53
CA LYS E 126 29.95 31.06 -10.19
C LYS E 126 29.16 30.34 -9.09
N PRO E 127 28.66 31.08 -8.10
CA PRO E 127 27.95 30.43 -6.98
C PRO E 127 26.68 29.74 -7.43
N VAL E 128 26.45 28.55 -6.88
CA VAL E 128 25.28 27.73 -7.19
C VAL E 128 24.45 27.56 -5.93
N THR E 129 23.13 27.68 -6.08
CA THR E 129 22.19 27.45 -4.98
C THR E 129 21.04 26.53 -5.33
N THR E 130 21.01 25.99 -6.55
CA THR E 130 19.87 25.20 -7.02
C THR E 130 20.04 23.74 -6.61
N GLY E 131 19.07 23.21 -5.87
CA GLY E 131 19.08 21.83 -5.45
C GLY E 131 20.06 21.49 -4.34
N VAL E 132 20.86 22.45 -3.88
CA VAL E 132 21.88 22.15 -2.87
C VAL E 132 21.21 21.85 -1.53
N SER E 133 21.89 21.05 -0.72
CA SER E 133 21.44 20.75 0.63
C SER E 133 22.66 20.60 1.52
N GLU E 134 22.40 20.51 2.83
CA GLU E 134 23.47 20.42 3.82
C GLU E 134 22.94 19.73 5.06
N THR E 135 23.87 19.22 5.87
CA THR E 135 23.56 18.68 7.18
C THR E 135 23.84 19.73 8.25
N VAL E 136 23.45 19.42 9.49
CA VAL E 136 23.83 20.23 10.63
C VAL E 136 25.25 19.88 11.02
N PHE E 137 25.76 20.46 12.10
CA PHE E 137 27.13 20.21 12.53
C PHE E 137 27.18 18.88 13.28
N LEU E 138 27.84 17.90 12.70
CA LEU E 138 27.85 16.55 13.22
C LEU E 138 29.02 16.34 14.17
N PRO E 139 28.86 15.49 15.18
CA PRO E 139 29.91 15.32 16.18
C PRO E 139 30.99 14.35 15.74
N ARG E 140 32.15 14.49 16.39
CA ARG E 140 33.29 13.60 16.22
C ARG E 140 33.73 13.13 17.60
N GLU E 141 34.38 11.96 17.64
CA GLU E 141 34.87 11.42 18.90
CA GLU E 141 34.83 11.44 18.92
C GLU E 141 35.95 12.29 19.52
N ASP E 142 36.66 13.09 18.71
CA ASP E 142 37.62 14.05 19.28
C ASP E 142 36.99 15.40 19.55
N HIS E 143 35.67 15.51 19.41
CA HIS E 143 34.85 16.65 19.79
C HIS E 143 35.03 17.85 18.87
N LEU E 144 35.69 17.67 17.73
CA LEU E 144 35.57 18.59 16.61
C LEU E 144 34.25 18.29 15.89
N PHE E 145 34.00 18.94 14.77
CA PHE E 145 32.72 18.82 14.08
C PHE E 145 32.91 18.31 12.65
N ARG E 146 31.85 17.71 12.12
CA ARG E 146 31.72 17.34 10.72
C ARG E 146 30.52 18.05 10.12
N LYS E 147 30.54 18.18 8.80
CA LYS E 147 29.41 18.74 8.08
C LYS E 147 29.49 18.28 6.63
N PHE E 148 28.32 18.04 6.03
CA PHE E 148 28.22 17.65 4.63
C PHE E 148 27.40 18.68 3.86
N HIS E 149 27.86 19.02 2.66
CA HIS E 149 27.09 19.80 1.71
C HIS E 149 26.95 19.00 0.42
N TYR E 150 25.80 19.11 -0.23
CA TYR E 150 25.48 18.28 -1.37
C TYR E 150 25.04 19.14 -2.55
N LEU E 151 25.44 18.73 -3.76
CA LEU E 151 25.05 19.42 -4.99
C LEU E 151 24.78 18.39 -6.07
N PRO E 152 23.51 18.11 -6.36
CA PRO E 152 23.20 17.22 -7.50
C PRO E 152 23.62 17.89 -8.79
N PHE E 153 24.21 17.10 -9.68
CA PHE E 153 24.73 17.66 -10.92
C PHE E 153 24.69 16.61 -12.02
N LEU E 154 24.69 17.10 -13.27
CA LEU E 154 24.79 16.25 -14.44
C LEU E 154 26.23 16.32 -14.93
N PRO E 155 27.00 15.23 -14.84
CA PRO E 155 28.43 15.31 -15.17
C PRO E 155 28.67 15.59 -16.64
N SER E 156 29.68 16.40 -16.91
CA SER E 156 30.08 16.74 -18.27
C SER E 156 31.53 17.20 -18.25
N THR E 157 32.16 17.16 -19.42
CA THR E 157 33.54 17.60 -19.53
C THR E 157 33.68 19.12 -19.48
N GLU E 158 32.58 19.87 -19.63
CA GLU E 158 32.66 21.32 -19.72
C GLU E 158 32.60 22.01 -18.38
N ASP E 159 31.90 21.45 -17.40
CA ASP E 159 31.71 22.10 -16.11
C ASP E 159 32.75 21.61 -15.10
N VAL E 160 33.35 22.55 -14.39
CA VAL E 160 34.21 22.26 -13.25
C VAL E 160 33.52 22.80 -12.01
N TYR E 161 33.90 22.27 -10.85
CA TYR E 161 33.23 22.59 -9.61
C TYR E 161 34.25 22.85 -8.51
N ASP E 162 33.84 23.69 -7.55
CA ASP E 162 34.62 23.94 -6.36
C ASP E 162 33.67 24.04 -5.16
N CYS E 163 34.11 23.52 -4.03
CA CYS E 163 33.47 23.79 -2.76
C CYS E 163 34.34 24.78 -2.02
N ARG E 164 33.82 25.98 -1.79
CA ARG E 164 34.55 27.05 -1.12
C ARG E 164 34.12 27.09 0.34
N VAL E 165 35.07 26.95 1.24
CA VAL E 165 34.81 26.81 2.67
C VAL E 165 35.57 27.90 3.41
N GLU E 166 34.85 28.66 4.23
CA GLU E 166 35.42 29.73 5.04
C GLU E 166 35.26 29.41 6.51
N HIS E 167 36.34 29.60 7.28
CA HIS E 167 36.35 29.31 8.70
C HIS E 167 37.36 30.23 9.36
N TRP E 168 37.07 30.63 10.60
CA TRP E 168 37.93 31.61 11.28
C TRP E 168 39.33 31.07 11.51
N GLY E 169 39.48 29.75 11.58
CA GLY E 169 40.80 29.17 11.70
C GLY E 169 41.60 29.11 10.41
N LEU E 170 41.04 29.55 9.30
CA LEU E 170 41.70 29.53 8.00
C LEU E 170 42.19 30.93 7.64
N ASP E 171 43.36 30.99 7.00
CA ASP E 171 43.89 32.28 6.58
C ASP E 171 43.17 32.81 5.34
N GLU E 172 42.84 31.93 4.40
CA GLU E 172 42.15 32.28 3.18
C GLU E 172 41.06 31.24 2.95
N PRO E 173 40.04 31.59 2.16
CA PRO E 173 39.02 30.60 1.81
C PRO E 173 39.65 29.36 1.18
N LEU E 174 39.19 28.20 1.64
CA LEU E 174 39.64 26.92 1.13
C LEU E 174 38.74 26.50 -0.02
N LEU E 175 39.32 26.27 -1.19
CA LEU E 175 38.59 25.79 -2.35
C LEU E 175 39.04 24.37 -2.67
N LYS E 176 38.09 23.45 -2.78
CA LYS E 176 38.39 22.08 -3.16
C LYS E 176 37.74 21.81 -4.50
N HIS E 177 38.55 21.39 -5.46
CA HIS E 177 38.16 21.32 -6.85
C HIS E 177 37.61 19.94 -7.20
N TRP E 178 36.71 19.91 -8.18
CA TRP E 178 36.30 18.66 -8.79
C TRP E 178 36.05 18.88 -10.27
N GLU E 179 36.53 17.93 -11.07
CA GLU E 179 36.26 17.92 -12.51
C GLU E 179 36.32 16.48 -13.00
N PHE E 180 35.60 16.23 -14.10
CA PHE E 180 35.62 14.90 -14.71
C PHE E 180 37.01 14.58 -15.24
N ASP E 181 37.44 13.33 -15.03
CA ASP E 181 38.74 12.89 -15.53
C ASP E 181 38.59 11.79 -16.57
N GLY F 1 7.35 4.76 18.77
CA GLY F 1 7.71 5.26 20.09
C GLY F 1 8.28 6.66 20.07
N TRP F 2 8.43 7.25 21.26
CA TRP F 2 8.96 8.59 21.41
C TRP F 2 10.38 8.50 21.94
N ILE F 3 11.34 9.01 21.17
CA ILE F 3 12.70 9.15 21.67
C ILE F 3 12.67 10.16 22.82
N SER F 4 13.26 9.78 23.95
CA SER F 4 13.34 10.67 25.09
C SER F 4 14.75 11.25 25.16
N LEU F 5 14.83 12.56 25.37
CA LEU F 5 16.13 13.19 25.49
C LEU F 5 16.65 13.06 26.91
N TRP F 6 17.95 13.23 27.07
CA TRP F 6 18.53 13.32 28.40
C TRP F 6 18.63 14.78 28.79
N LYS F 7 17.93 15.15 29.87
CA LYS F 7 17.84 16.56 30.25
C LYS F 7 19.17 17.06 30.80
N GLY F 8 19.86 16.22 31.57
CA GLY F 8 21.09 16.66 32.18
C GLY F 8 20.83 17.53 33.39
N PHE F 9 21.90 18.17 33.86
CA PHE F 9 21.87 18.91 35.10
C PHE F 9 22.49 20.29 34.89
N SER F 10 22.27 21.17 35.86
CA SER F 10 22.70 22.56 35.77
C SER F 10 23.91 22.80 36.66
N PHE F 11 24.85 23.58 36.16
CA PHE F 11 26.06 23.91 36.90
C PHE F 11 25.81 25.02 37.90
N ASP F 28 35.42 38.50 11.82
CA ASP F 28 35.00 38.54 13.21
C ASP F 28 36.06 37.90 14.10
N THR F 29 36.75 38.74 14.88
CA THR F 29 37.85 38.28 15.73
C THR F 29 37.50 38.23 17.21
N ARG F 30 36.26 38.52 17.59
CA ARG F 30 35.96 38.53 19.02
C ARG F 30 35.85 37.10 19.55
N PRO F 31 36.16 36.89 20.83
CA PRO F 31 36.30 35.52 21.34
C PRO F 31 35.01 34.72 21.24
N ARG F 32 35.16 33.41 21.08
CA ARG F 32 34.05 32.48 21.07
C ARG F 32 34.10 31.58 22.29
N PHE F 33 32.92 31.19 22.77
CA PHE F 33 32.79 30.30 23.91
C PHE F 33 31.77 29.22 23.56
N LEU F 34 32.18 27.96 23.71
CA LEU F 34 31.43 26.83 23.20
C LEU F 34 31.14 25.83 24.30
N TRP F 35 29.89 25.38 24.37
CA TRP F 35 29.45 24.41 25.36
C TRP F 35 28.90 23.21 24.62
N GLN F 36 29.45 22.03 24.90
CA GLN F 36 29.14 20.81 24.13
C GLN F 36 28.76 19.66 25.05
N PRO F 37 27.49 19.53 25.41
CA PRO F 37 27.04 18.32 26.10
C PRO F 37 26.99 17.14 25.13
N LYS F 38 27.46 15.99 25.62
CA LYS F 38 27.37 14.74 24.87
C LYS F 38 26.82 13.65 25.77
N ARG F 39 25.71 13.05 25.38
CA ARG F 39 25.11 11.92 26.10
C ARG F 39 25.26 10.68 25.24
N GLU F 40 26.10 9.75 25.69
CA GLU F 40 26.43 8.56 24.92
C GLU F 40 25.81 7.34 25.56
N CYS F 41 25.23 6.48 24.73
CA CYS F 41 24.74 5.18 25.14
C CYS F 41 25.48 4.12 24.33
N HIS F 42 26.26 3.29 25.00
CA HIS F 42 27.06 2.27 24.36
C HIS F 42 26.41 0.92 24.60
N PHE F 43 26.05 0.22 23.53
CA PHE F 43 25.33 -1.04 23.61
C PHE F 43 26.24 -2.18 23.16
N PHE F 44 26.28 -3.25 23.97
CA PHE F 44 27.02 -4.45 23.66
C PHE F 44 26.06 -5.62 23.76
N ASN F 45 25.94 -6.39 22.68
CA ASN F 45 24.98 -7.51 22.59
C ASN F 45 23.56 -7.01 22.79
N GLY F 46 23.15 -6.10 21.92
CA GLY F 46 21.85 -5.45 22.10
C GLY F 46 21.87 -4.63 23.38
N THR F 47 20.80 -4.76 24.17
CA THR F 47 20.70 -4.07 25.45
C THR F 47 21.11 -4.95 26.62
N GLU F 48 21.86 -6.03 26.36
CA GLU F 48 22.38 -6.86 27.45
C GLU F 48 23.29 -6.05 28.35
N ARG F 49 24.39 -5.53 27.79
CA ARG F 49 25.30 -4.66 28.51
C ARG F 49 25.22 -3.27 27.89
N VAL F 50 24.90 -2.27 28.71
CA VAL F 50 24.72 -0.91 28.27
C VAL F 50 25.60 -0.01 29.13
N ARG F 51 26.24 0.98 28.49
CA ARG F 51 27.07 1.95 29.20
C ARG F 51 26.60 3.34 28.83
N PHE F 52 26.35 4.17 29.85
CA PHE F 52 25.86 5.53 29.68
C PHE F 52 26.93 6.51 30.13
N LEU F 53 27.13 7.57 29.34
CA LEU F 53 28.05 8.64 29.69
C LEU F 53 27.38 9.99 29.48
N ASP F 54 27.45 10.84 30.50
CA ASP F 54 26.98 12.21 30.43
C ASP F 54 28.22 13.10 30.50
N ARG F 55 28.60 13.69 29.37
CA ARG F 55 29.87 14.40 29.24
C ARG F 55 29.62 15.86 28.92
N TYR F 56 30.36 16.74 29.60
CA TYR F 56 30.22 18.18 29.44
C TYR F 56 31.55 18.76 28.98
N PHE F 57 31.54 19.39 27.81
CA PHE F 57 32.73 19.93 27.17
C PHE F 57 32.63 21.45 27.09
N TYR F 58 33.67 22.13 27.58
CA TYR F 58 33.81 23.58 27.44
C TYR F 58 35.01 23.87 26.56
N ASN F 59 34.77 24.56 25.45
CA ASN F 59 35.82 24.89 24.48
C ASN F 59 36.65 23.67 24.12
N GLN F 60 35.96 22.58 23.81
CA GLN F 60 36.49 21.30 23.34
C GLN F 60 37.17 20.48 24.44
N GLU F 61 37.16 20.94 25.68
CA GLU F 61 37.82 20.24 26.78
C GLU F 61 36.78 19.73 27.76
N GLU F 62 36.79 18.41 28.00
CA GLU F 62 35.83 17.82 28.91
C GLU F 62 36.06 18.32 30.33
N SER F 63 34.99 18.74 30.99
CA SER F 63 35.10 19.27 32.35
C SER F 63 34.62 18.28 33.41
N VAL F 64 33.44 17.69 33.21
CA VAL F 64 32.89 16.73 34.16
C VAL F 64 32.17 15.65 33.38
N ARG F 65 32.19 14.43 33.93
CA ARG F 65 31.65 13.27 33.26
C ARG F 65 30.96 12.36 34.28
N PHE F 66 29.80 11.83 33.92
CA PHE F 66 29.22 10.68 34.60
C PHE F 66 29.40 9.46 33.73
N ASP F 67 30.02 8.42 34.28
CA ASP F 67 30.24 7.16 33.61
C ASP F 67 29.49 6.09 34.39
N SER F 68 28.55 5.40 33.73
CA SER F 68 27.76 4.40 34.43
C SER F 68 28.61 3.24 34.93
N ASP F 69 29.77 3.00 34.29
CA ASP F 69 30.68 1.98 34.78
C ASP F 69 31.39 2.41 36.05
N VAL F 70 31.42 3.71 36.34
CA VAL F 70 32.01 4.23 37.56
C VAL F 70 30.97 4.43 38.66
N GLY F 71 29.80 4.96 38.31
CA GLY F 71 28.71 5.12 39.25
C GLY F 71 28.64 6.46 39.94
N GLU F 72 29.56 7.37 39.65
CA GLU F 72 29.51 8.72 40.20
C GLU F 72 30.13 9.70 39.23
N PHE F 73 29.88 10.98 39.46
CA PHE F 73 30.44 12.02 38.61
C PHE F 73 31.93 12.17 38.90
N ARG F 74 32.69 12.54 37.87
CA ARG F 74 34.12 12.74 37.99
C ARG F 74 34.52 13.98 37.22
N ALA F 75 35.33 14.83 37.83
CA ALA F 75 35.89 15.97 37.12
C ALA F 75 37.03 15.51 36.23
N VAL F 76 36.95 15.87 34.94
CA VAL F 76 38.05 15.58 34.02
C VAL F 76 39.12 16.65 34.10
N THR F 77 38.71 17.91 34.26
CA THR F 77 39.62 19.02 34.51
C THR F 77 39.17 19.73 35.77
N GLU F 78 40.00 20.67 36.25
CA GLU F 78 39.66 21.41 37.45
C GLU F 78 38.39 22.24 37.26
N LEU F 79 38.10 22.61 36.01
CA LEU F 79 36.95 23.47 35.72
C LEU F 79 35.64 22.79 36.12
N GLY F 80 35.58 21.46 36.08
CA GLY F 80 34.42 20.69 36.45
C GLY F 80 34.37 20.22 37.89
N ARG F 81 35.40 20.51 38.67
CA ARG F 81 35.49 19.99 40.04
C ARG F 81 34.33 20.40 40.95
N PRO F 82 33.89 21.67 40.99
CA PRO F 82 32.78 22.02 41.89
C PRO F 82 31.51 21.21 41.65
N ASP F 83 31.11 21.07 40.38
CA ASP F 83 29.84 20.44 40.07
C ASP F 83 29.89 18.93 40.22
N ALA F 84 31.04 18.30 39.95
CA ALA F 84 31.18 16.88 40.21
C ALA F 84 30.98 16.58 41.69
N GLU F 85 31.60 17.39 42.55
CA GLU F 85 31.46 17.20 43.99
C GLU F 85 30.03 17.45 44.45
N TYR F 86 29.42 18.54 43.98
CA TYR F 86 28.06 18.86 44.38
C TYR F 86 27.08 17.78 43.89
N TRP F 87 27.21 17.37 42.63
CA TRP F 87 26.29 16.37 42.09
C TRP F 87 26.42 15.04 42.81
N ASN F 88 27.64 14.66 43.20
CA ASN F 88 27.85 13.42 43.93
C ASN F 88 27.26 13.46 45.33
N SER F 89 27.07 14.65 45.91
CA SER F 89 26.46 14.75 47.23
C SER F 89 24.95 14.67 47.17
N GLN F 90 24.35 14.81 45.99
CA GLN F 90 22.90 14.81 45.82
C GLN F 90 22.43 13.39 45.50
N LYS F 91 21.66 12.80 46.42
CA LYS F 91 21.16 11.44 46.20
C LYS F 91 20.28 11.36 44.96
N ASP F 92 19.41 12.36 44.77
CA ASP F 92 18.42 12.27 43.71
C ASP F 92 19.04 12.49 42.35
N ILE F 93 19.95 13.46 42.24
CA ILE F 93 20.66 13.69 40.98
C ILE F 93 21.48 12.46 40.62
N LEU F 94 22.18 11.89 41.60
CA LEU F 94 23.02 10.73 41.34
C LEU F 94 22.20 9.52 40.92
N GLU F 95 21.04 9.32 41.56
CA GLU F 95 20.22 8.16 41.22
C GLU F 95 19.52 8.33 39.87
N GLN F 96 19.30 9.58 39.44
CA GLN F 96 18.81 9.80 38.09
C GLN F 96 19.84 9.33 37.07
N ALA F 97 21.11 9.70 37.26
CA ALA F 97 22.16 9.29 36.34
C ALA F 97 22.35 7.79 36.33
N ARG F 98 22.34 7.16 37.52
CA ARG F 98 22.51 5.71 37.59
C ARG F 98 21.33 4.97 36.95
N ALA F 99 20.18 5.61 36.82
CA ALA F 99 19.03 5.04 36.15
C ALA F 99 19.02 5.29 34.64
N ALA F 100 19.90 6.15 34.14
CA ALA F 100 19.86 6.53 32.73
C ALA F 100 20.02 5.34 31.80
N VAL F 101 20.79 4.33 32.22
CA VAL F 101 20.96 3.14 31.39
C VAL F 101 19.62 2.50 31.09
N ASP F 102 18.63 2.68 31.96
CA ASP F 102 17.28 2.16 31.77
C ASP F 102 16.31 3.23 31.25
N THR F 103 16.19 4.36 31.94
CA THR F 103 15.22 5.39 31.57
C THR F 103 15.56 6.04 30.22
N TYR F 104 16.82 5.99 29.79
CA TYR F 104 17.26 6.74 28.61
C TYR F 104 17.82 5.81 27.54
N CYS F 105 18.92 5.10 27.83
CA CYS F 105 19.59 4.30 26.81
C CYS F 105 18.70 3.16 26.30
N ARG F 106 18.28 2.28 27.20
CA ARG F 106 17.52 1.10 26.77
C ARG F 106 16.18 1.50 26.17
N HIS F 107 15.57 2.58 26.64
CA HIS F 107 14.34 3.07 26.03
C HIS F 107 14.58 3.46 24.57
N ASN F 108 15.52 4.39 24.34
CA ASN F 108 15.78 4.86 22.98
C ASN F 108 16.23 3.72 22.07
N TYR F 109 16.93 2.73 22.60
CA TYR F 109 17.34 1.61 21.76
C TYR F 109 16.13 0.89 21.17
N GLY F 110 15.12 0.62 22.01
CA GLY F 110 13.93 -0.06 21.52
C GLY F 110 13.14 0.76 20.53
N VAL F 111 13.20 2.08 20.64
CA VAL F 111 12.44 2.95 19.75
C VAL F 111 13.04 2.94 18.35
N VAL F 112 14.36 3.08 18.25
CA VAL F 112 15.02 3.28 16.95
C VAL F 112 15.62 2.01 16.37
N GLU F 113 15.60 0.89 17.11
CA GLU F 113 16.34 -0.30 16.69
C GLU F 113 15.90 -0.81 15.32
N SER F 114 14.61 -0.68 15.00
CA SER F 114 14.10 -1.32 13.79
C SER F 114 14.65 -0.68 12.52
N PHE F 115 14.94 0.63 12.54
CA PHE F 115 15.42 1.32 11.35
C PHE F 115 16.87 1.78 11.46
N THR F 116 17.59 1.34 12.50
CA THR F 116 19.01 1.68 12.67
C THR F 116 19.84 0.40 12.81
N VAL F 117 19.69 -0.34 13.91
CA VAL F 117 20.42 -1.60 14.11
C VAL F 117 20.11 -2.59 13.00
N GLN F 118 18.87 -2.59 12.50
CA GLN F 118 18.43 -3.56 11.50
C GLN F 118 18.57 -3.08 10.07
N ARG F 119 18.98 -1.83 9.85
CA ARG F 119 19.10 -1.30 8.49
C ARG F 119 20.20 -2.03 7.73
N ARG F 120 19.86 -2.53 6.54
CA ARG F 120 20.80 -3.29 5.71
C ARG F 120 20.57 -2.90 4.25
N VAL F 121 21.55 -2.25 3.64
CA VAL F 121 21.47 -1.79 2.24
C VAL F 121 22.65 -2.40 1.48
N GLN F 122 22.35 -3.15 0.42
CA GLN F 122 23.39 -3.87 -0.30
C GLN F 122 24.28 -2.90 -1.08
N PRO F 123 25.57 -3.16 -1.15
CA PRO F 123 26.45 -2.35 -1.99
C PRO F 123 26.20 -2.57 -3.48
N LYS F 124 26.45 -1.52 -4.25
CA LYS F 124 26.60 -1.63 -5.70
C LYS F 124 28.10 -1.79 -6.00
N VAL F 125 28.46 -2.90 -6.63
CA VAL F 125 29.85 -3.24 -6.89
C VAL F 125 30.09 -3.22 -8.39
N THR F 126 31.06 -2.42 -8.83
CA THR F 126 31.48 -2.39 -10.22
C THR F 126 33.00 -2.35 -10.27
N VAL F 127 33.55 -2.87 -11.38
CA VAL F 127 34.98 -2.94 -11.60
C VAL F 127 35.30 -2.21 -12.89
N TYR F 128 36.36 -1.40 -12.86
CA TYR F 128 36.76 -0.67 -14.05
C TYR F 128 38.25 -0.37 -14.00
N PRO F 129 38.93 -0.35 -15.14
CA PRO F 129 40.35 0.00 -15.14
C PRO F 129 40.58 1.48 -14.92
N SER F 130 41.78 1.80 -14.45
CA SER F 130 42.16 3.20 -14.22
C SER F 130 43.67 3.31 -14.36
N LYS F 131 44.21 4.49 -14.01
CA LYS F 131 45.63 4.77 -14.16
C LYS F 131 46.12 5.60 -12.99
N THR F 132 47.32 5.26 -12.49
CA THR F 132 47.92 6.02 -11.40
C THR F 132 48.27 7.44 -11.84
N GLN F 133 48.78 7.58 -13.05
CA GLN F 133 49.15 8.89 -13.60
C GLN F 133 48.91 8.83 -15.10
N PRO F 134 49.05 9.98 -15.80
CA PRO F 134 49.00 9.93 -17.26
C PRO F 134 50.01 8.95 -17.84
N LEU F 135 49.54 7.73 -18.08
CA LEU F 135 50.33 6.63 -18.63
C LEU F 135 49.68 6.15 -19.91
N GLN F 136 50.32 5.18 -20.56
CA GLN F 136 49.81 4.65 -21.82
C GLN F 136 48.75 3.57 -21.58
N HIS F 137 49.10 2.54 -20.82
CA HIS F 137 48.21 1.42 -20.57
CA HIS F 137 48.21 1.42 -20.57
C HIS F 137 47.77 1.40 -19.11
N HIS F 138 46.53 0.97 -18.90
CA HIS F 138 45.94 0.94 -17.55
C HIS F 138 46.80 0.11 -16.60
N ASN F 139 47.06 0.66 -15.41
CA ASN F 139 47.83 -0.03 -14.38
C ASN F 139 47.05 -0.13 -13.05
N LEU F 140 45.73 0.05 -13.09
CA LEU F 140 44.90 -0.11 -11.91
C LEU F 140 43.58 -0.76 -12.29
N LEU F 141 43.16 -1.75 -11.49
CA LEU F 141 41.79 -2.23 -11.50
C LEU F 141 41.11 -1.71 -10.24
N VAL F 142 40.00 -1.00 -10.41
CA VAL F 142 39.29 -0.36 -9.32
C VAL F 142 38.03 -1.16 -9.02
N CYS F 143 37.88 -1.59 -7.77
CA CYS F 143 36.63 -2.16 -7.30
C CYS F 143 35.86 -1.09 -6.54
N SER F 144 34.79 -0.60 -7.15
CA SER F 144 33.97 0.45 -6.54
C SER F 144 32.82 -0.20 -5.79
N VAL F 145 32.76 0.06 -4.50
CA VAL F 145 31.72 -0.47 -3.62
C VAL F 145 31.04 0.74 -3.01
N SER F 146 29.77 0.99 -3.36
CA SER F 146 29.13 2.23 -2.95
C SER F 146 27.68 1.99 -2.56
N GLY F 147 27.17 2.91 -1.74
CA GLY F 147 25.77 2.92 -1.38
C GLY F 147 25.35 1.95 -0.30
N PHE F 148 26.29 1.40 0.48
CA PHE F 148 25.96 0.34 1.42
C PHE F 148 25.79 0.87 2.84
N TYR F 149 25.07 0.07 3.63
CA TYR F 149 24.92 0.28 5.07
C TYR F 149 24.65 -1.07 5.74
N PRO F 150 25.31 -1.35 6.88
CA PRO F 150 26.25 -0.46 7.58
C PRO F 150 27.67 -0.50 7.03
N GLY F 151 28.60 0.14 7.75
CA GLY F 151 29.95 0.33 7.23
C GLY F 151 30.83 -0.90 7.29
N SER F 152 30.47 -1.90 8.09
CA SER F 152 31.25 -3.13 8.14
C SER F 152 31.27 -3.79 6.77
N ILE F 153 32.46 -3.95 6.21
CA ILE F 153 32.59 -4.50 4.86
C ILE F 153 33.98 -5.10 4.70
N GLU F 154 34.09 -6.07 3.81
CA GLU F 154 35.36 -6.69 3.43
C GLU F 154 35.42 -6.73 1.92
N VAL F 155 36.52 -6.24 1.34
CA VAL F 155 36.71 -6.21 -0.10
C VAL F 155 38.03 -6.92 -0.42
N ARG F 156 37.96 -7.94 -1.26
CA ARG F 156 39.12 -8.76 -1.60
C ARG F 156 39.27 -8.87 -3.11
N TRP F 157 40.52 -8.86 -3.57
CA TRP F 157 40.84 -9.03 -4.98
C TRP F 157 41.37 -10.45 -5.23
N PHE F 158 40.95 -11.03 -6.35
CA PHE F 158 41.41 -12.36 -6.76
C PHE F 158 41.89 -12.32 -8.19
N LEU F 159 42.97 -13.08 -8.47
CA LEU F 159 43.45 -13.31 -9.83
C LEU F 159 43.49 -14.81 -10.05
N ASN F 160 42.53 -15.31 -10.83
CA ASN F 160 42.42 -16.74 -11.15
C ASN F 160 42.37 -17.58 -9.87
N GLY F 161 41.38 -17.29 -9.03
CA GLY F 161 41.18 -18.05 -7.81
C GLY F 161 42.21 -17.80 -6.73
N GLN F 162 43.26 -17.03 -7.01
CA GLN F 162 44.32 -16.74 -6.05
C GLN F 162 44.06 -15.36 -5.46
N GLU F 163 44.00 -15.27 -4.14
CA GLU F 163 43.75 -13.98 -3.51
C GLU F 163 44.97 -13.10 -3.69
N GLU F 164 44.79 -11.96 -4.34
CA GLU F 164 45.86 -11.00 -4.50
C GLU F 164 45.93 -10.15 -3.25
N LYS F 165 47.03 -10.26 -2.51
CA LYS F 165 47.23 -9.54 -1.27
C LYS F 165 48.22 -8.41 -1.39
N ALA F 166 49.05 -8.41 -2.42
CA ALA F 166 50.03 -7.35 -2.67
C ALA F 166 49.50 -6.38 -3.70
N GLY F 167 49.99 -5.14 -3.62
CA GLY F 167 49.65 -4.13 -4.60
C GLY F 167 48.21 -3.66 -4.52
N MET F 168 47.72 -3.37 -3.32
CA MET F 168 46.36 -2.88 -3.12
C MET F 168 46.37 -1.59 -2.31
N VAL F 169 45.59 -0.62 -2.76
CA VAL F 169 45.36 0.62 -2.02
C VAL F 169 43.86 0.79 -1.86
N SER F 170 43.43 1.24 -0.69
CA SER F 170 42.03 1.45 -0.39
C SER F 170 41.81 2.88 0.09
N THR F 171 40.68 3.46 -0.31
CA THR F 171 40.24 4.74 0.24
C THR F 171 39.84 4.61 1.70
N GLY F 172 39.61 3.40 2.19
CA GLY F 172 38.99 3.23 3.48
C GLY F 172 37.50 3.51 3.41
N LEU F 173 36.87 3.37 4.57
CA LEU F 173 35.43 3.56 4.68
C LEU F 173 35.09 5.04 4.54
N ILE F 174 34.31 5.39 3.53
CA ILE F 174 33.90 6.78 3.29
C ILE F 174 32.43 6.92 3.68
N GLN F 175 32.16 7.82 4.62
CA GLN F 175 30.82 8.08 5.11
C GLN F 175 30.20 9.22 4.32
N ASN F 176 29.09 8.95 3.63
CA ASN F 176 28.45 9.96 2.78
C ASN F 176 27.55 10.91 3.54
N GLY F 177 27.30 10.66 4.83
CA GLY F 177 26.44 11.51 5.61
C GLY F 177 24.95 11.28 5.42
N ASP F 178 24.56 10.32 4.58
CA ASP F 178 23.17 10.03 4.28
C ASP F 178 22.81 8.58 4.55
N TRP F 179 23.47 7.97 5.53
CA TRP F 179 23.25 6.56 5.90
C TRP F 179 23.67 5.61 4.77
N THR F 180 24.66 6.02 3.98
CA THR F 180 25.32 5.13 3.04
C THR F 180 26.83 5.30 3.18
N PHE F 181 27.56 4.27 2.79
CA PHE F 181 29.00 4.29 2.77
C PHE F 181 29.50 4.02 1.36
N GLN F 182 30.80 4.22 1.17
CA GLN F 182 31.44 4.07 -0.12
C GLN F 182 32.90 3.71 0.12
N THR F 183 33.48 2.91 -0.76
CA THR F 183 34.89 2.59 -0.67
C THR F 183 35.39 2.16 -2.05
N LEU F 184 36.66 2.45 -2.30
CA LEU F 184 37.33 2.04 -3.53
C LEU F 184 38.58 1.26 -3.16
N VAL F 185 38.78 0.12 -3.81
CA VAL F 185 39.96 -0.71 -3.59
C VAL F 185 40.62 -0.93 -4.95
N MET F 186 41.80 -0.35 -5.13
CA MET F 186 42.51 -0.43 -6.39
C MET F 186 43.57 -1.53 -6.31
N LEU F 187 43.62 -2.38 -7.33
CA LEU F 187 44.65 -3.39 -7.47
C LEU F 187 45.68 -2.89 -8.48
N GLU F 188 46.94 -2.82 -8.07
CA GLU F 188 48.01 -2.36 -8.93
C GLU F 188 48.43 -3.50 -9.86
N THR F 189 48.05 -3.39 -11.13
CA THR F 189 48.35 -4.44 -12.10
C THR F 189 48.14 -3.90 -13.51
N VAL F 190 49.03 -4.28 -14.42
CA VAL F 190 48.81 -4.07 -15.85
C VAL F 190 48.16 -5.33 -16.38
N PRO F 191 46.86 -5.34 -16.64
CA PRO F 191 46.16 -6.59 -16.96
C PRO F 191 46.70 -7.22 -18.24
N ARG F 192 46.82 -8.55 -18.20
CA ARG F 192 47.26 -9.33 -19.34
C ARG F 192 46.07 -10.12 -19.87
N SER F 193 45.95 -10.18 -21.20
CA SER F 193 44.81 -10.86 -21.80
C SER F 193 44.77 -12.32 -21.35
N GLY F 194 43.56 -12.82 -21.10
CA GLY F 194 43.37 -14.15 -20.55
C GLY F 194 43.36 -14.22 -19.03
N GLU F 195 43.62 -13.11 -18.35
CA GLU F 195 43.56 -13.07 -16.89
C GLU F 195 42.14 -12.75 -16.44
N VAL F 196 41.68 -13.47 -15.42
CA VAL F 196 40.35 -13.26 -14.86
C VAL F 196 40.54 -12.66 -13.46
N TYR F 197 40.10 -11.42 -13.28
CA TYR F 197 40.14 -10.74 -11.99
C TYR F 197 38.76 -10.77 -11.36
N THR F 198 38.72 -11.02 -10.06
CA THR F 198 37.47 -11.05 -9.31
C THR F 198 37.57 -10.14 -8.10
N CYS F 199 36.62 -9.23 -7.95
CA CYS F 199 36.45 -8.47 -6.71
C CYS F 199 35.38 -9.15 -5.89
N GLN F 200 35.71 -9.47 -4.64
CA GLN F 200 34.80 -10.15 -3.73
C GLN F 200 34.42 -9.19 -2.61
N VAL F 201 33.12 -9.08 -2.34
CA VAL F 201 32.61 -8.18 -1.32
C VAL F 201 31.77 -8.99 -0.34
N GLU F 202 32.10 -8.86 0.95
CA GLU F 202 31.30 -9.44 2.03
C GLU F 202 30.73 -8.30 2.87
N HIS F 203 29.42 -8.34 3.09
CA HIS F 203 28.68 -7.28 3.76
C HIS F 203 27.49 -7.92 4.45
N PRO F 204 27.10 -7.45 5.64
CA PRO F 204 26.01 -8.11 6.38
C PRO F 204 24.68 -8.11 5.64
N SER F 205 24.54 -7.33 4.58
CA SER F 205 23.31 -7.32 3.79
C SER F 205 23.17 -8.54 2.88
N VAL F 206 24.25 -9.30 2.67
CA VAL F 206 24.21 -10.50 1.85
C VAL F 206 24.72 -11.69 2.64
N THR F 207 24.12 -12.86 2.41
CA THR F 207 24.50 -14.07 3.13
C THR F 207 25.77 -14.70 2.54
N SER F 208 25.87 -14.72 1.23
CA SER F 208 27.05 -15.22 0.54
C SER F 208 27.87 -14.04 0.04
N PRO F 209 29.14 -14.25 -0.33
CA PRO F 209 29.93 -13.16 -0.90
C PRO F 209 29.39 -12.71 -2.23
N LEU F 210 29.54 -11.41 -2.50
CA LEU F 210 29.28 -10.85 -3.81
C LEU F 210 30.56 -10.88 -4.63
N THR F 211 30.45 -11.29 -5.88
CA THR F 211 31.59 -11.35 -6.78
C THR F 211 31.28 -10.61 -8.06
N VAL F 212 32.27 -9.88 -8.56
CA VAL F 212 32.19 -9.21 -9.85
C VAL F 212 33.50 -9.51 -10.57
N GLU F 213 33.40 -10.14 -11.74
CA GLU F 213 34.57 -10.54 -12.51
C GLU F 213 34.86 -9.49 -13.57
N TRP F 214 36.14 -9.37 -13.93
CA TRP F 214 36.56 -8.45 -14.97
C TRP F 214 37.63 -9.10 -15.83
N ARG F 215 37.46 -9.00 -17.15
CA ARG F 215 38.42 -9.53 -18.11
C ARG F 215 38.82 -8.42 -19.06
N ALA F 216 40.08 -8.44 -19.48
CA ALA F 216 40.61 -7.42 -20.39
C ALA F 216 40.02 -7.58 -21.79
N GLU G 4 -18.53 17.34 -22.87
CA GLU G 4 -18.20 18.74 -23.11
C GLU G 4 -17.03 19.20 -22.23
N HIS G 5 -15.91 19.50 -22.87
CA HIS G 5 -14.69 19.91 -22.18
C HIS G 5 -13.96 20.95 -23.02
N VAL G 6 -13.14 21.76 -22.35
CA VAL G 6 -12.36 22.81 -23.00
C VAL G 6 -10.95 22.78 -22.43
N ILE G 7 -9.97 22.75 -23.32
CA ILE G 7 -8.56 22.86 -22.95
C ILE G 7 -8.00 24.14 -23.57
N ILE G 8 -7.34 24.95 -22.76
CA ILE G 8 -6.85 26.25 -23.20
C ILE G 8 -5.37 26.35 -22.92
N GLN G 9 -4.59 26.63 -23.95
CA GLN G 9 -3.20 27.06 -23.81
C GLN G 9 -3.22 28.58 -23.69
N ALA G 10 -2.94 29.09 -22.50
CA ALA G 10 -3.00 30.51 -22.23
C ALA G 10 -1.59 31.04 -21.96
N GLU G 11 -1.19 32.05 -22.71
CA GLU G 11 0.11 32.68 -22.57
C GLU G 11 -0.10 34.18 -22.45
N PHE G 12 0.93 34.86 -21.95
CA PHE G 12 0.95 36.31 -22.04
C PHE G 12 2.39 36.80 -21.96
N TYR G 13 2.60 38.00 -22.48
CA TYR G 13 3.84 38.74 -22.27
C TYR G 13 3.45 40.17 -21.95
N LEU G 14 4.15 40.76 -20.97
CA LEU G 14 3.82 42.08 -20.48
C LEU G 14 5.05 42.97 -20.56
N ASN G 15 4.92 44.10 -21.25
CA ASN G 15 5.94 45.14 -21.26
C ASN G 15 5.46 46.31 -20.42
N PRO G 16 6.39 47.07 -19.83
CA PRO G 16 7.85 46.91 -19.89
C PRO G 16 8.42 45.95 -18.85
N ASP G 17 7.54 45.31 -18.06
CA ASP G 17 7.98 44.41 -17.01
C ASP G 17 8.78 43.24 -17.54
N GLN G 18 8.59 42.87 -18.81
CA GLN G 18 9.20 41.67 -19.40
C GLN G 18 8.80 40.42 -18.62
N SER G 19 7.53 40.32 -18.28
CA SER G 19 6.96 39.15 -17.63
C SER G 19 6.23 38.31 -18.66
N GLY G 20 6.45 37.00 -18.62
CA GLY G 20 5.74 36.08 -19.49
C GLY G 20 5.38 34.80 -18.77
N GLU G 21 4.22 34.23 -19.08
CA GLU G 21 3.82 32.97 -18.48
C GLU G 21 3.19 32.09 -19.56
N PHE G 22 3.12 30.80 -19.26
CA PHE G 22 2.64 29.79 -20.19
C PHE G 22 2.01 28.69 -19.36
N MET G 23 0.76 28.35 -19.66
CA MET G 23 0.05 27.36 -18.86
C MET G 23 -1.02 26.70 -19.72
N PHE G 24 -1.40 25.49 -19.31
CA PHE G 24 -2.54 24.79 -19.88
C PHE G 24 -3.66 24.73 -18.85
N ASP G 25 -4.88 24.97 -19.32
CA ASP G 25 -6.07 25.01 -18.48
C ASP G 25 -7.06 23.97 -18.97
N PHE G 26 -7.55 23.13 -18.07
CA PHE G 26 -8.60 22.15 -18.36
C PHE G 26 -9.82 22.49 -17.53
N ASP G 27 -10.90 22.92 -18.21
CA ASP G 27 -12.17 23.21 -17.55
C ASP G 27 -12.00 24.15 -16.35
N GLY G 28 -11.09 25.11 -16.48
CA GLY G 28 -10.87 26.09 -15.44
C GLY G 28 -9.78 25.77 -14.44
N ASP G 29 -9.27 24.54 -14.43
CA ASP G 29 -8.18 24.18 -13.54
C ASP G 29 -6.87 24.09 -14.32
N GLU G 30 -5.77 24.34 -13.63
CA GLU G 30 -4.46 24.38 -14.29
C GLU G 30 -3.89 22.96 -14.39
N ILE G 31 -3.49 22.57 -15.60
CA ILE G 31 -2.77 21.32 -15.75
C ILE G 31 -1.29 21.50 -15.40
N PHE G 32 -0.65 22.48 -16.04
CA PHE G 32 0.74 22.79 -15.73
C PHE G 32 1.01 24.23 -16.17
N HIS G 33 2.15 24.74 -15.71
CA HIS G 33 2.74 25.94 -16.27
C HIS G 33 4.23 25.67 -16.44
N VAL G 34 4.92 26.60 -17.11
CA VAL G 34 6.34 26.49 -17.34
C VAL G 34 7.04 27.60 -16.56
N ASP G 35 7.92 27.21 -15.64
CA ASP G 35 8.72 28.18 -14.90
C ASP G 35 9.76 28.77 -15.83
N MET G 36 9.57 30.03 -16.23
CA MET G 36 10.47 30.65 -17.20
C MET G 36 11.89 30.74 -16.65
N ALA G 37 12.03 31.03 -15.35
CA ALA G 37 13.35 31.18 -14.75
C ALA G 37 14.07 29.83 -14.69
N LYS G 38 13.38 28.79 -14.24
CA LYS G 38 13.98 27.47 -14.08
C LYS G 38 13.88 26.62 -15.33
N LYS G 39 13.24 27.13 -16.39
CA LYS G 39 13.14 26.41 -17.67
C LYS G 39 12.45 25.07 -17.45
N GLU G 40 11.42 25.07 -16.60
CA GLU G 40 10.93 23.84 -15.98
C GLU G 40 9.42 23.75 -16.07
N THR G 41 8.93 22.55 -16.39
CA THR G 41 7.50 22.25 -16.38
C THR G 41 7.06 21.96 -14.95
N VAL G 42 6.06 22.70 -14.48
CA VAL G 42 5.53 22.53 -13.12
C VAL G 42 4.10 22.04 -13.23
N TRP G 43 3.86 20.80 -12.83
CA TRP G 43 2.52 20.24 -12.87
C TRP G 43 1.73 20.70 -11.65
N ARG G 44 0.45 21.02 -11.85
CA ARG G 44 -0.35 21.56 -10.76
C ARG G 44 -0.53 20.54 -9.64
N LEU G 45 -0.79 19.29 -10.00
CA LEU G 45 -0.73 18.17 -9.07
C LEU G 45 0.43 17.28 -9.48
N GLU G 46 1.27 16.93 -8.51
CA GLU G 46 2.47 16.15 -8.79
C GLU G 46 2.18 14.88 -9.57
N GLU G 47 1.02 14.26 -9.32
CA GLU G 47 0.66 13.02 -10.00
C GLU G 47 0.56 13.19 -11.51
N PHE G 48 0.24 14.40 -12.00
CA PHE G 48 0.09 14.61 -13.43
C PHE G 48 1.37 14.26 -14.19
N GLY G 49 2.53 14.60 -13.61
CA GLY G 49 3.79 14.34 -14.29
C GLY G 49 4.14 12.88 -14.45
N ARG G 50 3.41 11.98 -13.80
CA ARG G 50 3.58 10.55 -13.97
C ARG G 50 2.68 9.98 -15.08
N PHE G 51 1.85 10.81 -15.69
CA PHE G 51 0.98 10.38 -16.79
C PHE G 51 1.21 11.13 -18.09
N ALA G 52 1.96 12.23 -18.06
CA ALA G 52 2.18 13.02 -19.27
C ALA G 52 3.50 13.77 -19.12
N SER G 53 3.95 14.35 -20.22
CA SER G 53 5.19 15.10 -20.26
C SER G 53 5.02 16.33 -21.14
N PHE G 54 5.87 17.32 -20.90
CA PHE G 54 5.88 18.51 -21.75
C PHE G 54 7.30 19.05 -21.80
N GLU G 55 7.75 19.38 -23.01
CA GLU G 55 9.08 19.97 -23.20
C GLU G 55 8.98 21.48 -22.94
N ALA G 56 9.56 21.92 -21.83
CA ALA G 56 9.45 23.31 -21.43
C ALA G 56 10.15 24.26 -22.40
N GLN G 57 11.12 23.76 -23.19
CA GLN G 57 11.80 24.62 -24.16
C GLN G 57 10.81 25.23 -25.14
N GLY G 58 9.81 24.46 -25.57
CA GLY G 58 8.84 24.99 -26.50
C GLY G 58 8.11 26.20 -25.97
N ALA G 59 7.80 26.19 -24.66
CA ALA G 59 7.13 27.33 -24.05
C ALA G 59 8.03 28.57 -24.04
N LEU G 60 9.33 28.39 -23.77
CA LEU G 60 10.25 29.51 -23.83
C LEU G 60 10.29 30.11 -25.24
N ALA G 61 10.16 29.26 -26.27
CA ALA G 61 10.16 29.77 -27.64
C ALA G 61 8.88 30.54 -27.93
N ASN G 62 7.74 30.07 -27.44
CA ASN G 62 6.48 30.79 -27.65
C ASN G 62 6.52 32.16 -26.99
N ILE G 63 7.08 32.24 -25.77
CA ILE G 63 7.18 33.51 -25.08
C ILE G 63 8.03 34.49 -25.89
N ALA G 64 9.09 33.99 -26.52
CA ALA G 64 9.90 34.85 -27.39
C ALA G 64 9.08 35.39 -28.55
N VAL G 65 8.27 34.53 -29.18
CA VAL G 65 7.40 35.01 -30.25
C VAL G 65 6.35 35.97 -29.70
N ASP G 66 5.80 35.67 -28.52
CA ASP G 66 4.84 36.58 -27.89
C ASP G 66 5.43 37.97 -27.69
N LYS G 67 6.69 38.03 -27.24
CA LYS G 67 7.33 39.31 -27.00
C LYS G 67 7.46 40.10 -28.30
N ALA G 68 7.92 39.45 -29.37
CA ALA G 68 8.08 40.14 -30.65
C ALA G 68 6.73 40.57 -31.22
N ASN G 69 5.69 39.75 -31.04
CA ASN G 69 4.37 40.14 -31.48
C ASN G 69 3.85 41.34 -30.68
N LEU G 70 4.09 41.34 -29.36
CA LEU G 70 3.64 42.46 -28.53
C LEU G 70 4.21 43.78 -29.04
N GLU G 71 5.51 43.81 -29.35
CA GLU G 71 6.14 45.05 -29.77
C GLU G 71 5.62 45.52 -31.12
N ILE G 72 5.35 44.58 -32.03
CA ILE G 72 4.73 44.95 -33.30
C ILE G 72 3.36 45.57 -33.05
N MET G 73 2.55 44.92 -32.21
CA MET G 73 1.18 45.38 -31.98
C MET G 73 1.15 46.63 -31.13
N THR G 74 2.12 46.80 -30.24
CA THR G 74 2.22 48.04 -29.46
C THR G 74 2.44 49.23 -30.39
N LYS G 75 3.39 49.11 -31.32
CA LYS G 75 3.62 50.18 -32.28
C LYS G 75 2.40 50.39 -33.18
N ARG G 76 1.80 49.29 -33.67
CA ARG G 76 0.66 49.42 -34.58
C ARG G 76 -0.51 50.11 -33.91
N SER G 77 -0.69 49.92 -32.61
CA SER G 77 -1.76 50.57 -31.86
C SER G 77 -1.42 52.01 -31.48
N ASN G 78 -0.30 52.54 -31.98
CA ASN G 78 0.18 53.87 -31.61
C ASN G 78 0.44 53.96 -30.10
N TYR G 79 1.02 52.89 -29.56
CA TYR G 79 1.47 52.82 -28.17
C TYR G 79 0.32 53.10 -27.19
N THR G 80 -0.85 52.54 -27.49
CA THR G 80 -1.97 52.60 -26.57
C THR G 80 -1.74 51.64 -25.40
N PRO G 81 -1.80 52.10 -24.16
CA PRO G 81 -1.57 51.22 -23.01
C PRO G 81 -2.85 50.56 -22.55
N ILE G 82 -2.68 49.55 -21.68
CA ILE G 82 -3.81 48.78 -21.17
C ILE G 82 -4.49 49.56 -20.04
N THR G 83 -5.80 49.43 -19.96
CA THR G 83 -6.58 50.00 -18.87
C THR G 83 -6.53 49.05 -17.67
N ASN G 84 -6.06 49.56 -16.53
CA ASN G 84 -6.06 48.75 -15.31
C ASN G 84 -7.49 48.40 -14.91
N VAL G 85 -7.68 47.15 -14.49
CA VAL G 85 -8.95 46.70 -13.93
C VAL G 85 -8.62 46.08 -12.58
N PRO G 86 -9.08 46.65 -11.47
CA PRO G 86 -8.65 46.18 -10.15
C PRO G 86 -9.34 44.87 -9.81
N PRO G 87 -8.71 44.04 -8.98
CA PRO G 87 -9.30 42.75 -8.63
C PRO G 87 -10.39 42.90 -7.58
N GLU G 88 -11.24 41.88 -7.52
CA GLU G 88 -12.07 41.64 -6.35
C GLU G 88 -11.51 40.41 -5.64
N VAL G 89 -11.48 40.48 -4.32
CA VAL G 89 -10.72 39.54 -3.50
C VAL G 89 -11.67 38.87 -2.53
N THR G 90 -11.58 37.54 -2.44
CA THR G 90 -12.40 36.77 -1.53
C THR G 90 -11.50 35.83 -0.74
N VAL G 91 -11.72 35.77 0.57
CA VAL G 91 -11.01 34.86 1.46
C VAL G 91 -11.98 33.81 1.97
N LEU G 92 -11.63 32.54 1.78
CA LEU G 92 -12.47 31.45 2.24
C LEU G 92 -11.58 30.30 2.70
N THR G 93 -12.20 29.28 3.28
CA THR G 93 -11.49 28.11 3.76
C THR G 93 -11.69 26.93 2.82
N ASN G 94 -10.76 25.97 2.91
CA ASN G 94 -10.83 24.77 2.08
C ASN G 94 -12.06 23.93 2.40
N SER G 95 -12.50 23.94 3.65
CA SER G 95 -13.59 23.09 4.11
C SER G 95 -14.19 23.73 5.36
N PRO G 96 -15.32 23.23 5.85
CA PRO G 96 -15.86 23.75 7.12
C PRO G 96 -14.80 23.73 8.22
N VAL G 97 -14.74 24.84 8.95
CA VAL G 97 -13.66 25.08 9.91
C VAL G 97 -14.04 24.52 11.27
N GLU G 98 -13.17 23.68 11.82
CA GLU G 98 -13.29 23.18 13.18
C GLU G 98 -12.03 23.52 13.95
N LEU G 99 -12.20 23.99 15.19
CA LEU G 99 -11.08 24.46 15.99
C LEU G 99 -10.02 23.38 16.16
N ARG G 100 -8.75 23.80 16.05
CA ARG G 100 -7.59 22.95 16.25
C ARG G 100 -7.52 21.78 15.27
N GLU G 101 -8.25 21.86 14.16
CA GLU G 101 -8.20 20.85 13.12
C GLU G 101 -7.67 21.50 11.84
N PRO G 102 -6.53 21.05 11.32
CA PRO G 102 -5.86 21.80 10.24
C PRO G 102 -6.78 22.10 9.07
N ASN G 103 -6.62 23.30 8.53
CA ASN G 103 -7.42 23.79 7.40
C ASN G 103 -6.49 24.63 6.52
N VAL G 104 -7.05 25.24 5.48
CA VAL G 104 -6.28 26.08 4.56
C VAL G 104 -7.11 27.30 4.22
N LEU G 105 -6.51 28.49 4.39
CA LEU G 105 -7.14 29.73 3.95
C LEU G 105 -6.82 29.96 2.48
N ILE G 106 -7.85 30.27 1.69
CA ILE G 106 -7.70 30.58 0.27
C ILE G 106 -7.98 32.06 0.07
N CYS G 107 -7.04 32.75 -0.56
CA CYS G 107 -7.27 34.12 -1.01
C CYS G 107 -7.45 34.05 -2.52
N PHE G 108 -8.67 34.34 -2.97
CA PHE G 108 -9.03 34.23 -4.38
C PHE G 108 -9.06 35.63 -4.97
N ILE G 109 -8.15 35.89 -5.91
CA ILE G 109 -7.98 37.20 -6.53
C ILE G 109 -8.49 37.09 -7.96
N ASP G 110 -9.50 37.89 -8.29
CA ASP G 110 -10.32 37.63 -9.47
C ASP G 110 -10.59 38.91 -10.25
N LYS G 111 -10.71 38.75 -11.58
CA LYS G 111 -11.20 39.80 -12.48
C LYS G 111 -10.28 41.01 -12.52
N PHE G 112 -9.01 40.78 -12.81
CA PHE G 112 -8.04 41.88 -12.84
C PHE G 112 -7.13 41.75 -14.04
N THR G 113 -6.55 42.89 -14.41
CA THR G 113 -5.52 43.00 -15.44
C THR G 113 -4.89 44.39 -15.29
N PRO G 114 -3.59 44.53 -15.59
CA PRO G 114 -2.59 43.53 -16.03
C PRO G 114 -2.28 42.48 -14.97
N PRO G 115 -1.59 41.34 -15.38
CA PRO G 115 -1.29 40.26 -14.41
C PRO G 115 -0.06 40.56 -13.55
N VAL G 116 -0.19 41.60 -12.72
CA VAL G 116 0.83 41.95 -11.73
C VAL G 116 0.11 42.29 -10.43
N VAL G 117 0.48 41.59 -9.35
CA VAL G 117 -0.21 41.75 -8.08
C VAL G 117 0.78 41.48 -6.96
N ASN G 118 0.59 42.17 -5.82
CA ASN G 118 1.33 41.91 -4.59
C ASN G 118 0.35 41.37 -3.56
N VAL G 119 0.63 40.18 -3.03
CA VAL G 119 -0.24 39.51 -2.07
C VAL G 119 0.58 39.08 -0.87
N THR G 120 0.10 39.43 0.32
CA THR G 120 0.73 39.01 1.57
C THR G 120 -0.34 38.56 2.55
N TRP G 121 -0.09 37.44 3.21
CA TRP G 121 -0.93 36.99 4.31
C TRP G 121 -0.54 37.67 5.61
N LEU G 122 -1.54 38.05 6.41
CA LEU G 122 -1.33 38.62 7.73
C LEU G 122 -2.04 37.77 8.77
N ARG G 123 -1.32 37.41 9.83
CA ARG G 123 -1.91 36.79 11.02
C ARG G 123 -1.80 37.77 12.17
N ASN G 124 -2.94 38.20 12.70
CA ASN G 124 -2.98 39.18 13.78
C ASN G 124 -2.18 40.43 13.41
N GLY G 125 -2.24 40.81 12.14
CA GLY G 125 -1.56 41.98 11.63
C GLY G 125 -0.13 41.77 11.19
N LYS G 126 0.44 40.58 11.39
CA LYS G 126 1.84 40.32 11.07
C LYS G 126 1.94 39.45 9.82
N PRO G 127 2.83 39.79 8.88
CA PRO G 127 2.92 39.01 7.64
C PRO G 127 3.38 37.58 7.89
N VAL G 128 2.74 36.65 7.19
CA VAL G 128 3.02 35.21 7.30
C VAL G 128 3.55 34.71 5.97
N THR G 129 4.59 33.88 6.03
CA THR G 129 5.15 33.25 4.85
C THR G 129 5.34 31.74 5.00
N THR G 130 4.91 31.15 6.12
CA THR G 130 5.17 29.75 6.41
C THR G 130 4.10 28.87 5.78
N GLY G 131 4.52 27.92 4.94
CA GLY G 131 3.62 27.00 4.29
C GLY G 131 2.80 27.59 3.17
N VAL G 132 2.93 28.89 2.89
CA VAL G 132 2.11 29.53 1.89
C VAL G 132 2.50 29.06 0.50
N SER G 133 1.53 29.06 -0.41
CA SER G 133 1.75 28.75 -1.81
C SER G 133 0.83 29.62 -2.66
N GLU G 134 1.02 29.55 -3.97
CA GLU G 134 0.25 30.38 -4.88
C GLU G 134 0.19 29.71 -6.25
N THR G 135 -0.78 30.13 -7.05
CA THR G 135 -0.86 29.75 -8.44
C THR G 135 -0.29 30.85 -9.33
N VAL G 136 -0.13 30.54 -10.61
CA VAL G 136 0.23 31.54 -11.60
C VAL G 136 -1.05 32.27 -11.98
N PHE G 137 -0.95 33.18 -12.95
CA PHE G 137 -2.10 33.97 -13.37
C PHE G 137 -2.95 33.13 -14.32
N LEU G 138 -4.15 32.78 -13.88
CA LEU G 138 -5.06 31.87 -14.55
C LEU G 138 -6.01 32.63 -15.45
N PRO G 139 -6.44 32.03 -16.55
CA PRO G 139 -7.27 32.75 -17.52
C PRO G 139 -8.74 32.79 -17.13
N ARG G 140 -9.44 33.76 -17.72
CA ARG G 140 -10.87 33.90 -17.61
C ARG G 140 -11.47 34.08 -19.00
N GLU G 141 -12.75 33.72 -19.12
CA GLU G 141 -13.45 33.86 -20.40
C GLU G 141 -13.53 35.31 -20.84
N ASP G 142 -13.51 36.26 -19.90
CA ASP G 142 -13.49 37.67 -20.25
C ASP G 142 -12.08 38.24 -20.36
N HIS G 143 -11.07 37.37 -20.31
CA HIS G 143 -9.67 37.69 -20.60
C HIS G 143 -9.03 38.56 -19.52
N LEU G 144 -9.71 38.72 -18.38
CA LEU G 144 -9.08 39.15 -17.14
C LEU G 144 -8.38 37.92 -16.54
N PHE G 145 -7.84 38.05 -15.34
CA PHE G 145 -7.05 37.00 -14.72
C PHE G 145 -7.62 36.57 -13.38
N ARG G 146 -7.28 35.33 -12.99
CA ARG G 146 -7.51 34.78 -11.66
C ARG G 146 -6.19 34.40 -11.03
N LYS G 147 -6.19 34.31 -9.70
CA LYS G 147 -5.02 33.83 -8.98
C LYS G 147 -5.48 33.35 -7.60
N PHE G 148 -4.82 32.31 -7.11
CA PHE G 148 -5.09 31.75 -5.80
C PHE G 148 -3.84 31.84 -4.94
N HIS G 149 -4.02 32.21 -3.67
CA HIS G 149 -2.97 32.13 -2.66
C HIS G 149 -3.49 31.29 -1.51
N TYR G 150 -2.59 30.51 -0.91
CA TYR G 150 -2.98 29.52 0.10
C TYR G 150 -2.16 29.72 1.37
N LEU G 151 -2.81 29.50 2.51
CA LEU G 151 -2.16 29.58 3.82
C LEU G 151 -2.70 28.47 4.70
N PRO G 152 -1.96 27.38 4.88
CA PRO G 152 -2.37 26.36 5.85
C PRO G 152 -2.34 26.94 7.24
N PHE G 153 -3.38 26.65 8.03
CA PHE G 153 -3.46 27.24 9.35
C PHE G 153 -4.21 26.31 10.30
N LEU G 154 -3.97 26.53 11.59
CA LEU G 154 -4.68 25.84 12.66
C LEU G 154 -5.76 26.77 13.19
N PRO G 155 -7.04 26.46 13.00
CA PRO G 155 -8.10 27.40 13.40
C PRO G 155 -8.18 27.57 14.90
N SER G 156 -8.44 28.80 15.32
CA SER G 156 -8.63 29.10 16.74
C SER G 156 -9.43 30.39 16.84
N THR G 157 -10.02 30.60 18.03
CA THR G 157 -10.78 31.81 18.28
C THR G 157 -9.90 33.03 18.48
N GLU G 158 -8.60 32.85 18.68
CA GLU G 158 -7.69 33.92 19.03
C GLU G 158 -7.06 34.61 17.82
N ASP G 159 -6.87 33.89 16.71
CA ASP G 159 -6.17 34.42 15.56
C ASP G 159 -7.13 34.97 14.52
N VAL G 160 -6.81 36.15 14.00
CA VAL G 160 -7.51 36.73 12.86
C VAL G 160 -6.52 36.82 11.69
N TYR G 161 -7.07 36.86 10.49
CA TYR G 161 -6.27 36.79 9.27
C TYR G 161 -6.74 37.84 8.27
N ASP G 162 -5.80 38.28 7.42
CA ASP G 162 -6.10 39.16 6.32
C ASP G 162 -5.28 38.76 5.11
N CYS G 163 -5.89 38.87 3.93
CA CYS G 163 -5.18 38.81 2.66
C CYS G 163 -5.07 40.22 2.12
N ARG G 164 -3.85 40.74 2.04
CA ARG G 164 -3.61 42.10 1.55
C ARG G 164 -3.16 42.03 0.10
N VAL G 165 -3.87 42.73 -0.77
CA VAL G 165 -3.68 42.64 -2.21
C VAL G 165 -3.40 44.04 -2.75
N GLU G 166 -2.29 44.17 -3.49
CA GLU G 166 -1.91 45.42 -4.12
C GLU G 166 -1.99 45.28 -5.64
N HIS G 167 -2.59 46.27 -6.29
CA HIS G 167 -2.74 46.24 -7.74
C HIS G 167 -2.81 47.69 -8.22
N TRP G 168 -2.25 47.93 -9.40
CA TRP G 168 -2.18 49.30 -9.92
C TRP G 168 -3.55 49.91 -10.17
N GLY G 169 -4.57 49.09 -10.39
CA GLY G 169 -5.92 49.60 -10.53
C GLY G 169 -6.61 49.95 -9.23
N LEU G 170 -5.96 49.73 -8.10
CA LEU G 170 -6.52 50.03 -6.79
C LEU G 170 -5.90 51.30 -6.22
N ASP G 171 -6.72 52.08 -5.53
CA ASP G 171 -6.21 53.30 -4.89
C ASP G 171 -5.41 52.97 -3.64
N GLU G 172 -5.85 51.98 -2.87
CA GLU G 172 -5.21 51.55 -1.64
C GLU G 172 -5.11 50.04 -1.65
N PRO G 173 -4.19 49.46 -0.88
CA PRO G 173 -4.15 48.00 -0.76
C PRO G 173 -5.49 47.48 -0.27
N LEU G 174 -5.93 46.39 -0.89
CA LEU G 174 -7.19 45.75 -0.55
C LEU G 174 -6.93 44.68 0.51
N LEU G 175 -7.60 44.80 1.66
CA LEU G 175 -7.51 43.82 2.74
C LEU G 175 -8.85 43.12 2.91
N LYS G 176 -8.83 41.80 2.89
CA LYS G 176 -10.01 40.98 3.13
C LYS G 176 -9.81 40.18 4.41
N HIS G 177 -10.73 40.31 5.34
CA HIS G 177 -10.58 39.78 6.68
C HIS G 177 -11.14 38.37 6.76
N TRP G 178 -10.55 37.57 7.64
CA TRP G 178 -11.13 36.27 8.01
C TRP G 178 -10.87 36.00 9.47
N GLU G 179 -11.89 35.48 10.15
CA GLU G 179 -11.76 35.02 11.53
C GLU G 179 -12.81 33.94 11.77
N PHE G 180 -12.53 33.11 12.79
CA PHE G 180 -13.49 32.09 13.19
C PHE G 180 -14.78 32.74 13.67
N ASP G 181 -15.91 32.15 13.31
CA ASP G 181 -17.21 32.66 13.71
C ASP G 181 -17.94 31.69 14.62
N GLY H 1 2.18 10.23 -22.48
CA GLY H 1 2.25 10.97 -23.73
C GLY H 1 2.85 12.36 -23.54
N TRP H 2 3.14 13.01 -24.67
CA TRP H 2 3.71 14.35 -24.66
C TRP H 2 2.65 15.36 -25.08
N ILE H 3 2.33 16.29 -24.19
CA ILE H 3 1.51 17.42 -24.58
C ILE H 3 2.28 18.28 -25.57
N SER H 4 1.66 18.58 -26.70
CA SER H 4 2.26 19.45 -27.70
C SER H 4 1.63 20.84 -27.64
N LEU H 5 2.48 21.86 -27.69
CA LEU H 5 1.98 23.23 -27.67
C LEU H 5 1.58 23.66 -29.08
N TRP H 6 0.77 24.70 -29.14
CA TRP H 6 0.45 25.34 -30.40
C TRP H 6 1.41 26.51 -30.59
N LYS H 7 2.21 26.44 -31.66
CA LYS H 7 3.26 27.44 -31.86
C LYS H 7 2.66 28.77 -32.27
N GLY H 8 1.61 28.76 -33.08
CA GLY H 8 1.03 29.99 -33.56
C GLY H 8 1.87 30.60 -34.67
N PHE H 9 1.56 31.86 -34.98
CA PHE H 9 2.14 32.53 -36.12
C PHE H 9 2.66 33.90 -35.68
N SER H 10 3.46 34.50 -36.55
CA SER H 10 4.12 35.77 -36.24
C SER H 10 3.46 36.90 -37.02
N PHE H 11 3.27 38.03 -36.34
CA PHE H 11 2.65 39.20 -36.95
C PHE H 11 3.67 39.97 -37.79
N ASP H 28 4.78 52.43 -9.66
CA ASP H 28 5.12 52.41 -11.08
C ASP H 28 3.93 52.86 -11.91
N THR H 29 4.03 54.04 -12.50
CA THR H 29 2.94 54.64 -13.26
C THR H 29 3.14 54.58 -14.78
N ARG H 30 4.22 53.97 -15.25
CA ARG H 30 4.49 53.96 -16.68
C ARG H 30 3.58 52.95 -17.40
N PRO H 31 3.27 53.19 -18.68
CA PRO H 31 2.24 52.40 -19.35
C PRO H 31 2.61 50.93 -19.49
N ARG H 32 1.59 50.08 -19.49
CA ARG H 32 1.74 48.65 -19.69
C ARG H 32 1.11 48.23 -21.02
N PHE H 33 1.70 47.23 -21.65
CA PHE H 33 1.22 46.68 -22.91
C PHE H 33 1.18 45.16 -22.77
N LEU H 34 0.02 44.56 -23.04
CA LEU H 34 -0.22 43.16 -22.71
C LEU H 34 -0.65 42.40 -23.95
N TRP H 35 -0.02 41.24 -24.16
CA TRP H 35 -0.29 40.37 -25.29
C TRP H 35 -0.72 39.01 -24.76
N GLN H 36 -1.90 38.55 -25.18
CA GLN H 36 -2.53 37.35 -24.62
C GLN H 36 -2.96 36.38 -25.72
N PRO H 37 -2.08 35.46 -26.11
CA PRO H 37 -2.54 34.37 -26.97
C PRO H 37 -3.37 33.37 -26.19
N LYS H 38 -4.47 32.92 -26.79
CA LYS H 38 -5.29 31.87 -26.21
C LYS H 38 -5.58 30.83 -27.30
N ARG H 39 -5.18 29.59 -27.05
CA ARG H 39 -5.44 28.48 -27.95
C ARG H 39 -6.45 27.56 -27.28
N GLU H 40 -7.66 27.52 -27.80
CA GLU H 40 -8.77 26.80 -27.19
C GLU H 40 -9.13 25.58 -28.02
N CYS H 41 -9.34 24.46 -27.35
CA CYS H 41 -9.84 23.24 -27.96
C CYS H 41 -11.13 22.86 -27.25
N HIS H 42 -12.24 22.88 -27.98
CA HIS H 42 -13.55 22.58 -27.42
C HIS H 42 -13.96 21.19 -27.89
N PHE H 43 -14.21 20.30 -26.94
CA PHE H 43 -14.54 18.91 -27.22
C PHE H 43 -16.00 18.66 -26.89
N PHE H 44 -16.71 18.03 -27.82
CA PHE H 44 -18.11 17.63 -27.63
C PHE H 44 -18.22 16.15 -27.90
N ASN H 45 -18.73 15.39 -26.92
CA ASN H 45 -18.86 13.94 -27.01
C ASN H 45 -17.48 13.30 -27.22
N GLY H 46 -16.60 13.55 -26.26
CA GLY H 46 -15.22 13.13 -26.43
C GLY H 46 -14.58 13.91 -27.56
N THR H 47 -13.87 13.20 -28.45
CA THR H 47 -13.25 13.80 -29.62
C THR H 47 -14.09 13.64 -30.87
N GLU H 48 -15.39 13.37 -30.71
CA GLU H 48 -16.28 13.28 -31.88
C GLU H 48 -16.34 14.62 -32.61
N ARG H 49 -16.79 15.66 -31.93
CA ARG H 49 -16.82 17.02 -32.47
C ARG H 49 -15.82 17.86 -31.71
N VAL H 50 -14.87 18.45 -32.43
CA VAL H 50 -13.81 19.26 -31.84
C VAL H 50 -13.78 20.61 -32.53
N ARG H 51 -13.59 21.68 -31.76
CA ARG H 51 -13.50 23.03 -32.28
C ARG H 51 -12.22 23.68 -31.76
N PHE H 52 -11.44 24.25 -32.68
CA PHE H 52 -10.18 24.90 -32.36
C PHE H 52 -10.27 26.39 -32.61
N LEU H 53 -9.74 27.18 -31.67
CA LEU H 53 -9.67 28.62 -31.83
C LEU H 53 -8.27 29.11 -31.48
N ASP H 54 -7.68 29.90 -32.37
CA ASP H 54 -6.39 30.55 -32.12
C ASP H 54 -6.67 32.05 -32.01
N ARG H 55 -6.61 32.57 -30.79
CA ARG H 55 -7.06 33.91 -30.48
C ARG H 55 -5.91 34.76 -29.96
N TYR H 56 -5.81 35.99 -30.46
CA TYR H 56 -4.74 36.91 -30.07
C TYR H 56 -5.36 38.17 -29.48
N PHE H 57 -5.01 38.47 -28.23
CA PHE H 57 -5.59 39.58 -27.49
C PHE H 57 -4.50 40.62 -27.21
N TYR H 58 -4.77 41.86 -27.57
CA TYR H 58 -3.90 42.98 -27.23
C TYR H 58 -4.63 43.89 -26.26
N ASN H 59 -4.05 44.06 -25.07
CA ASN H 59 -4.63 44.87 -24.00
C ASN H 59 -6.10 44.50 -23.78
N GLN H 60 -6.35 43.20 -23.63
CA GLN H 60 -7.65 42.59 -23.32
C GLN H 60 -8.61 42.62 -24.49
N GLU H 61 -8.20 43.12 -25.66
CA GLU H 61 -9.08 43.23 -26.82
C GLU H 61 -8.61 42.27 -27.89
N GLU H 62 -9.51 41.38 -28.32
CA GLU H 62 -9.18 40.41 -29.36
C GLU H 62 -8.93 41.13 -30.68
N SER H 63 -7.83 40.80 -31.34
CA SER H 63 -7.50 41.43 -32.61
C SER H 63 -7.77 40.52 -33.80
N VAL H 64 -7.31 39.27 -33.76
CA VAL H 64 -7.49 38.33 -34.87
C VAL H 64 -7.73 36.95 -34.28
N ARG H 65 -8.51 36.16 -35.00
CA ARG H 65 -8.95 34.85 -34.52
C ARG H 65 -8.99 33.87 -35.69
N PHE H 66 -8.53 32.65 -35.45
CA PHE H 66 -8.85 31.53 -36.33
C PHE H 66 -9.87 30.64 -35.62
N ASP H 67 -10.99 30.40 -36.29
CA ASP H 67 -12.06 29.56 -35.77
C ASP H 67 -12.20 28.37 -36.73
N SER H 68 -11.99 27.16 -36.22
CA SER H 68 -12.05 25.98 -37.09
C SER H 68 -13.44 25.79 -37.68
N ASP H 69 -14.48 26.29 -37.02
CA ASP H 69 -15.82 26.22 -37.58
C ASP H 69 -16.02 27.21 -38.72
N VAL H 70 -15.14 28.21 -38.84
CA VAL H 70 -15.18 29.16 -39.94
C VAL H 70 -14.24 28.75 -41.07
N GLY H 71 -13.04 28.27 -40.72
CA GLY H 71 -12.10 27.77 -41.69
C GLY H 71 -11.06 28.74 -42.19
N GLU H 72 -11.12 30.00 -41.75
CA GLU H 72 -10.10 30.98 -42.10
C GLU H 72 -10.01 32.02 -41.00
N PHE H 73 -8.95 32.81 -41.04
CA PHE H 73 -8.73 33.84 -40.04
C PHE H 73 -9.70 35.01 -40.22
N ARG H 74 -10.03 35.64 -39.10
CA ARG H 74 -10.94 36.78 -39.08
C ARG H 74 -10.41 37.83 -38.11
N ALA H 75 -10.41 39.08 -38.55
CA ALA H 75 -10.08 40.20 -37.67
C ALA H 75 -11.28 40.53 -36.79
N VAL H 76 -11.06 40.58 -35.48
CA VAL H 76 -12.11 41.00 -34.56
C VAL H 76 -12.16 42.52 -34.44
N THR H 77 -10.99 43.17 -34.49
CA THR H 77 -10.87 44.62 -34.52
C THR H 77 -10.02 45.00 -35.72
N GLU H 78 -9.95 46.31 -36.00
CA GLU H 78 -9.12 46.77 -37.11
C GLU H 78 -7.65 46.47 -36.86
N LEU H 79 -7.25 46.34 -35.59
CA LEU H 79 -5.87 46.05 -35.26
C LEU H 79 -5.39 44.74 -35.86
N GLY H 80 -6.27 43.77 -36.02
CA GLY H 80 -5.92 42.49 -36.58
C GLY H 80 -6.09 42.34 -38.08
N ARG H 81 -6.59 43.39 -38.74
CA ARG H 81 -6.90 43.27 -40.17
C ARG H 81 -5.70 42.91 -41.05
N PRO H 82 -4.52 43.52 -40.90
CA PRO H 82 -3.41 43.13 -41.79
C PRO H 82 -3.07 41.65 -41.74
N ASP H 83 -2.98 41.08 -40.54
CA ASP H 83 -2.53 39.70 -40.40
C ASP H 83 -3.60 38.69 -40.79
N ALA H 84 -4.88 39.01 -40.56
CA ALA H 84 -5.94 38.13 -41.03
C ALA H 84 -5.90 37.98 -42.54
N GLU H 85 -5.72 39.09 -43.26
CA GLU H 85 -5.67 39.04 -44.72
C GLU H 85 -4.42 38.30 -45.20
N TYR H 86 -3.26 38.61 -44.64
CA TYR H 86 -2.02 37.95 -45.05
C TYR H 86 -2.06 36.45 -44.74
N TRP H 87 -2.50 36.09 -43.54
CA TRP H 87 -2.53 34.67 -43.17
C TRP H 87 -3.52 33.90 -44.03
N ASN H 88 -4.64 34.52 -44.39
CA ASN H 88 -5.61 33.87 -45.27
C ASN H 88 -5.10 33.67 -46.68
N SER H 89 -4.11 34.46 -47.11
CA SER H 89 -3.56 34.28 -48.45
C SER H 89 -2.51 33.17 -48.53
N GLN H 90 -1.99 32.71 -47.41
CA GLN H 90 -0.92 31.71 -47.37
C GLN H 90 -1.53 30.32 -47.21
N LYS H 91 -1.35 29.47 -48.22
CA LYS H 91 -1.90 28.12 -48.15
C LYS H 91 -1.33 27.34 -46.98
N ASP H 92 -0.02 27.46 -46.75
CA ASP H 92 0.64 26.61 -45.77
C ASP H 92 0.24 27.01 -44.35
N ILE H 93 0.19 28.32 -44.07
CA ILE H 93 -0.27 28.78 -42.76
C ILE H 93 -1.73 28.40 -42.57
N LEU H 94 -2.55 28.59 -43.60
CA LEU H 94 -3.98 28.29 -43.49
C LEU H 94 -4.22 26.80 -43.26
N GLU H 95 -3.47 25.94 -43.94
CA GLU H 95 -3.69 24.50 -43.77
C GLU H 95 -3.13 23.99 -42.45
N GLN H 96 -2.14 24.68 -41.88
CA GLN H 96 -1.70 24.35 -40.52
C GLN H 96 -2.82 24.57 -39.52
N ALA H 97 -3.50 25.71 -39.61
CA ALA H 97 -4.59 26.02 -38.69
C ALA H 97 -5.74 25.03 -38.83
N ARG H 98 -6.12 24.69 -40.07
CA ARG H 98 -7.22 23.76 -40.28
C ARG H 98 -6.89 22.35 -39.79
N ALA H 99 -5.61 22.01 -39.66
CA ALA H 99 -5.22 20.71 -39.12
C ALA H 99 -5.13 20.68 -37.61
N ALA H 100 -5.21 21.85 -36.95
CA ALA H 100 -5.01 21.92 -35.51
C ALA H 100 -5.99 21.04 -34.75
N VAL H 101 -7.20 20.88 -35.27
CA VAL H 101 -8.18 20.03 -34.62
C VAL H 101 -7.64 18.60 -34.46
N ASP H 102 -6.74 18.19 -35.35
CA ASP H 102 -6.14 16.87 -35.29
C ASP H 102 -4.73 16.88 -34.67
N THR H 103 -3.83 17.69 -35.23
CA THR H 103 -2.44 17.68 -34.75
C THR H 103 -2.29 18.21 -33.33
N TYR H 104 -3.26 18.99 -32.84
CA TYR H 104 -3.12 19.68 -31.56
C TYR H 104 -4.22 19.27 -30.58
N CYS H 105 -5.49 19.55 -30.91
CA CYS H 105 -6.57 19.31 -29.96
C CYS H 105 -6.72 17.82 -29.65
N ARG H 106 -6.96 17.01 -30.68
CA ARG H 106 -7.20 15.59 -30.44
C ARG H 106 -5.98 14.89 -29.88
N HIS H 107 -4.77 15.33 -30.26
CA HIS H 107 -3.57 14.77 -29.66
C HIS H 107 -3.54 15.01 -28.16
N ASN H 108 -3.62 16.28 -27.76
CA ASN H 108 -3.55 16.61 -26.33
C ASN H 108 -4.68 15.96 -25.55
N TYR H 109 -5.85 15.78 -26.16
CA TYR H 109 -6.95 15.12 -25.46
C TYR H 109 -6.56 13.70 -25.04
N GLY H 110 -5.97 12.94 -25.96
CA GLY H 110 -5.58 11.58 -25.63
C GLY H 110 -4.47 11.52 -24.60
N VAL H 111 -3.62 12.54 -24.55
CA VAL H 111 -2.52 12.56 -23.59
C VAL H 111 -3.03 12.74 -22.17
N VAL H 112 -3.94 13.70 -21.97
CA VAL H 112 -4.37 14.10 -20.63
C VAL H 112 -5.70 13.49 -20.20
N GLU H 113 -6.40 12.77 -21.09
CA GLU H 113 -7.78 12.38 -20.81
C GLU H 113 -7.89 11.53 -19.54
N SER H 114 -6.90 10.70 -19.26
CA SER H 114 -7.05 9.73 -18.17
C SER H 114 -7.08 10.39 -16.81
N PHE H 115 -6.40 11.52 -16.63
CA PHE H 115 -6.34 12.19 -15.33
C PHE H 115 -7.09 13.52 -15.33
N THR H 116 -7.84 13.82 -16.39
CA THR H 116 -8.63 15.05 -16.46
C THR H 116 -10.10 14.71 -16.72
N VAL H 117 -10.43 14.22 -17.92
CA VAL H 117 -11.81 13.84 -18.23
C VAL H 117 -12.29 12.76 -17.27
N GLN H 118 -11.40 11.85 -16.88
CA GLN H 118 -11.77 10.71 -16.06
C GLN H 118 -11.59 10.93 -14.56
N ARG H 119 -11.04 12.08 -14.17
CA ARG H 119 -10.79 12.33 -12.75
C ARG H 119 -12.12 12.42 -11.99
N ARG H 120 -12.21 11.66 -10.89
CA ARG H 120 -13.40 11.63 -10.05
C ARG H 120 -12.96 11.64 -8.60
N VAL H 121 -13.37 12.67 -7.85
CA VAL H 121 -13.07 12.75 -6.42
C VAL H 121 -14.39 12.92 -5.67
N GLN H 122 -14.59 12.11 -4.65
CA GLN H 122 -15.87 12.01 -3.95
CA GLN H 122 -15.87 12.03 -3.97
C GLN H 122 -16.06 13.22 -3.03
N PRO H 123 -17.29 13.74 -2.93
CA PRO H 123 -17.54 14.86 -2.02
C PRO H 123 -17.60 14.40 -0.57
N LYS H 124 -17.17 15.30 0.31
CA LYS H 124 -17.45 15.18 1.73
C LYS H 124 -18.69 16.01 2.05
N VAL H 125 -19.72 15.36 2.58
CA VAL H 125 -21.01 16.01 2.84
C VAL H 125 -21.22 16.04 4.35
N THR H 126 -21.42 17.24 4.88
CA THR H 126 -21.78 17.42 6.29
C THR H 126 -22.88 18.45 6.40
N VAL H 127 -23.68 18.31 7.46
CA VAL H 127 -24.81 19.19 7.74
C VAL H 127 -24.61 19.76 9.14
N TYR H 128 -24.85 21.06 9.29
CA TYR H 128 -24.72 21.69 10.60
C TYR H 128 -25.64 22.91 10.65
N PRO H 129 -26.20 23.20 11.82
CA PRO H 129 -27.03 24.41 11.95
C PRO H 129 -26.18 25.66 11.97
N SER H 130 -26.81 26.77 11.60
CA SER H 130 -26.15 28.07 11.59
C SER H 130 -27.19 29.16 11.81
N LYS H 131 -26.79 30.42 11.62
CA LYS H 131 -27.66 31.56 11.85
C LYS H 131 -27.41 32.63 10.80
N THR H 132 -28.49 33.25 10.32
CA THR H 132 -28.35 34.36 9.38
C THR H 132 -27.67 35.55 10.03
N GLN H 133 -28.00 35.82 11.28
CA GLN H 133 -27.41 36.90 12.04
C GLN H 133 -27.37 36.48 13.50
N PRO H 134 -26.70 37.25 14.37
CA PRO H 134 -26.79 36.95 15.81
C PRO H 134 -28.21 36.88 16.31
N LEU H 135 -28.75 35.66 16.38
CA LEU H 135 -30.10 35.38 16.84
C LEU H 135 -30.04 34.41 18.01
N GLN H 136 -31.22 34.10 18.55
CA GLN H 136 -31.30 33.19 19.69
C GLN H 136 -31.24 31.74 19.24
N HIS H 137 -32.17 31.33 18.37
CA HIS H 137 -32.26 29.96 17.90
CA HIS H 137 -32.24 29.96 17.90
C HIS H 137 -31.81 29.88 16.45
N HIS H 138 -31.12 28.79 16.10
CA HIS H 138 -30.62 28.59 14.75
C HIS H 138 -31.75 28.64 13.73
N ASN H 139 -31.53 29.41 12.65
CA ASN H 139 -32.51 29.54 11.58
C ASN H 139 -31.94 29.14 10.22
N LEU H 140 -30.85 28.38 10.20
CA LEU H 140 -30.27 27.87 8.96
C LEU H 140 -29.76 26.46 9.17
N LEU H 141 -30.06 25.57 8.22
CA LEU H 141 -29.37 24.30 8.09
C LEU H 141 -28.45 24.39 6.88
N VAL H 142 -27.17 24.14 7.10
CA VAL H 142 -26.14 24.26 6.08
C VAL H 142 -25.73 22.86 5.63
N CYS H 143 -25.85 22.59 4.34
CA CYS H 143 -25.28 21.38 3.75
C CYS H 143 -23.98 21.78 3.06
N SER H 144 -22.86 21.37 3.65
CA SER H 144 -21.54 21.68 3.11
C SER H 144 -21.06 20.50 2.29
N VAL H 145 -20.75 20.76 1.01
CA VAL H 145 -20.25 19.76 0.09
C VAL H 145 -18.89 20.25 -0.41
N SER H 146 -17.83 19.53 -0.08
CA SER H 146 -16.48 20.03 -0.36
C SER H 146 -15.58 18.90 -0.85
N GLY H 147 -14.52 19.32 -1.55
CA GLY H 147 -13.47 18.42 -1.97
C GLY H 147 -13.75 17.58 -3.20
N PHE H 148 -14.77 17.91 -3.99
CA PHE H 148 -15.19 17.04 -5.07
C PHE H 148 -14.64 17.49 -6.42
N TYR H 149 -14.61 16.53 -7.35
CA TYR H 149 -14.30 16.77 -8.75
C TYR H 149 -14.97 15.69 -9.59
N PRO H 150 -15.59 16.07 -10.72
CA PRO H 150 -15.64 17.44 -11.28
C PRO H 150 -16.72 18.32 -10.65
N GLY H 151 -16.91 19.50 -11.24
CA GLY H 151 -17.77 20.51 -10.63
C GLY H 151 -19.25 20.28 -10.80
N SER H 152 -19.65 19.46 -11.76
CA SER H 152 -21.07 19.14 -11.91
C SER H 152 -21.59 18.46 -10.65
N ILE H 153 -22.59 19.07 -10.01
CA ILE H 153 -23.13 18.56 -8.76
C ILE H 153 -24.55 19.07 -8.60
N GLU H 154 -25.36 18.32 -7.86
CA GLU H 154 -26.71 18.72 -7.50
C GLU H 154 -26.89 18.51 -6.01
N VAL H 155 -27.38 19.53 -5.31
CA VAL H 155 -27.61 19.49 -3.87
C VAL H 155 -29.06 19.87 -3.62
N ARG H 156 -29.81 18.98 -2.97
CA ARG H 156 -31.23 19.19 -2.71
C ARG H 156 -31.54 18.99 -1.24
N TRP H 157 -32.47 19.79 -0.73
CA TRP H 157 -32.94 19.67 0.64
C TRP H 157 -34.30 18.97 0.66
N PHE H 158 -34.47 18.09 1.64
CA PHE H 158 -35.72 17.38 1.86
C PHE H 158 -36.13 17.51 3.31
N LEU H 159 -37.43 17.67 3.54
CA LEU H 159 -38.01 17.62 4.87
C LEU H 159 -39.08 16.54 4.86
N ASN H 160 -38.76 15.39 5.46
CA ASN H 160 -39.65 14.24 5.54
C ASN H 160 -40.10 13.81 4.13
N GLY H 161 -39.12 13.49 3.30
CA GLY H 161 -39.33 12.97 1.96
C GLY H 161 -39.84 13.95 0.93
N GLN H 162 -40.22 15.15 1.32
CA GLN H 162 -40.72 16.15 0.38
C GLN H 162 -39.63 17.19 0.11
N GLU H 163 -39.34 17.43 -1.16
CA GLU H 163 -38.27 18.34 -1.54
C GLU H 163 -38.62 19.78 -1.20
N GLU H 164 -37.79 20.39 -0.36
CA GLU H 164 -37.93 21.81 -0.02
C GLU H 164 -37.25 22.63 -1.12
N LYS H 165 -38.05 23.42 -1.84
CA LYS H 165 -37.56 24.24 -2.94
C LYS H 165 -37.51 25.73 -2.61
N ALA H 166 -38.24 26.17 -1.59
CA ALA H 166 -38.26 27.57 -1.17
C ALA H 166 -37.35 27.81 0.02
N GLY H 167 -36.89 29.05 0.14
CA GLY H 167 -36.08 29.45 1.28
C GLY H 167 -34.70 28.82 1.29
N MET H 168 -34.03 28.85 0.13
CA MET H 168 -32.69 28.28 0.00
C MET H 168 -31.74 29.30 -0.60
N VAL H 169 -30.54 29.37 -0.05
CA VAL H 169 -29.43 30.14 -0.61
C VAL H 169 -28.25 29.21 -0.81
N SER H 170 -27.55 29.41 -1.93
CA SER H 170 -26.37 28.63 -2.25
C SER H 170 -25.22 29.57 -2.58
N THR H 171 -24.02 29.18 -2.17
CA THR H 171 -22.82 29.88 -2.60
C THR H 171 -22.56 29.72 -4.08
N GLY H 172 -23.20 28.74 -4.72
CA GLY H 172 -22.83 28.35 -6.05
C GLY H 172 -21.56 27.52 -6.03
N LEU H 173 -21.14 27.12 -7.22
CA LEU H 173 -19.94 26.30 -7.35
C LEU H 173 -18.70 27.15 -7.07
N ILE H 174 -17.92 26.75 -6.07
CA ILE H 174 -16.70 27.44 -5.69
C ILE H 174 -15.51 26.61 -6.17
N GLN H 175 -14.67 27.22 -7.02
CA GLN H 175 -13.49 26.55 -7.55
C GLN H 175 -12.31 26.88 -6.65
N ASN H 176 -11.72 25.84 -6.05
CA ASN H 176 -10.63 26.04 -5.10
C ASN H 176 -9.27 26.23 -5.76
N GLY H 177 -9.16 26.03 -7.07
CA GLY H 177 -7.91 26.18 -7.75
C GLY H 177 -6.95 25.01 -7.63
N ASP H 178 -7.33 23.94 -6.93
CA ASP H 178 -6.48 22.78 -6.71
C ASP H 178 -7.14 21.51 -7.22
N TRP H 179 -7.97 21.63 -8.25
CA TRP H 179 -8.72 20.52 -8.84
C TRP H 179 -9.73 19.93 -7.85
N THR H 180 -10.24 20.77 -6.94
CA THR H 180 -11.38 20.41 -6.12
C THR H 180 -12.38 21.57 -6.13
N PHE H 181 -13.64 21.23 -5.87
CA PHE H 181 -14.70 22.22 -5.77
C PHE H 181 -15.34 22.15 -4.40
N GLN H 182 -16.20 23.14 -4.15
CA GLN H 182 -16.89 23.29 -2.88
C GLN H 182 -18.19 24.02 -3.13
N THR H 183 -19.20 23.72 -2.32
CA THR H 183 -20.45 24.46 -2.36
C THR H 183 -21.15 24.32 -1.02
N LEU H 184 -21.86 25.37 -0.62
CA LEU H 184 -22.69 25.34 0.57
C LEU H 184 -24.09 25.77 0.17
N VAL H 185 -25.08 25.00 0.62
CA VAL H 185 -26.49 25.26 0.34
C VAL H 185 -27.21 25.37 1.67
N MET H 186 -27.69 26.56 2.00
CA MET H 186 -28.35 26.82 3.28
C MET H 186 -29.86 26.78 3.10
N LEU H 187 -30.54 26.07 4.00
CA LEU H 187 -31.99 26.03 4.06
C LEU H 187 -32.46 26.93 5.20
N GLU H 188 -33.32 27.89 4.89
CA GLU H 188 -33.82 28.82 5.89
C GLU H 188 -34.94 28.16 6.67
N THR H 189 -34.67 27.79 7.92
CA THR H 189 -35.66 27.12 8.75
C THR H 189 -35.23 27.18 10.21
N VAL H 190 -36.19 27.42 11.09
CA VAL H 190 -36.01 27.22 12.53
C VAL H 190 -36.52 25.83 12.82
N PRO H 191 -35.64 24.85 13.01
CA PRO H 191 -36.08 23.45 13.10
C PRO H 191 -37.04 23.23 14.25
N ARG H 192 -38.05 22.41 14.01
CA ARG H 192 -39.05 22.05 15.00
C ARG H 192 -38.80 20.60 15.42
N SER H 193 -38.96 20.33 16.71
CA SER H 193 -38.64 19.01 17.24
C SER H 193 -39.43 17.93 16.51
N GLY H 194 -38.78 16.79 16.26
CA GLY H 194 -39.36 15.72 15.51
C GLY H 194 -39.18 15.79 14.01
N GLU H 195 -38.60 16.87 13.50
CA GLU H 195 -38.37 17.03 12.06
C GLU H 195 -37.04 16.39 11.66
N VAL H 196 -37.07 15.63 10.56
CA VAL H 196 -35.89 15.00 10.00
C VAL H 196 -35.60 15.67 8.65
N TYR H 197 -34.46 16.33 8.55
CA TYR H 197 -34.01 16.97 7.32
C TYR H 197 -32.98 16.10 6.62
N THR H 198 -33.06 16.05 5.29
CA THR H 198 -32.12 15.26 4.49
C THR H 198 -31.51 16.16 3.43
N CYS H 199 -30.19 16.20 3.38
CA CYS H 199 -29.47 16.80 2.26
C CYS H 199 -29.08 15.70 1.29
N GLN H 200 -29.46 15.87 0.03
CA GLN H 200 -29.18 14.89 -1.01
C GLN H 200 -28.18 15.48 -2.01
N VAL H 201 -27.15 14.71 -2.33
CA VAL H 201 -26.09 15.14 -3.23
C VAL H 201 -25.97 14.11 -4.34
N GLU H 202 -26.03 14.57 -5.59
CA GLU H 202 -25.78 13.75 -6.76
C GLU H 202 -24.51 14.23 -7.44
N HIS H 203 -23.58 13.29 -7.67
CA HIS H 203 -22.26 13.62 -8.20
C HIS H 203 -21.73 12.42 -8.97
N PRO H 204 -21.07 12.63 -10.11
CA PRO H 204 -20.62 11.49 -10.94
C PRO H 204 -19.62 10.57 -10.27
N SER H 205 -19.02 10.96 -9.14
CA SER H 205 -18.08 10.08 -8.46
C SER H 205 -18.77 8.94 -7.70
N VAL H 206 -20.09 9.03 -7.51
CA VAL H 206 -20.85 8.00 -6.82
C VAL H 206 -21.99 7.57 -7.73
N THR H 207 -22.36 6.29 -7.65
CA THR H 207 -23.38 5.75 -8.53
C THR H 207 -24.78 6.15 -8.06
N SER H 208 -25.01 6.14 -6.76
CA SER H 208 -26.27 6.52 -6.15
C SER H 208 -26.17 7.92 -5.56
N PRO H 209 -27.29 8.54 -5.24
CA PRO H 209 -27.24 9.83 -4.53
C PRO H 209 -26.67 9.64 -3.14
N LEU H 210 -25.98 10.67 -2.66
CA LEU H 210 -25.54 10.71 -1.28
C LEU H 210 -26.58 11.43 -0.44
N THR H 211 -26.88 10.87 0.72
CA THR H 211 -27.84 11.46 1.64
C THR H 211 -27.21 11.59 3.02
N VAL H 212 -27.47 12.72 3.67
CA VAL H 212 -27.03 12.97 5.03
C VAL H 212 -28.22 13.57 5.79
N GLU H 213 -28.65 12.90 6.84
CA GLU H 213 -29.80 13.33 7.62
C GLU H 213 -29.37 14.12 8.85
N TRP H 214 -30.25 15.02 9.28
CA TRP H 214 -30.06 15.83 10.48
C TRP H 214 -31.39 15.89 11.21
N ARG H 215 -31.34 15.69 12.52
CA ARG H 215 -32.54 15.68 13.36
C ARG H 215 -32.38 16.70 14.47
N ALA H 216 -33.47 17.37 14.82
CA ALA H 216 -33.43 18.38 15.88
C ALA H 216 -33.20 17.74 17.25
C1 NAG I . -29.27 -42.49 13.19
C2 NAG I . -29.73 -41.22 12.50
C3 NAG I . -31.07 -40.74 13.09
C4 NAG I . -32.09 -41.87 13.07
C5 NAG I . -31.52 -43.11 13.75
C6 NAG I . -32.47 -44.28 13.71
C7 NAG I . -28.25 -39.50 11.56
C8 NAG I . -27.21 -38.46 11.86
N2 NAG I . -28.72 -40.18 12.61
O3 NAG I . -31.54 -39.64 12.32
O4 NAG I . -33.28 -41.47 13.73
O5 NAG I . -30.30 -43.50 13.10
O6 NAG I . -31.88 -45.45 13.16
O7 NAG I . -28.65 -39.71 10.42
C1 FUC I . -31.33 -38.42 13.04
C2 FUC I . -31.51 -37.25 12.04
C3 FUC I . -32.99 -37.02 11.67
C4 FUC I . -33.87 -36.97 12.93
C5 FUC I . -33.61 -38.21 13.79
C6 FUC I . -34.38 -38.20 15.10
O2 FUC I . -30.74 -37.46 10.85
O3 FUC I . -33.14 -35.77 11.00
O4 FUC I . -33.57 -35.80 13.68
O5 FUC I . -32.23 -38.31 14.13
C1 FUC I . -32.36 -45.63 11.80
C2 FUC I . -32.40 -47.14 11.47
C3 FUC I . -33.61 -47.49 10.59
C4 FUC I . -33.92 -46.36 9.57
C5 FUC I . -34.13 -45.02 10.31
C6 FUC I . -33.39 -43.85 9.65
O2 FUC I . -32.38 -47.95 12.65
O3 FUC I . -33.33 -48.67 9.83
O4 FUC I . -32.88 -46.25 8.62
O5 FUC I . -33.66 -45.07 11.67
C1 NAG J . -37.40 -30.90 -12.05
C2 NAG J . -36.66 -32.18 -11.69
C3 NAG J . -36.59 -33.11 -12.89
C4 NAG J . -37.99 -33.36 -13.45
C5 NAG J . -38.69 -32.04 -13.74
C6 NAG J . -40.13 -32.20 -14.15
C7 NAG J . -34.93 -32.15 -9.94
C8 NAG J . -33.52 -31.78 -9.60
N2 NAG J . -35.32 -31.88 -11.18
O3 NAG J . -35.99 -34.34 -12.50
O4 NAG J . -37.90 -34.12 -14.64
O5 NAG J . -38.70 -31.22 -12.55
O6 NAG J . -40.81 -33.10 -13.28
O7 NAG J . -35.68 -32.68 -9.13
C1 NAG J . -38.62 -35.36 -14.49
C2 NAG J . -39.02 -35.86 -15.88
C3 NAG J . -39.73 -37.21 -15.79
C4 NAG J . -38.89 -38.20 -14.99
C5 NAG J . -38.53 -37.60 -13.63
C6 NAG J . -37.64 -38.49 -12.81
C7 NAG J . -39.41 -34.01 -17.46
C8 NAG J . -40.44 -33.09 -18.04
N2 NAG J . -39.87 -34.89 -16.55
O3 NAG J . -39.96 -37.71 -17.10
O4 NAG J . -39.62 -39.40 -14.79
O5 NAG J . -37.84 -36.36 -13.83
O6 NAG J . -36.94 -37.75 -11.81
O7 NAG J . -38.23 -33.98 -17.80
C1 NAG K . 40.39 33.56 37.54
C2 NAG K . 40.79 32.24 38.15
C3 NAG K . 40.48 32.28 39.62
C4 NAG K . 41.37 33.33 40.27
C5 NAG K . 41.30 34.70 39.58
C6 NAG K . 42.54 35.48 39.87
C7 NAG K . 40.88 30.25 36.73
C8 NAG K . 40.12 29.10 36.14
N2 NAG K . 40.17 31.10 37.50
O3 NAG K . 40.60 30.98 40.21
O4 NAG K . 41.07 33.48 41.64
O5 NAG K . 41.21 34.62 38.12
O6 NAG K . 42.50 36.87 39.60
O7 NAG K . 42.08 30.42 36.51
C1 FUC K . 41.93 30.60 40.62
C2 FUC K . 41.79 29.93 42.01
C3 FUC K . 40.95 28.66 41.88
C4 FUC K . 41.62 27.71 40.90
C5 FUC K . 41.85 28.41 39.54
C6 FUC K . 42.71 27.60 38.59
O2 FUC K . 41.26 30.81 42.99
O3 FUC K . 40.84 28.00 43.14
O4 FUC K . 42.87 27.27 41.42
O5 FUC K . 42.51 29.71 39.70
C1 FUC K . 43.93 36.99 39.41
C2 FUC K . 44.38 38.35 38.83
C3 FUC K . 45.88 38.58 39.16
C4 FUC K . 46.65 37.23 39.37
C5 FUC K . 46.00 36.44 40.52
C6 FUC K . 46.06 34.92 40.33
O2 FUC K . 43.57 39.45 39.24
O3 FUC K . 46.52 39.29 38.11
O4 FUC K . 46.67 36.46 38.17
O5 FUC K . 44.60 36.77 40.67
C1 NAG L . 30.53 34.13 6.84
C2 NAG L . 31.62 34.52 7.82
C3 NAG L . 31.15 35.66 8.72
C4 NAG L . 30.61 36.82 7.90
C5 NAG L . 29.57 36.32 6.89
C6 NAG L . 29.11 37.40 5.93
C7 NAG L . 33.27 32.86 8.56
C8 NAG L . 33.53 31.68 9.44
N2 NAG L . 32.05 33.38 8.62
O3 NAG L . 32.22 36.10 9.55
O4 NAG L . 29.98 37.74 8.78
O5 NAG L . 30.11 35.27 6.09
O6 NAG L . 30.20 38.03 5.28
O7 NAG L . 34.14 33.32 7.81
C1 NAG L . 30.42 39.11 8.67
C2 NAG L . 29.66 39.81 9.79
C3 NAG L . 30.02 41.29 9.84
C4 NAG L . 31.52 41.47 9.91
C5 NAG L . 32.19 40.71 8.76
C6 NAG L . 33.70 40.78 8.80
C7 NAG L . 27.36 39.57 10.63
C8 NAG L . 25.92 39.39 10.25
N2 NAG L . 28.22 39.63 9.61
O3 NAG L . 29.41 41.87 11.00
O4 NAG L . 31.85 42.85 9.83
O5 NAG L . 31.83 39.33 8.83
O6 NAG L . 34.24 40.95 7.50
O7 NAG L . 27.72 39.68 11.80
C1 NAG M . 2.10 -48.58 10.39
C2 NAG M . 0.71 -48.87 9.85
C3 NAG M . -0.09 -49.70 10.85
C4 NAG M . 0.68 -50.97 11.20
C5 NAG M . 2.08 -50.64 11.68
C6 NAG M . 2.94 -51.87 11.89
C7 NAG M . -0.30 -47.26 8.28
C8 NAG M . 0.15 -48.20 7.19
N2 NAG M . 0.00 -47.64 9.53
O3 NAG M . -1.36 -50.03 10.29
O4 NAG M . -0.02 -51.70 12.21
O5 NAG M . 2.75 -49.82 10.71
O6 NAG M . 2.77 -52.79 10.82
O7 NAG M . -0.89 -46.22 8.03
C1 NAG N . -14.01 -49.14 -14.36
C2 NAG N . -13.25 -50.10 -13.42
C3 NAG N . -13.99 -51.44 -13.23
C4 NAG N . -15.50 -51.29 -13.14
C5 NAG N . -16.00 -50.34 -14.21
C6 NAG N . -17.49 -50.09 -14.17
C7 NAG N . -10.78 -49.87 -13.47
C8 NAG N . -10.90 -49.02 -12.24
N2 NAG N . -11.92 -50.35 -13.98
O3 NAG N . -13.52 -52.04 -12.03
O4 NAG N . -16.11 -52.55 -13.36
O5 NAG N . -15.36 -49.08 -14.00
O6 NAG N . -17.95 -49.80 -12.85
O7 NAG N . -9.69 -50.11 -13.99
C1 NAG O . -0.93 58.71 -31.62
C2 NAG O . -2.28 59.45 -31.66
C3 NAG O . -2.09 60.92 -31.31
C4 NAG O . -1.41 61.05 -29.96
C5 NAG O . -0.07 60.32 -30.01
C6 NAG O . 0.68 60.35 -28.69
C7 NAG O . -2.51 59.04 -34.14
C8 NAG O . -3.52 58.93 -35.25
N2 NAG O . -3.01 59.29 -32.92
O3 NAG O . -3.36 61.56 -31.25
O4 NAG O . -1.21 62.41 -29.61
O5 NAG O . -0.29 58.93 -30.34
O6 NAG O . 2.01 60.78 -28.87
O7 NAG O . -1.30 58.88 -34.35
C1 NAG P . 4.54 45.42 -5.79
C2 NAG P . 4.00 46.66 -6.53
C3 NAG P . 5.11 47.42 -7.28
C4 NAG P . 6.32 47.63 -6.38
C5 NAG P . 6.76 46.29 -5.82
C6 NAG P . 8.00 46.38 -4.97
C7 NAG P . 1.67 46.59 -7.33
C8 NAG P . 0.76 46.07 -8.40
N2 NAG P . 2.96 46.27 -7.46
O3 NAG P . 4.61 48.67 -7.72
O4 NAG P . 7.39 48.21 -7.13
O5 NAG P . 5.70 45.78 -5.01
O6 NAG P . 9.18 46.34 -5.78
O7 NAG P . 1.26 47.26 -6.39
#